data_2MCK
#
_entry.id   2MCK
#
_entity_poly.entity_id   1
_entity_poly.type   'polypeptide(L)'
_entity_poly.pdbx_seq_one_letter_code
;MRGSHHHHHHGSGALAALHADGPHAGLPVTRSDARVLIFNDWEERKRSEPWLRLDMSDKAIFRRYPHLR
;
_entity_poly.pdbx_strand_id   A
#
# COMPACT_ATOMS: atom_id res chain seq x y z
N MET A 1 7.76 -8.03 -20.18
CA MET A 1 8.54 -6.84 -19.73
C MET A 1 8.28 -5.63 -20.65
N ARG A 2 7.27 -4.80 -20.32
CA ARG A 2 6.92 -3.55 -21.04
C ARG A 2 6.49 -2.43 -20.07
N GLY A 3 6.84 -1.19 -20.40
CA GLY A 3 6.41 0.03 -19.70
C GLY A 3 7.01 0.27 -18.31
N SER A 4 6.78 1.48 -17.78
CA SER A 4 7.16 1.92 -16.42
C SER A 4 6.29 3.10 -15.95
N HIS A 5 6.18 3.28 -14.63
CA HIS A 5 5.45 4.39 -13.98
C HIS A 5 6.04 4.76 -12.60
N HIS A 6 5.94 6.04 -12.23
CA HIS A 6 6.41 6.59 -10.95
C HIS A 6 5.46 7.65 -10.40
N HIS A 7 5.01 7.49 -9.16
CA HIS A 7 4.09 8.42 -8.46
C HIS A 7 4.33 8.45 -6.93
N HIS A 8 5.52 8.91 -6.53
CA HIS A 8 5.87 9.23 -5.14
C HIS A 8 5.24 10.58 -4.70
N HIS A 9 3.90 10.63 -4.75
CA HIS A 9 3.08 11.85 -4.64
C HIS A 9 2.17 11.89 -3.41
N HIS A 10 2.21 10.85 -2.56
CA HIS A 10 1.34 10.67 -1.39
C HIS A 10 2.10 10.05 -0.20
N GLY A 11 1.59 10.23 1.01
CA GLY A 11 2.14 9.71 2.26
C GLY A 11 1.24 10.00 3.47
N SER A 12 1.01 8.98 4.32
CA SER A 12 0.19 9.09 5.53
C SER A 12 0.65 8.12 6.62
N GLY A 13 1.38 8.61 7.62
CA GLY A 13 1.85 7.83 8.77
C GLY A 13 0.73 7.60 9.80
N ALA A 14 0.14 6.40 9.79
CA ALA A 14 -1.00 6.00 10.61
C ALA A 14 -1.01 4.48 10.89
N LEU A 15 -2.01 3.99 11.62
CA LEU A 15 -2.33 2.56 11.74
C LEU A 15 -3.32 2.14 10.63
N ALA A 16 -3.13 0.93 10.08
CA ALA A 16 -4.06 0.31 9.12
C ALA A 16 -4.90 -0.77 9.82
N ALA A 17 -6.23 -0.77 9.60
CA ALA A 17 -7.11 -1.84 10.02
C ALA A 17 -7.05 -3.02 9.02
N LEU A 18 -7.02 -4.24 9.54
CA LEU A 18 -6.95 -5.49 8.76
C LEU A 18 -8.17 -6.38 9.05
N HIS A 19 -8.56 -7.23 8.09
CA HIS A 19 -9.53 -8.32 8.34
C HIS A 19 -8.89 -9.40 9.22
N ALA A 20 -9.62 -9.92 10.20
CA ALA A 20 -9.08 -10.88 11.18
C ALA A 20 -9.29 -12.36 10.80
N ASP A 21 -10.29 -12.65 9.95
CA ASP A 21 -10.77 -14.03 9.68
C ASP A 21 -11.36 -14.18 8.27
N GLY A 22 -11.62 -15.42 7.84
CA GLY A 22 -12.31 -15.75 6.60
C GLY A 22 -11.46 -15.52 5.33
N PRO A 23 -12.05 -15.04 4.20
CA PRO A 23 -11.37 -14.95 2.90
C PRO A 23 -10.14 -14.02 2.90
N HIS A 24 -10.17 -12.97 3.73
CA HIS A 24 -9.26 -11.82 3.65
C HIS A 24 -8.36 -11.66 4.87
N ALA A 25 -8.22 -12.69 5.72
CA ALA A 25 -7.43 -12.61 6.95
C ALA A 25 -6.00 -12.06 6.71
N GLY A 26 -5.65 -10.95 7.38
CA GLY A 26 -4.39 -10.23 7.23
C GLY A 26 -4.34 -9.17 6.12
N LEU A 27 -5.37 -9.06 5.26
CA LEU A 27 -5.48 -8.00 4.25
C LEU A 27 -6.04 -6.69 4.86
N PRO A 28 -5.68 -5.49 4.33
CA PRO A 28 -6.28 -4.21 4.72
C PRO A 28 -7.78 -4.14 4.42
N VAL A 29 -8.55 -3.41 5.22
CA VAL A 29 -10.01 -3.33 5.06
C VAL A 29 -10.45 -2.29 4.01
N THR A 30 -9.95 -1.05 4.07
CA THR A 30 -10.28 0.03 3.12
C THR A 30 -9.12 0.37 2.17
N ARG A 31 -9.39 1.17 1.13
CA ARG A 31 -8.34 1.76 0.27
C ARG A 31 -7.31 2.54 1.08
N SER A 32 -7.75 3.28 2.10
CA SER A 32 -6.85 4.04 2.97
C SER A 32 -6.05 3.15 3.92
N ASP A 33 -6.63 2.04 4.42
CA ASP A 33 -5.83 1.02 5.13
C ASP A 33 -4.75 0.44 4.23
N ALA A 34 -5.06 0.12 2.97
CA ALA A 34 -4.12 -0.37 1.97
C ALA A 34 -3.00 0.65 1.66
N ARG A 35 -3.34 1.94 1.49
CA ARG A 35 -2.37 3.03 1.37
C ARG A 35 -1.45 3.12 2.59
N VAL A 36 -2.00 3.02 3.80
CA VAL A 36 -1.24 3.14 5.06
C VAL A 36 -0.34 1.93 5.25
N LEU A 37 -0.79 0.73 4.86
CA LEU A 37 0.03 -0.47 4.83
C LEU A 37 1.23 -0.33 3.88
N ILE A 38 0.99 0.08 2.63
CA ILE A 38 2.06 0.35 1.65
C ILE A 38 3.04 1.39 2.20
N PHE A 39 2.54 2.48 2.79
CA PHE A 39 3.37 3.56 3.32
C PHE A 39 4.24 3.11 4.51
N ASN A 40 3.66 2.49 5.55
CA ASN A 40 4.41 1.99 6.70
C ASN A 40 5.44 0.89 6.32
N ASP A 41 5.05 -0.04 5.44
CA ASP A 41 5.96 -1.07 4.91
C ASP A 41 7.12 -0.44 4.12
N TRP A 42 6.82 0.56 3.26
CA TRP A 42 7.83 1.34 2.59
C TRP A 42 8.71 2.12 3.56
N GLU A 43 8.20 2.77 4.62
CA GLU A 43 9.02 3.47 5.60
C GLU A 43 10.02 2.52 6.27
N GLU A 44 9.60 1.33 6.71
CA GLU A 44 10.48 0.32 7.28
C GLU A 44 11.55 -0.15 6.25
N ARG A 45 11.12 -0.55 5.05
CA ARG A 45 12.03 -0.99 3.98
C ARG A 45 12.95 0.14 3.50
N LYS A 46 12.53 1.41 3.53
CA LYS A 46 13.33 2.61 3.18
C LYS A 46 14.36 2.95 4.26
N ARG A 47 14.05 2.71 5.54
CA ARG A 47 15.03 2.77 6.65
C ARG A 47 16.08 1.65 6.52
N SER A 48 15.71 0.46 6.02
CA SER A 48 16.67 -0.60 5.67
C SER A 48 17.45 -0.36 4.36
N GLU A 49 16.81 0.21 3.33
CA GLU A 49 17.30 0.33 1.95
C GLU A 49 16.94 1.71 1.37
N PRO A 50 17.86 2.70 1.35
CA PRO A 50 17.51 4.12 1.17
C PRO A 50 16.98 4.50 -0.22
N TRP A 51 17.13 3.63 -1.22
CA TRP A 51 16.67 3.84 -2.60
C TRP A 51 15.16 3.60 -2.83
N LEU A 52 14.45 3.02 -1.86
CA LEU A 52 13.09 2.47 -2.05
C LEU A 52 12.11 3.46 -2.72
N ARG A 53 11.48 3.08 -3.83
CA ARG A 53 10.46 3.90 -4.53
C ARG A 53 9.03 3.56 -4.08
N LEU A 54 8.20 4.59 -3.93
CA LEU A 54 6.85 4.51 -3.38
C LEU A 54 5.81 4.83 -4.48
N ASP A 55 4.84 3.94 -4.67
CA ASP A 55 3.80 4.04 -5.71
C ASP A 55 2.46 3.54 -5.16
N MET A 56 1.53 4.45 -4.81
CA MET A 56 0.26 4.12 -4.14
C MET A 56 -0.92 5.05 -4.49
N SER A 57 -1.11 5.31 -5.79
CA SER A 57 -2.36 5.87 -6.32
C SER A 57 -3.57 4.96 -6.05
N ASP A 58 -4.79 5.48 -6.22
CA ASP A 58 -6.02 4.70 -6.14
C ASP A 58 -5.97 3.50 -7.11
N LYS A 59 -5.50 3.73 -8.35
CA LYS A 59 -5.28 2.68 -9.37
C LYS A 59 -4.29 1.62 -8.85
N ALA A 60 -3.15 2.01 -8.32
CA ALA A 60 -2.13 1.08 -7.83
C ALA A 60 -2.63 0.23 -6.64
N ILE A 61 -3.43 0.81 -5.74
CA ILE A 61 -4.07 0.07 -4.63
C ILE A 61 -5.09 -0.94 -5.18
N PHE A 62 -5.98 -0.57 -6.11
CA PHE A 62 -6.93 -1.52 -6.69
C PHE A 62 -6.27 -2.58 -7.61
N ARG A 63 -5.11 -2.29 -8.21
CA ARG A 63 -4.33 -3.26 -9.02
C ARG A 63 -3.51 -4.24 -8.16
N ARG A 64 -2.85 -3.76 -7.10
CA ARG A 64 -2.08 -4.60 -6.15
C ARG A 64 -3.01 -5.44 -5.26
N TYR A 65 -4.11 -4.83 -4.81
CA TYR A 65 -5.10 -5.40 -3.90
C TYR A 65 -6.53 -5.26 -4.51
N PRO A 66 -6.99 -6.22 -5.33
CA PRO A 66 -8.30 -6.12 -5.99
C PRO A 66 -9.50 -6.27 -5.03
N HIS A 67 -9.27 -6.74 -3.79
CA HIS A 67 -10.33 -6.96 -2.79
C HIS A 67 -10.90 -5.66 -2.17
N LEU A 68 -10.25 -4.50 -2.35
CA LEU A 68 -10.73 -3.21 -1.82
C LEU A 68 -12.00 -2.70 -2.53
N ARG A 69 -12.27 -3.16 -3.77
CA ARG A 69 -13.38 -2.76 -4.62
C ARG A 69 -14.46 -3.86 -4.71
N MET A 1 -2.99 -9.26 -20.47
CA MET A 1 -2.69 -7.81 -20.29
C MET A 1 -2.90 -7.39 -18.82
N ARG A 2 -1.98 -6.61 -18.25
CA ARG A 2 -2.03 -6.13 -16.85
C ARG A 2 -1.36 -4.75 -16.66
N GLY A 3 -1.79 -4.02 -15.62
CA GLY A 3 -1.29 -2.68 -15.27
C GLY A 3 -1.75 -1.55 -16.20
N SER A 4 -1.57 -0.30 -15.74
CA SER A 4 -1.82 0.92 -16.53
C SER A 4 -1.00 2.12 -16.04
N HIS A 5 -1.30 2.64 -14.85
CA HIS A 5 -0.70 3.86 -14.28
C HIS A 5 -0.46 3.76 -12.75
N HIS A 6 0.42 4.63 -12.25
CA HIS A 6 0.87 4.69 -10.85
C HIS A 6 1.29 6.12 -10.44
N HIS A 7 1.09 6.49 -9.17
CA HIS A 7 1.51 7.78 -8.60
C HIS A 7 1.79 7.67 -7.08
N HIS A 8 2.55 8.63 -6.52
CA HIS A 8 2.92 8.68 -5.11
C HIS A 8 1.71 8.80 -4.16
N HIS A 9 0.73 9.65 -4.51
CA HIS A 9 -0.55 9.87 -3.82
C HIS A 9 -0.51 10.37 -2.36
N HIS A 10 0.69 10.66 -1.82
CA HIS A 10 0.99 11.13 -0.45
C HIS A 10 0.57 10.18 0.69
N GLY A 11 1.18 10.34 1.86
CA GLY A 11 0.94 9.53 3.07
C GLY A 11 1.59 10.08 4.34
N SER A 12 1.23 9.48 5.48
CA SER A 12 1.77 9.79 6.81
C SER A 12 1.74 8.54 7.71
N GLY A 13 2.61 8.50 8.73
CA GLY A 13 2.69 7.38 9.69
C GLY A 13 1.42 7.25 10.53
N ALA A 14 0.65 6.19 10.31
CA ALA A 14 -0.65 5.94 10.93
C ALA A 14 -0.95 4.43 11.06
N LEU A 15 -1.98 4.07 11.83
CA LEU A 15 -2.47 2.69 11.92
C LEU A 15 -3.35 2.33 10.71
N ALA A 16 -3.33 1.05 10.31
CA ALA A 16 -4.21 0.47 9.30
C ALA A 16 -4.96 -0.75 9.87
N ALA A 17 -6.26 -0.86 9.61
CA ALA A 17 -7.08 -1.99 10.03
C ALA A 17 -6.96 -3.17 9.05
N LEU A 18 -6.98 -4.39 9.57
CA LEU A 18 -6.94 -5.64 8.81
C LEU A 18 -8.19 -6.50 9.10
N HIS A 19 -8.59 -7.35 8.14
CA HIS A 19 -9.54 -8.43 8.41
C HIS A 19 -8.87 -9.52 9.27
N ALA A 20 -9.54 -9.98 10.33
CA ALA A 20 -8.96 -10.94 11.28
C ALA A 20 -9.19 -12.42 10.89
N ASP A 21 -10.23 -12.70 10.11
CA ASP A 21 -10.73 -14.06 9.83
C ASP A 21 -11.41 -14.17 8.44
N GLY A 22 -11.70 -15.41 8.01
CA GLY A 22 -12.47 -15.69 6.79
C GLY A 22 -11.68 -15.49 5.48
N PRO A 23 -12.30 -14.99 4.39
CA PRO A 23 -11.69 -14.94 3.05
C PRO A 23 -10.44 -14.05 2.97
N HIS A 24 -10.41 -12.98 3.78
CA HIS A 24 -9.45 -11.87 3.67
C HIS A 24 -8.51 -11.75 4.87
N ALA A 25 -8.37 -12.79 5.70
CA ALA A 25 -7.54 -12.75 6.91
C ALA A 25 -6.12 -12.23 6.64
N GLY A 26 -5.73 -11.14 7.31
CA GLY A 26 -4.44 -10.44 7.16
C GLY A 26 -4.40 -9.37 6.05
N LEU A 27 -5.45 -9.21 5.23
CA LEU A 27 -5.56 -8.13 4.25
C LEU A 27 -6.08 -6.82 4.88
N PRO A 28 -5.72 -5.63 4.36
CA PRO A 28 -6.31 -4.36 4.77
C PRO A 28 -7.83 -4.31 4.49
N VAL A 29 -8.59 -3.58 5.31
CA VAL A 29 -10.06 -3.50 5.15
C VAL A 29 -10.47 -2.47 4.10
N THR A 30 -9.88 -1.27 4.11
CA THR A 30 -10.23 -0.16 3.19
C THR A 30 -9.10 0.22 2.23
N ARG A 31 -9.43 1.06 1.22
CA ARG A 31 -8.44 1.68 0.30
C ARG A 31 -7.41 2.54 1.04
N SER A 32 -7.84 3.25 2.08
CA SER A 32 -6.94 4.02 2.97
C SER A 32 -6.08 3.12 3.86
N ASP A 33 -6.61 1.99 4.38
CA ASP A 33 -5.78 0.98 5.07
C ASP A 33 -4.68 0.45 4.15
N ALA A 34 -5.02 0.08 2.91
CA ALA A 34 -4.06 -0.38 1.90
C ALA A 34 -2.98 0.66 1.59
N ARG A 35 -3.36 1.94 1.41
CA ARG A 35 -2.41 3.04 1.21
C ARG A 35 -1.50 3.27 2.44
N VAL A 36 -2.03 3.18 3.66
CA VAL A 36 -1.24 3.33 4.90
C VAL A 36 -0.31 2.13 5.10
N LEU A 37 -0.74 0.92 4.72
CA LEU A 37 0.14 -0.26 4.72
C LEU A 37 1.32 -0.08 3.75
N ILE A 38 1.09 0.34 2.49
CA ILE A 38 2.20 0.60 1.57
C ILE A 38 3.13 1.68 2.14
N PHE A 39 2.59 2.76 2.71
CA PHE A 39 3.42 3.83 3.27
C PHE A 39 4.30 3.36 4.45
N ASN A 40 3.70 2.70 5.45
CA ASN A 40 4.44 2.15 6.61
C ASN A 40 5.49 1.10 6.18
N ASP A 41 5.12 0.18 5.28
CA ASP A 41 6.02 -0.84 4.75
C ASP A 41 7.20 -0.22 3.98
N TRP A 42 6.91 0.75 3.10
CA TRP A 42 7.94 1.53 2.41
C TRP A 42 8.83 2.31 3.38
N GLU A 43 8.31 2.92 4.43
CA GLU A 43 9.10 3.64 5.43
C GLU A 43 10.08 2.71 6.18
N GLU A 44 9.65 1.51 6.57
CA GLU A 44 10.51 0.51 7.19
C GLU A 44 11.55 -0.06 6.20
N ARG A 45 11.10 -0.43 4.98
CA ARG A 45 11.98 -0.90 3.90
C ARG A 45 13.00 0.17 3.50
N LYS A 46 12.63 1.47 3.51
CA LYS A 46 13.53 2.61 3.27
C LYS A 46 14.56 2.78 4.40
N ARG A 47 14.16 2.60 5.66
CA ARG A 47 15.11 2.57 6.80
C ARG A 47 16.13 1.42 6.69
N SER A 48 15.74 0.28 6.12
CA SER A 48 16.69 -0.79 5.78
C SER A 48 17.53 -0.52 4.51
N GLU A 49 16.91 0.02 3.46
CA GLU A 49 17.43 0.13 2.08
C GLU A 49 17.00 1.49 1.46
N PRO A 50 17.89 2.51 1.43
CA PRO A 50 17.49 3.92 1.25
C PRO A 50 17.02 4.32 -0.16
N TRP A 51 17.16 3.43 -1.15
CA TRP A 51 16.82 3.65 -2.57
C TRP A 51 15.32 3.46 -2.89
N LEU A 52 14.47 3.17 -1.91
CA LEU A 52 13.11 2.67 -2.11
C LEU A 52 12.18 3.71 -2.79
N ARG A 53 11.57 3.36 -3.94
CA ARG A 53 10.53 4.15 -4.63
C ARG A 53 9.12 3.85 -4.11
N LEU A 54 8.25 4.86 -4.08
CA LEU A 54 6.89 4.80 -3.52
C LEU A 54 5.83 5.13 -4.58
N ASP A 55 4.87 4.22 -4.79
CA ASP A 55 3.64 4.46 -5.55
C ASP A 55 2.45 3.77 -4.89
N MET A 56 1.36 4.51 -4.66
CA MET A 56 0.17 4.05 -3.93
C MET A 56 -1.09 4.87 -4.23
N SER A 57 -1.29 5.24 -5.50
CA SER A 57 -2.55 5.80 -6.02
C SER A 57 -3.70 4.82 -5.92
N ASP A 58 -4.95 5.29 -6.05
CA ASP A 58 -6.12 4.39 -6.06
C ASP A 58 -6.01 3.32 -7.16
N LYS A 59 -5.39 3.64 -8.31
CA LYS A 59 -5.03 2.67 -9.36
C LYS A 59 -4.06 1.63 -8.80
N ALA A 60 -2.95 2.04 -8.16
CA ALA A 60 -1.98 1.11 -7.57
C ALA A 60 -2.61 0.23 -6.46
N ILE A 61 -3.49 0.77 -5.61
CA ILE A 61 -4.23 0.00 -4.59
C ILE A 61 -5.14 -1.03 -5.26
N PHE A 62 -5.99 -0.65 -6.23
CA PHE A 62 -6.90 -1.60 -6.89
C PHE A 62 -6.18 -2.61 -7.82
N ARG A 63 -5.01 -2.27 -8.37
CA ARG A 63 -4.15 -3.19 -9.16
C ARG A 63 -3.47 -4.24 -8.27
N ARG A 64 -2.89 -3.83 -7.12
CA ARG A 64 -2.13 -4.72 -6.22
C ARG A 64 -3.04 -5.48 -5.23
N TYR A 65 -4.15 -4.87 -4.84
CA TYR A 65 -5.16 -5.41 -3.92
C TYR A 65 -6.57 -5.24 -4.53
N PRO A 66 -7.05 -6.17 -5.39
CA PRO A 66 -8.34 -6.06 -6.06
C PRO A 66 -9.55 -6.20 -5.11
N HIS A 67 -9.35 -6.70 -3.88
CA HIS A 67 -10.42 -6.93 -2.90
C HIS A 67 -11.02 -5.65 -2.28
N LEU A 68 -10.36 -4.49 -2.43
CA LEU A 68 -10.85 -3.21 -1.88
C LEU A 68 -12.08 -2.64 -2.63
N ARG A 69 -12.29 -3.03 -3.90
CA ARG A 69 -13.38 -2.57 -4.76
C ARG A 69 -14.64 -3.42 -4.61
N MET A 1 0.94 1.62 -21.93
CA MET A 1 1.03 2.66 -20.85
C MET A 1 1.92 2.18 -19.69
N ARG A 2 2.54 3.12 -18.94
CA ARG A 2 3.43 2.82 -17.79
C ARG A 2 2.77 2.96 -16.40
N GLY A 3 1.66 3.69 -16.30
CA GLY A 3 1.03 4.06 -15.02
C GLY A 3 1.77 5.19 -14.27
N SER A 4 1.17 5.69 -13.19
CA SER A 4 1.67 6.85 -12.43
C SER A 4 1.20 6.88 -10.96
N HIS A 5 1.92 7.62 -10.13
CA HIS A 5 1.53 8.00 -8.76
C HIS A 5 1.99 9.44 -8.45
N HIS A 6 1.02 10.33 -8.23
CA HIS A 6 1.23 11.74 -7.91
C HIS A 6 0.06 12.36 -7.11
N HIS A 7 -0.94 11.55 -6.77
CA HIS A 7 -2.33 12.00 -6.59
C HIS A 7 -2.57 12.70 -5.24
N HIS A 8 -2.23 12.03 -4.13
CA HIS A 8 -2.29 12.57 -2.77
C HIS A 8 -1.51 11.70 -1.77
N HIS A 9 -1.17 12.28 -0.61
CA HIS A 9 -0.86 11.54 0.62
C HIS A 9 -1.17 12.41 1.85
N HIS A 10 -2.08 11.94 2.71
CA HIS A 10 -2.44 12.58 3.98
C HIS A 10 -2.91 11.54 5.03
N GLY A 11 -2.83 11.88 6.31
CA GLY A 11 -3.28 11.03 7.43
C GLY A 11 -2.75 11.48 8.79
N SER A 12 -2.95 10.66 9.81
CA SER A 12 -2.39 10.82 11.17
C SER A 12 -1.96 9.45 11.73
N GLY A 13 -0.75 9.38 12.30
CA GLY A 13 -0.11 8.13 12.71
C GLY A 13 0.20 7.19 11.53
N ALA A 14 0.41 5.90 11.84
CA ALA A 14 0.72 4.84 10.87
C ALA A 14 -0.24 3.62 10.99
N LEU A 15 -1.43 3.81 11.56
CA LEU A 15 -2.41 2.75 11.84
C LEU A 15 -3.19 2.36 10.57
N ALA A 16 -3.33 1.05 10.35
CA ALA A 16 -4.16 0.45 9.30
C ALA A 16 -4.92 -0.77 9.86
N ALA A 17 -6.23 -0.86 9.60
CA ALA A 17 -7.07 -1.98 10.03
C ALA A 17 -7.00 -3.15 9.02
N LEU A 18 -7.05 -4.38 9.54
CA LEU A 18 -7.04 -5.62 8.75
C LEU A 18 -8.30 -6.47 9.04
N HIS A 19 -8.70 -7.31 8.09
CA HIS A 19 -9.66 -8.40 8.36
C HIS A 19 -8.99 -9.48 9.22
N ALA A 20 -9.69 -9.99 10.23
CA ALA A 20 -9.14 -10.96 11.19
C ALA A 20 -9.36 -12.45 10.80
N ASP A 21 -10.37 -12.73 9.96
CA ASP A 21 -10.87 -14.08 9.68
C ASP A 21 -11.46 -14.22 8.27
N GLY A 22 -11.78 -15.47 7.87
CA GLY A 22 -12.49 -15.78 6.62
C GLY A 22 -11.64 -15.58 5.35
N PRO A 23 -12.21 -15.09 4.23
CA PRO A 23 -11.53 -15.02 2.93
C PRO A 23 -10.30 -14.09 2.92
N HIS A 24 -10.33 -13.05 3.74
CA HIS A 24 -9.42 -11.89 3.66
C HIS A 24 -8.51 -11.74 4.89
N ALA A 25 -8.36 -12.76 5.72
CA ALA A 25 -7.55 -12.70 6.94
C ALA A 25 -6.12 -12.15 6.68
N GLY A 26 -5.77 -11.05 7.36
CA GLY A 26 -4.50 -10.33 7.20
C GLY A 26 -4.45 -9.28 6.07
N LEU A 27 -5.51 -9.14 5.25
CA LEU A 27 -5.62 -8.07 4.24
C LEU A 27 -6.17 -6.76 4.85
N PRO A 28 -5.81 -5.58 4.30
CA PRO A 28 -6.40 -4.29 4.72
C PRO A 28 -7.90 -4.21 4.45
N VAL A 29 -8.65 -3.48 5.27
CA VAL A 29 -10.11 -3.37 5.11
C VAL A 29 -10.50 -2.29 4.07
N THR A 30 -9.94 -1.08 4.15
CA THR A 30 -10.26 0.04 3.27
C THR A 30 -9.11 0.42 2.31
N ARG A 31 -9.39 1.28 1.31
CA ARG A 31 -8.34 1.89 0.46
C ARG A 31 -7.33 2.68 1.29
N SER A 32 -7.77 3.37 2.34
CA SER A 32 -6.88 4.08 3.28
C SER A 32 -6.01 3.11 4.09
N ASP A 33 -6.55 1.97 4.54
CA ASP A 33 -5.72 0.94 5.18
C ASP A 33 -4.66 0.41 4.21
N ALA A 34 -5.03 0.08 2.97
CA ALA A 34 -4.10 -0.35 1.93
C ALA A 34 -3.02 0.70 1.63
N ARG A 35 -3.39 1.98 1.53
CA ARG A 35 -2.46 3.11 1.36
C ARG A 35 -1.48 3.26 2.53
N VAL A 36 -1.96 3.15 3.77
CA VAL A 36 -1.11 3.30 4.97
C VAL A 36 -0.21 2.08 5.15
N LEU A 37 -0.68 0.88 4.79
CA LEU A 37 0.18 -0.31 4.72
C LEU A 37 1.31 -0.12 3.71
N ILE A 38 1.01 0.28 2.46
CA ILE A 38 2.04 0.55 1.44
C ILE A 38 3.04 1.59 1.96
N PHE A 39 2.54 2.69 2.54
CA PHE A 39 3.40 3.75 3.06
C PHE A 39 4.32 3.29 4.19
N ASN A 40 3.78 2.74 5.28
CA ASN A 40 4.60 2.37 6.44
C ASN A 40 5.50 1.14 6.19
N ASP A 41 5.07 0.19 5.36
CA ASP A 41 5.96 -0.86 4.87
C ASP A 41 7.13 -0.25 4.08
N TRP A 42 6.86 0.63 3.12
CA TRP A 42 7.91 1.38 2.41
C TRP A 42 8.81 2.19 3.34
N GLU A 43 8.27 2.85 4.39
CA GLU A 43 9.08 3.54 5.38
C GLU A 43 10.07 2.60 6.09
N GLU A 44 9.64 1.42 6.53
CA GLU A 44 10.51 0.42 7.15
C GLU A 44 11.57 -0.11 6.16
N ARG A 45 11.13 -0.45 4.94
CA ARG A 45 12.01 -0.93 3.86
C ARG A 45 13.03 0.16 3.47
N LYS A 46 12.64 1.44 3.48
CA LYS A 46 13.51 2.60 3.22
C LYS A 46 14.54 2.84 4.33
N ARG A 47 14.14 2.66 5.59
CA ARG A 47 15.08 2.68 6.74
C ARG A 47 16.10 1.53 6.68
N SER A 48 15.72 0.38 6.10
CA SER A 48 16.66 -0.71 5.79
C SER A 48 17.52 -0.46 4.52
N GLU A 49 16.91 0.06 3.44
CA GLU A 49 17.48 0.20 2.09
C GLU A 49 17.05 1.55 1.46
N PRO A 50 17.92 2.58 1.43
CA PRO A 50 17.50 3.99 1.27
C PRO A 50 17.00 4.39 -0.13
N TRP A 51 17.14 3.53 -1.14
CA TRP A 51 16.79 3.78 -2.55
C TRP A 51 15.32 3.52 -2.91
N LEU A 52 14.47 3.17 -1.93
CA LEU A 52 13.13 2.63 -2.16
C LEU A 52 12.16 3.62 -2.85
N ARG A 53 11.54 3.22 -3.98
CA ARG A 53 10.47 3.99 -4.68
C ARG A 53 9.06 3.65 -4.14
N LEU A 54 8.14 4.61 -4.25
CA LEU A 54 6.79 4.54 -3.68
C LEU A 54 5.71 4.83 -4.74
N ASP A 55 4.70 3.96 -4.83
CA ASP A 55 3.50 4.15 -5.67
C ASP A 55 2.24 3.69 -4.90
N MET A 56 1.28 4.60 -4.64
CA MET A 56 0.06 4.28 -3.86
C MET A 56 -1.16 5.14 -4.25
N SER A 57 -1.36 5.34 -5.56
CA SER A 57 -2.60 5.87 -6.11
C SER A 57 -3.77 4.89 -5.89
N ASP A 58 -5.02 5.33 -6.01
CA ASP A 58 -6.17 4.44 -5.92
C ASP A 58 -6.12 3.32 -6.99
N LYS A 59 -5.56 3.63 -8.18
CA LYS A 59 -5.28 2.65 -9.25
C LYS A 59 -4.23 1.63 -8.80
N ALA A 60 -3.12 2.06 -8.20
CA ALA A 60 -2.08 1.16 -7.68
C ALA A 60 -2.62 0.28 -6.53
N ILE A 61 -3.46 0.83 -5.65
CA ILE A 61 -4.13 0.09 -4.56
C ILE A 61 -5.07 -0.98 -5.14
N PHE A 62 -5.91 -0.67 -6.13
CA PHE A 62 -6.76 -1.67 -6.79
C PHE A 62 -5.95 -2.73 -7.56
N ARG A 63 -4.85 -2.35 -8.22
CA ARG A 63 -4.00 -3.28 -9.00
C ARG A 63 -3.17 -4.23 -8.13
N ARG A 64 -2.68 -3.75 -6.97
CA ARG A 64 -1.94 -4.57 -5.99
C ARG A 64 -2.89 -5.41 -5.10
N TYR A 65 -4.05 -4.84 -4.76
CA TYR A 65 -5.06 -5.43 -3.87
C TYR A 65 -6.47 -5.30 -4.50
N PRO A 66 -6.92 -6.28 -5.32
CA PRO A 66 -8.23 -6.20 -5.99
C PRO A 66 -9.42 -6.33 -5.03
N HIS A 67 -9.22 -6.84 -3.81
CA HIS A 67 -10.29 -7.05 -2.81
C HIS A 67 -10.85 -5.74 -2.22
N LEU A 68 -10.21 -4.58 -2.44
CA LEU A 68 -10.75 -3.27 -2.05
C LEU A 68 -11.97 -2.85 -2.90
N ARG A 69 -12.26 -3.56 -4.00
CA ARG A 69 -13.45 -3.38 -4.86
C ARG A 69 -14.58 -4.37 -4.51
N MET A 1 4.83 -3.50 -23.26
CA MET A 1 3.65 -2.62 -22.95
C MET A 1 4.05 -1.47 -22.01
N ARG A 2 3.28 -0.38 -22.00
CA ARG A 2 3.46 0.82 -21.13
C ARG A 2 2.19 1.12 -20.31
N GLY A 3 2.35 1.85 -19.21
CA GLY A 3 1.25 2.32 -18.34
C GLY A 3 1.75 3.15 -17.15
N SER A 4 0.94 4.11 -16.69
CA SER A 4 1.26 5.02 -15.58
C SER A 4 0.01 5.59 -14.89
N HIS A 5 0.15 6.10 -13.66
CA HIS A 5 -0.89 6.72 -12.84
C HIS A 5 -0.48 8.12 -12.35
N HIS A 6 -1.43 8.87 -11.76
CA HIS A 6 -1.24 10.27 -11.37
C HIS A 6 -0.28 10.48 -10.18
N HIS A 7 -0.35 9.60 -9.18
CA HIS A 7 0.33 9.67 -7.87
C HIS A 7 0.07 10.97 -7.07
N HIS A 8 0.50 10.98 -5.80
CA HIS A 8 0.29 12.06 -4.83
C HIS A 8 1.38 12.12 -3.75
N HIS A 9 1.80 10.95 -3.24
CA HIS A 9 2.76 10.80 -2.14
C HIS A 9 2.44 11.68 -0.91
N HIS A 10 1.15 11.75 -0.53
CA HIS A 10 0.68 12.49 0.66
C HIS A 10 1.16 11.89 2.00
N GLY A 11 1.55 10.60 2.00
CA GLY A 11 1.96 9.87 3.20
C GLY A 11 0.81 9.59 4.18
N SER A 12 1.14 9.22 5.42
CA SER A 12 0.17 9.09 6.53
C SER A 12 0.85 9.08 7.91
N GLY A 13 1.65 8.03 8.19
CA GLY A 13 2.21 7.75 9.52
C GLY A 13 1.23 7.10 10.52
N ALA A 14 -0.02 6.86 10.13
CA ALA A 14 -1.05 6.21 10.97
C ALA A 14 -0.96 4.65 10.95
N LEU A 15 -1.87 4.00 11.67
CA LEU A 15 -2.06 2.53 11.64
C LEU A 15 -3.11 2.13 10.59
N ALA A 16 -2.92 0.98 9.94
CA ALA A 16 -3.91 0.36 9.04
C ALA A 16 -4.73 -0.70 9.79
N ALA A 17 -6.05 -0.73 9.57
CA ALA A 17 -6.91 -1.83 10.01
C ALA A 17 -6.87 -2.99 9.01
N LEU A 18 -6.80 -4.22 9.54
CA LEU A 18 -6.73 -5.47 8.75
C LEU A 18 -7.92 -6.38 9.08
N HIS A 19 -8.32 -7.24 8.14
CA HIS A 19 -9.24 -8.35 8.39
C HIS A 19 -8.56 -9.40 9.27
N ALA A 20 -9.24 -9.90 10.31
CA ALA A 20 -8.66 -10.85 11.28
C ALA A 20 -8.85 -12.34 10.90
N ASP A 21 -9.89 -12.65 10.11
CA ASP A 21 -10.35 -14.02 9.86
C ASP A 21 -11.01 -14.18 8.46
N GLY A 22 -11.28 -15.42 8.06
CA GLY A 22 -12.04 -15.75 6.83
C GLY A 22 -11.24 -15.54 5.53
N PRO A 23 -11.87 -15.06 4.44
CA PRO A 23 -11.25 -15.00 3.10
C PRO A 23 -10.02 -14.08 3.03
N HIS A 24 -10.01 -13.02 3.84
CA HIS A 24 -9.11 -11.87 3.71
C HIS A 24 -8.16 -11.68 4.89
N ALA A 25 -7.98 -12.70 5.74
CA ALA A 25 -7.15 -12.61 6.95
C ALA A 25 -5.74 -12.04 6.66
N GLY A 26 -5.39 -10.94 7.33
CA GLY A 26 -4.14 -10.20 7.15
C GLY A 26 -4.13 -9.12 6.03
N LEU A 27 -5.18 -9.02 5.21
CA LEU A 27 -5.34 -7.97 4.21
C LEU A 27 -5.88 -6.65 4.83
N PRO A 28 -5.55 -5.47 4.29
CA PRO A 28 -6.16 -4.19 4.69
C PRO A 28 -7.67 -4.16 4.42
N VAL A 29 -8.46 -3.47 5.26
CA VAL A 29 -9.93 -3.44 5.10
C VAL A 29 -10.39 -2.44 4.03
N THR A 30 -9.91 -1.19 4.06
CA THR A 30 -10.30 -0.12 3.13
C THR A 30 -9.18 0.31 2.16
N ARG A 31 -9.52 1.10 1.14
CA ARG A 31 -8.54 1.81 0.27
C ARG A 31 -7.54 2.64 1.09
N SER A 32 -8.02 3.29 2.14
CA SER A 32 -7.18 4.05 3.08
C SER A 32 -6.26 3.12 3.88
N ASP A 33 -6.75 1.99 4.38
CA ASP A 33 -5.89 0.99 5.05
C ASP A 33 -4.81 0.46 4.10
N ALA A 34 -5.14 0.20 2.83
CA ALA A 34 -4.19 -0.24 1.81
C ALA A 34 -3.10 0.81 1.53
N ARG A 35 -3.48 2.09 1.37
CA ARG A 35 -2.54 3.24 1.31
C ARG A 35 -1.62 3.29 2.53
N VAL A 36 -2.15 3.10 3.74
CA VAL A 36 -1.39 3.22 4.99
C VAL A 36 -0.44 2.03 5.15
N LEU A 37 -0.88 0.82 4.79
CA LEU A 37 -0.02 -0.36 4.74
C LEU A 37 1.16 -0.18 3.78
N ILE A 38 0.89 0.22 2.53
CA ILE A 38 1.93 0.49 1.53
C ILE A 38 2.93 1.53 2.06
N PHE A 39 2.42 2.63 2.64
CA PHE A 39 3.27 3.69 3.18
C PHE A 39 4.15 3.22 4.34
N ASN A 40 3.59 2.62 5.39
CA ASN A 40 4.38 2.24 6.57
C ASN A 40 5.32 1.04 6.31
N ASP A 41 4.91 0.10 5.46
CA ASP A 41 5.81 -0.93 4.94
C ASP A 41 6.97 -0.32 4.16
N TRP A 42 6.72 0.69 3.31
CA TRP A 42 7.79 1.46 2.66
C TRP A 42 8.65 2.22 3.67
N GLU A 43 8.12 2.83 4.73
CA GLU A 43 8.94 3.49 5.76
C GLU A 43 9.92 2.50 6.42
N GLU A 44 9.47 1.29 6.77
CA GLU A 44 10.32 0.23 7.32
C GLU A 44 11.36 -0.26 6.28
N ARG A 45 10.91 -0.59 5.07
CA ARG A 45 11.78 -1.03 3.96
C ARG A 45 12.81 0.04 3.56
N LYS A 46 12.45 1.33 3.60
CA LYS A 46 13.34 2.48 3.37
C LYS A 46 14.38 2.64 4.48
N ARG A 47 13.98 2.48 5.75
CA ARG A 47 14.93 2.46 6.88
C ARG A 47 15.92 1.29 6.81
N SER A 48 15.54 0.16 6.22
CA SER A 48 16.49 -0.92 5.87
C SER A 48 17.34 -0.64 4.61
N GLU A 49 16.73 -0.12 3.55
CA GLU A 49 17.29 0.03 2.19
C GLU A 49 16.91 1.40 1.59
N PRO A 50 17.82 2.40 1.55
CA PRO A 50 17.46 3.82 1.39
C PRO A 50 16.98 4.23 -0.02
N TRP A 51 17.14 3.36 -1.02
CA TRP A 51 16.75 3.59 -2.42
C TRP A 51 15.25 3.40 -2.72
N LEU A 52 14.44 2.99 -1.73
CA LEU A 52 13.08 2.49 -1.94
C LEU A 52 12.15 3.52 -2.60
N ARG A 53 11.62 3.23 -3.79
CA ARG A 53 10.63 4.07 -4.50
C ARG A 53 9.19 3.71 -4.06
N LEU A 54 8.44 4.71 -3.62
CA LEU A 54 7.02 4.63 -3.25
C LEU A 54 6.10 5.03 -4.43
N ASP A 55 5.18 4.16 -4.82
CA ASP A 55 4.01 4.46 -5.66
C ASP A 55 2.73 3.93 -4.98
N MET A 56 1.69 4.77 -4.83
CA MET A 56 0.43 4.37 -4.17
C MET A 56 -0.79 5.16 -4.66
N SER A 57 -0.88 5.33 -5.98
CA SER A 57 -2.08 5.83 -6.66
C SER A 57 -3.29 4.93 -6.38
N ASP A 58 -4.51 5.48 -6.36
CA ASP A 58 -5.73 4.71 -6.08
C ASP A 58 -5.95 3.55 -7.08
N LYS A 59 -5.58 3.77 -8.35
CA LYS A 59 -5.56 2.72 -9.39
C LYS A 59 -4.56 1.61 -9.05
N ALA A 60 -3.37 1.93 -8.56
CA ALA A 60 -2.37 0.95 -8.11
C ALA A 60 -2.87 0.15 -6.89
N ILE A 61 -3.56 0.79 -5.94
CA ILE A 61 -4.20 0.13 -4.79
C ILE A 61 -5.24 -0.89 -5.30
N PHE A 62 -6.16 -0.51 -6.18
CA PHE A 62 -7.17 -1.44 -6.71
C PHE A 62 -6.60 -2.52 -7.67
N ARG A 63 -5.50 -2.24 -8.40
CA ARG A 63 -4.85 -3.22 -9.30
C ARG A 63 -4.00 -4.25 -8.54
N ARG A 64 -3.26 -3.83 -7.51
CA ARG A 64 -2.43 -4.72 -6.66
C ARG A 64 -3.29 -5.50 -5.65
N TYR A 65 -4.32 -4.85 -5.11
CA TYR A 65 -5.27 -5.41 -4.15
C TYR A 65 -6.73 -5.24 -4.65
N PRO A 66 -7.25 -6.18 -5.47
CA PRO A 66 -8.60 -6.08 -6.02
C PRO A 66 -9.71 -6.25 -4.95
N HIS A 67 -9.38 -6.81 -3.78
CA HIS A 67 -10.34 -7.05 -2.69
C HIS A 67 -10.87 -5.77 -2.02
N LEU A 68 -10.26 -4.60 -2.28
CA LEU A 68 -10.76 -3.30 -1.79
C LEU A 68 -12.07 -2.86 -2.48
N ARG A 69 -12.49 -3.54 -3.55
CA ARG A 69 -13.81 -3.38 -4.21
C ARG A 69 -14.71 -4.61 -4.01
N MET A 1 8.09 -1.08 -27.33
CA MET A 1 8.75 -0.83 -26.01
C MET A 1 7.92 0.17 -25.18
N ARG A 2 7.42 -0.25 -24.00
CA ARG A 2 6.62 0.56 -23.07
C ARG A 2 7.01 0.30 -21.60
N GLY A 3 6.75 1.27 -20.72
CA GLY A 3 6.97 1.16 -19.26
C GLY A 3 6.84 2.49 -18.51
N SER A 4 6.56 2.42 -17.20
CA SER A 4 6.50 3.58 -16.29
C SER A 4 6.79 3.16 -14.83
N HIS A 5 7.37 4.08 -14.05
CA HIS A 5 7.83 3.83 -12.67
C HIS A 5 7.41 4.94 -11.66
N HIS A 6 6.36 5.71 -11.96
CA HIS A 6 5.82 6.74 -11.07
C HIS A 6 4.30 6.94 -11.23
N HIS A 7 3.57 6.94 -10.11
CA HIS A 7 2.15 7.33 -10.02
C HIS A 7 1.80 7.95 -8.65
N HIS A 8 0.95 8.98 -8.65
CA HIS A 8 0.53 9.79 -7.49
C HIS A 8 1.72 10.32 -6.64
N HIS A 9 1.53 10.52 -5.33
CA HIS A 9 2.50 11.14 -4.41
C HIS A 9 2.53 10.42 -3.05
N HIS A 10 3.63 10.60 -2.30
CA HIS A 10 3.84 10.00 -0.98
C HIS A 10 2.98 10.65 0.13
N GLY A 11 3.08 10.11 1.36
CA GLY A 11 2.37 10.57 2.55
C GLY A 11 1.12 9.74 2.87
N SER A 12 1.05 9.27 4.11
CA SER A 12 -0.11 8.63 4.75
C SER A 12 0.01 8.75 6.29
N GLY A 13 -0.96 8.22 7.05
CA GLY A 13 -0.99 8.35 8.52
C GLY A 13 -1.98 7.43 9.23
N ALA A 14 -1.90 7.42 10.58
CA ALA A 14 -2.58 6.48 11.48
C ALA A 14 -2.21 4.99 11.23
N LEU A 15 -2.88 4.07 11.94
CA LEU A 15 -2.72 2.61 11.78
C LEU A 15 -3.68 2.06 10.72
N ALA A 16 -3.27 0.98 10.03
CA ALA A 16 -4.15 0.24 9.12
C ALA A 16 -4.97 -0.82 9.88
N ALA A 17 -6.28 -0.88 9.63
CA ALA A 17 -7.14 -1.98 10.07
C ALA A 17 -7.06 -3.16 9.08
N LEU A 18 -7.08 -4.39 9.61
CA LEU A 18 -7.06 -5.64 8.84
C LEU A 18 -8.29 -6.50 9.13
N HIS A 19 -8.69 -7.35 8.18
CA HIS A 19 -9.65 -8.43 8.43
C HIS A 19 -8.99 -9.54 9.28
N ALA A 20 -9.69 -10.05 10.29
CA ALA A 20 -9.14 -11.05 11.22
C ALA A 20 -9.38 -12.51 10.81
N ASP A 21 -10.39 -12.77 9.98
CA ASP A 21 -10.91 -14.11 9.68
C ASP A 21 -11.53 -14.24 8.27
N GLY A 22 -11.86 -15.47 7.86
CA GLY A 22 -12.60 -15.76 6.63
C GLY A 22 -11.77 -15.56 5.33
N PRO A 23 -12.38 -15.04 4.24
CA PRO A 23 -11.71 -14.96 2.93
C PRO A 23 -10.48 -14.05 2.91
N HIS A 24 -10.47 -13.02 3.75
CA HIS A 24 -9.54 -11.88 3.67
C HIS A 24 -8.61 -11.75 4.88
N ALA A 25 -8.46 -12.81 5.70
CA ALA A 25 -7.64 -12.76 6.92
C ALA A 25 -6.22 -12.23 6.65
N GLY A 26 -5.84 -11.14 7.35
CA GLY A 26 -4.57 -10.45 7.19
C GLY A 26 -4.52 -9.36 6.09
N LEU A 27 -5.57 -9.22 5.26
CA LEU A 27 -5.69 -8.14 4.27
C LEU A 27 -6.17 -6.83 4.91
N PRO A 28 -5.79 -5.65 4.38
CA PRO A 28 -6.36 -4.36 4.79
C PRO A 28 -7.87 -4.26 4.52
N VAL A 29 -8.62 -3.54 5.35
CA VAL A 29 -10.08 -3.45 5.19
C VAL A 29 -10.50 -2.40 4.14
N THR A 30 -9.92 -1.19 4.18
CA THR A 30 -10.26 -0.09 3.25
C THR A 30 -9.12 0.26 2.28
N ARG A 31 -9.43 1.07 1.25
CA ARG A 31 -8.43 1.65 0.34
C ARG A 31 -7.37 2.48 1.10
N SER A 32 -7.81 3.19 2.14
CA SER A 32 -6.94 3.93 3.06
C SER A 32 -6.04 2.98 3.86
N ASP A 33 -6.56 1.89 4.41
CA ASP A 33 -5.74 0.87 5.10
C ASP A 33 -4.66 0.30 4.18
N ALA A 34 -4.99 -0.01 2.92
CA ALA A 34 -4.03 -0.47 1.92
C ALA A 34 -2.95 0.58 1.60
N ARG A 35 -3.31 1.86 1.45
CA ARG A 35 -2.34 2.97 1.29
C ARG A 35 -1.45 3.13 2.54
N VAL A 36 -2.00 3.00 3.74
CA VAL A 36 -1.25 3.08 5.02
C VAL A 36 -0.27 1.94 5.14
N LEU A 37 -0.68 0.72 4.75
CA LEU A 37 0.21 -0.45 4.70
C LEU A 37 1.39 -0.23 3.75
N ILE A 38 1.12 0.18 2.50
CA ILE A 38 2.20 0.47 1.54
C ILE A 38 3.15 1.54 2.09
N PHE A 39 2.62 2.63 2.65
CA PHE A 39 3.44 3.73 3.15
C PHE A 39 4.31 3.32 4.35
N ASN A 40 3.71 2.77 5.41
CA ASN A 40 4.45 2.32 6.60
C ASN A 40 5.51 1.26 6.28
N ASP A 41 5.16 0.25 5.46
CA ASP A 41 6.12 -0.74 5.00
C ASP A 41 7.23 -0.09 4.18
N TRP A 42 6.92 0.73 3.15
CA TRP A 42 7.94 1.44 2.38
C TRP A 42 8.87 2.27 3.27
N GLU A 43 8.36 2.98 4.27
CA GLU A 43 9.18 3.77 5.19
C GLU A 43 10.16 2.88 5.99
N GLU A 44 9.71 1.73 6.49
CA GLU A 44 10.58 0.75 7.16
C GLU A 44 11.58 0.07 6.18
N ARG A 45 11.14 -0.30 4.97
CA ARG A 45 12.01 -0.78 3.88
C ARG A 45 13.04 0.28 3.48
N LYS A 46 12.69 1.57 3.50
CA LYS A 46 13.59 2.70 3.22
C LYS A 46 14.63 2.90 4.32
N ARG A 47 14.27 2.70 5.59
CA ARG A 47 15.23 2.64 6.72
C ARG A 47 16.21 1.48 6.56
N SER A 48 15.77 0.34 6.01
CA SER A 48 16.66 -0.77 5.65
C SER A 48 17.53 -0.49 4.40
N GLU A 49 16.93 0.07 3.34
CA GLU A 49 17.51 0.26 2.00
C GLU A 49 17.14 1.66 1.44
N PRO A 50 18.07 2.65 1.43
CA PRO A 50 17.72 4.08 1.36
C PRO A 50 17.10 4.56 0.03
N TRP A 51 17.26 3.79 -1.05
CA TRP A 51 16.84 4.13 -2.43
C TRP A 51 15.36 3.86 -2.76
N LEU A 52 14.59 3.30 -1.82
CA LEU A 52 13.27 2.69 -2.06
C LEU A 52 12.28 3.65 -2.77
N ARG A 53 11.71 3.23 -3.92
CA ARG A 53 10.67 3.99 -4.66
C ARG A 53 9.24 3.63 -4.23
N LEU A 54 8.36 4.63 -4.23
CA LEU A 54 6.99 4.54 -3.66
C LEU A 54 5.93 4.81 -4.74
N ASP A 55 4.93 3.92 -4.84
CA ASP A 55 3.75 4.05 -5.72
C ASP A 55 2.48 3.59 -4.99
N MET A 56 1.53 4.51 -4.74
CA MET A 56 0.26 4.22 -4.04
C MET A 56 -0.91 5.13 -4.46
N SER A 57 -1.04 5.35 -5.78
CA SER A 57 -2.30 5.82 -6.42
C SER A 57 -3.47 4.90 -6.05
N ASP A 58 -4.71 5.40 -6.02
CA ASP A 58 -5.91 4.56 -5.86
C ASP A 58 -5.98 3.43 -6.91
N LYS A 59 -5.52 3.69 -8.14
CA LYS A 59 -5.39 2.65 -9.19
C LYS A 59 -4.36 1.60 -8.82
N ALA A 60 -3.24 1.99 -8.20
CA ALA A 60 -2.23 1.06 -7.68
C ALA A 60 -2.75 0.25 -6.48
N ILE A 61 -3.58 0.83 -5.61
CA ILE A 61 -4.28 0.08 -4.54
C ILE A 61 -5.17 -1.01 -5.16
N PHE A 62 -6.04 -0.66 -6.12
CA PHE A 62 -6.93 -1.65 -6.75
C PHE A 62 -6.19 -2.70 -7.62
N ARG A 63 -5.04 -2.36 -8.22
CA ARG A 63 -4.20 -3.31 -8.98
C ARG A 63 -3.41 -4.27 -8.07
N ARG A 64 -2.86 -3.78 -6.95
CA ARG A 64 -2.10 -4.61 -5.98
C ARG A 64 -3.00 -5.42 -5.05
N TYR A 65 -4.16 -4.87 -4.71
CA TYR A 65 -5.17 -5.45 -3.82
C TYR A 65 -6.59 -5.31 -4.45
N PRO A 66 -7.06 -6.31 -5.23
CA PRO A 66 -8.34 -6.20 -5.95
C PRO A 66 -9.58 -6.26 -5.04
N HIS A 67 -9.44 -6.70 -3.78
CA HIS A 67 -10.55 -6.87 -2.84
C HIS A 67 -11.12 -5.56 -2.27
N LEU A 68 -10.43 -4.41 -2.44
CA LEU A 68 -10.90 -3.11 -1.94
C LEU A 68 -12.07 -2.53 -2.76
N ARG A 69 -12.21 -2.93 -4.05
CA ARG A 69 -13.26 -2.45 -4.95
C ARG A 69 -14.63 -3.08 -4.67
N MET A 1 4.22 -3.58 -21.87
CA MET A 1 4.76 -3.59 -20.47
C MET A 1 6.13 -2.87 -20.35
N ARG A 2 6.20 -1.56 -20.69
CA ARG A 2 7.41 -0.72 -20.66
C ARG A 2 7.08 0.74 -20.28
N GLY A 3 8.10 1.51 -19.91
CA GLY A 3 8.04 2.99 -19.86
C GLY A 3 7.36 3.60 -18.64
N SER A 4 7.30 2.88 -17.50
CA SER A 4 6.79 3.39 -16.22
C SER A 4 7.64 2.91 -15.03
N HIS A 5 7.96 3.84 -14.12
CA HIS A 5 8.88 3.61 -12.98
C HIS A 5 8.47 4.34 -11.68
N HIS A 6 7.94 5.57 -11.80
CA HIS A 6 7.55 6.45 -10.69
C HIS A 6 6.51 7.46 -11.17
N HIS A 7 5.37 7.62 -10.49
CA HIS A 7 4.23 8.41 -10.99
C HIS A 7 3.36 9.12 -9.93
N HIS A 8 3.21 8.58 -8.71
CA HIS A 8 2.33 9.16 -7.67
C HIS A 8 2.81 8.86 -6.25
N HIS A 9 3.80 9.63 -5.79
CA HIS A 9 4.24 9.60 -4.38
C HIS A 9 3.31 10.42 -3.47
N HIS A 10 3.16 9.97 -2.22
CA HIS A 10 2.33 10.58 -1.17
C HIS A 10 2.83 10.13 0.22
N GLY A 11 2.19 10.56 1.31
CA GLY A 11 2.51 10.13 2.69
C GLY A 11 1.36 10.29 3.69
N SER A 12 1.45 9.60 4.83
CA SER A 12 0.41 9.61 5.88
C SER A 12 0.98 9.39 7.29
N GLY A 13 1.59 8.23 7.55
CA GLY A 13 2.12 7.85 8.88
C GLY A 13 1.06 7.40 9.91
N ALA A 14 -0.20 7.23 9.48
CA ALA A 14 -1.30 6.69 10.31
C ALA A 14 -1.19 5.16 10.56
N LEU A 15 -2.17 4.59 11.25
CA LEU A 15 -2.36 3.14 11.43
C LEU A 15 -3.34 2.56 10.38
N ALA A 16 -3.23 1.26 10.11
CA ALA A 16 -4.14 0.53 9.20
C ALA A 16 -4.89 -0.60 9.94
N ALA A 17 -6.16 -0.80 9.59
CA ALA A 17 -6.99 -1.91 10.04
C ALA A 17 -6.97 -3.09 9.05
N LEU A 18 -7.08 -4.31 9.56
CA LEU A 18 -7.11 -5.55 8.79
C LEU A 18 -8.38 -6.37 9.08
N HIS A 19 -8.79 -7.23 8.14
CA HIS A 19 -9.76 -8.29 8.41
C HIS A 19 -9.12 -9.38 9.29
N ALA A 20 -9.84 -9.89 10.30
CA ALA A 20 -9.30 -10.84 11.27
C ALA A 20 -9.54 -12.32 10.91
N ASP A 21 -10.54 -12.61 10.08
CA ASP A 21 -11.05 -13.97 9.83
C ASP A 21 -11.65 -14.13 8.42
N GLY A 22 -11.92 -15.38 8.00
CA GLY A 22 -12.62 -15.71 6.76
C GLY A 22 -11.78 -15.52 5.49
N PRO A 23 -12.36 -15.05 4.35
CA PRO A 23 -11.69 -14.99 3.05
C PRO A 23 -10.45 -14.07 3.04
N HIS A 24 -10.49 -13.01 3.83
CA HIS A 24 -9.56 -11.88 3.74
C HIS A 24 -8.66 -11.71 4.98
N ALA A 25 -8.53 -12.73 5.83
CA ALA A 25 -7.74 -12.66 7.06
C ALA A 25 -6.30 -12.15 6.80
N GLY A 26 -5.93 -11.04 7.46
CA GLY A 26 -4.63 -10.35 7.30
C GLY A 26 -4.57 -9.33 6.15
N LEU A 27 -5.62 -9.17 5.34
CA LEU A 27 -5.72 -8.12 4.30
C LEU A 27 -6.25 -6.80 4.89
N PRO A 28 -5.88 -5.63 4.33
CA PRO A 28 -6.44 -4.32 4.72
C PRO A 28 -7.94 -4.22 4.43
N VAL A 29 -8.69 -3.45 5.23
CA VAL A 29 -10.14 -3.33 5.07
C VAL A 29 -10.54 -2.27 4.02
N THR A 30 -9.94 -1.08 4.06
CA THR A 30 -10.25 0.04 3.14
C THR A 30 -9.09 0.37 2.18
N ARG A 31 -9.37 1.22 1.17
CA ARG A 31 -8.32 1.85 0.33
C ARG A 31 -7.26 2.56 1.18
N SER A 32 -7.69 3.29 2.22
CA SER A 32 -6.79 4.00 3.14
C SER A 32 -5.94 3.02 3.96
N ASP A 33 -6.50 1.90 4.42
CA ASP A 33 -5.71 0.85 5.08
C ASP A 33 -4.64 0.28 4.14
N ALA A 34 -5.01 -0.05 2.90
CA ALA A 34 -4.08 -0.54 1.88
C ALA A 34 -2.96 0.48 1.55
N ARG A 35 -3.32 1.76 1.41
CA ARG A 35 -2.38 2.88 1.22
C ARG A 35 -1.41 3.03 2.40
N VAL A 36 -1.91 2.92 3.64
CA VAL A 36 -1.10 3.06 4.86
C VAL A 36 -0.22 1.83 5.08
N LEU A 37 -0.67 0.62 4.71
CA LEU A 37 0.19 -0.57 4.66
C LEU A 37 1.36 -0.38 3.69
N ILE A 38 1.08 0.06 2.45
CA ILE A 38 2.12 0.37 1.46
C ILE A 38 3.10 1.41 2.02
N PHE A 39 2.60 2.48 2.64
CA PHE A 39 3.44 3.52 3.22
C PHE A 39 4.33 3.00 4.37
N ASN A 40 3.77 2.35 5.38
CA ASN A 40 4.52 1.85 6.54
C ASN A 40 5.57 0.79 6.13
N ASP A 41 5.20 -0.14 5.24
CA ASP A 41 6.13 -1.13 4.69
C ASP A 41 7.27 -0.47 3.90
N TRP A 42 6.95 0.49 3.02
CA TRP A 42 7.95 1.29 2.31
C TRP A 42 8.87 2.05 3.26
N GLU A 43 8.35 2.70 4.32
CA GLU A 43 9.15 3.48 5.26
C GLU A 43 10.14 2.60 6.04
N GLU A 44 9.70 1.43 6.53
CA GLU A 44 10.57 0.45 7.19
C GLU A 44 11.62 -0.12 6.22
N ARG A 45 11.20 -0.53 5.01
CA ARG A 45 12.12 -0.97 3.96
C ARG A 45 13.06 0.15 3.51
N LYS A 46 12.67 1.43 3.58
CA LYS A 46 13.55 2.59 3.29
C LYS A 46 14.61 2.78 4.38
N ARG A 47 14.27 2.55 5.66
CA ARG A 47 15.26 2.48 6.75
C ARG A 47 16.26 1.33 6.53
N SER A 48 15.84 0.21 5.94
CA SER A 48 16.77 -0.85 5.47
C SER A 48 17.54 -0.51 4.19
N GLU A 49 16.90 0.16 3.22
CA GLU A 49 17.35 0.36 1.83
C GLU A 49 16.96 1.77 1.32
N PRO A 50 17.83 2.78 1.39
CA PRO A 50 17.44 4.20 1.27
C PRO A 50 16.95 4.66 -0.12
N TRP A 51 17.10 3.81 -1.15
CA TRP A 51 16.71 4.09 -2.54
C TRP A 51 15.21 3.82 -2.86
N LEU A 52 14.42 3.36 -1.89
CA LEU A 52 13.06 2.83 -2.10
C LEU A 52 12.09 3.86 -2.73
N ARG A 53 11.47 3.53 -3.88
CA ARG A 53 10.40 4.32 -4.51
C ARG A 53 9.01 4.02 -3.92
N LEU A 54 8.11 5.00 -3.96
CA LEU A 54 6.75 4.91 -3.41
C LEU A 54 5.71 5.38 -4.46
N ASP A 55 4.75 4.51 -4.78
CA ASP A 55 3.59 4.84 -5.62
C ASP A 55 2.31 4.22 -5.01
N MET A 56 1.31 5.05 -4.66
CA MET A 56 0.11 4.57 -3.95
C MET A 56 -1.19 5.35 -4.23
N SER A 57 -1.41 5.72 -5.51
CA SER A 57 -2.72 6.15 -6.02
C SER A 57 -3.74 5.01 -5.99
N ASP A 58 -5.04 5.30 -6.02
CA ASP A 58 -6.12 4.28 -5.92
C ASP A 58 -6.03 3.21 -7.01
N LYS A 59 -5.56 3.55 -8.22
CA LYS A 59 -5.28 2.57 -9.29
C LYS A 59 -4.20 1.58 -8.89
N ALA A 60 -3.14 2.03 -8.20
CA ALA A 60 -2.12 1.14 -7.63
C ALA A 60 -2.67 0.32 -6.45
N ILE A 61 -3.55 0.88 -5.61
CA ILE A 61 -4.25 0.11 -4.56
C ILE A 61 -5.06 -1.04 -5.19
N PHE A 62 -5.89 -0.77 -6.20
CA PHE A 62 -6.70 -1.80 -6.85
C PHE A 62 -5.87 -2.84 -7.64
N ARG A 63 -4.75 -2.44 -8.26
CA ARG A 63 -3.86 -3.35 -8.99
C ARG A 63 -3.01 -4.25 -8.07
N ARG A 64 -2.59 -3.75 -6.90
CA ARG A 64 -1.85 -4.54 -5.88
C ARG A 64 -2.77 -5.37 -4.97
N TYR A 65 -3.96 -4.84 -4.67
CA TYR A 65 -4.98 -5.43 -3.80
C TYR A 65 -6.38 -5.34 -4.48
N PRO A 66 -6.80 -6.34 -5.27
CA PRO A 66 -8.09 -6.30 -5.97
C PRO A 66 -9.30 -6.44 -5.03
N HIS A 67 -9.12 -6.94 -3.81
CA HIS A 67 -10.20 -7.17 -2.84
C HIS A 67 -10.83 -5.88 -2.26
N LEU A 68 -10.22 -4.70 -2.49
CA LEU A 68 -10.81 -3.39 -2.11
C LEU A 68 -12.02 -3.01 -3.00
N ARG A 69 -12.27 -3.76 -4.09
CA ARG A 69 -13.51 -3.71 -4.88
C ARG A 69 -14.46 -4.87 -4.55
N MET A 1 3.54 -4.35 -29.87
CA MET A 1 3.35 -3.77 -28.51
C MET A 1 3.63 -2.25 -28.50
N ARG A 2 3.00 -1.52 -27.56
CA ARG A 2 3.16 -0.05 -27.39
C ARG A 2 3.02 0.37 -25.92
N GLY A 3 3.90 1.26 -25.47
CA GLY A 3 3.83 1.93 -24.16
C GLY A 3 4.12 1.05 -22.93
N SER A 4 4.06 1.69 -21.76
CA SER A 4 4.26 1.10 -20.43
C SER A 4 3.30 1.73 -19.40
N HIS A 5 3.04 1.04 -18.27
CA HIS A 5 2.26 1.58 -17.15
C HIS A 5 3.14 2.39 -16.17
N HIS A 6 2.56 3.44 -15.57
CA HIS A 6 3.20 4.31 -14.58
C HIS A 6 2.17 4.77 -13.53
N HIS A 7 2.55 4.75 -12.24
CA HIS A 7 1.72 5.17 -11.11
C HIS A 7 2.54 5.90 -10.04
N HIS A 8 2.00 6.98 -9.46
CA HIS A 8 2.56 7.69 -8.29
C HIS A 8 1.48 8.49 -7.55
N HIS A 9 1.47 8.41 -6.21
CA HIS A 9 0.65 9.26 -5.32
C HIS A 9 1.18 9.23 -3.87
N HIS A 10 0.82 10.23 -3.07
CA HIS A 10 1.25 10.39 -1.67
C HIS A 10 0.40 9.60 -0.64
N GLY A 11 0.74 9.73 0.64
CA GLY A 11 -0.02 9.17 1.76
C GLY A 11 0.60 9.46 3.14
N SER A 12 0.10 8.76 4.17
CA SER A 12 0.44 8.98 5.59
C SER A 12 0.71 7.67 6.34
N GLY A 13 1.35 7.77 7.51
CA GLY A 13 1.62 6.65 8.43
C GLY A 13 0.46 6.34 9.39
N ALA A 14 0.78 6.14 10.67
CA ALA A 14 -0.11 5.63 11.72
C ALA A 14 -0.64 4.20 11.43
N LEU A 15 -1.70 3.77 12.13
CA LEU A 15 -2.21 2.39 12.10
C LEU A 15 -3.14 2.12 10.90
N ALA A 16 -3.17 0.86 10.45
CA ALA A 16 -4.13 0.33 9.47
C ALA A 16 -4.95 -0.82 10.08
N ALA A 17 -6.24 -0.89 9.78
CA ALA A 17 -7.12 -1.99 10.17
C ALA A 17 -7.05 -3.14 9.14
N LEU A 18 -7.12 -4.38 9.62
CA LEU A 18 -7.11 -5.61 8.81
C LEU A 18 -8.37 -6.46 9.07
N HIS A 19 -8.75 -7.29 8.11
CA HIS A 19 -9.71 -8.38 8.36
C HIS A 19 -9.04 -9.48 9.20
N ALA A 20 -9.75 -10.03 10.19
CA ALA A 20 -9.18 -11.00 11.14
C ALA A 20 -9.38 -12.48 10.74
N ASP A 21 -10.38 -12.78 9.91
CA ASP A 21 -10.85 -14.15 9.64
C ASP A 21 -11.46 -14.29 8.22
N GLY A 22 -11.69 -15.54 7.78
CA GLY A 22 -12.39 -15.87 6.54
C GLY A 22 -11.57 -15.60 5.27
N PRO A 23 -12.18 -15.09 4.17
CA PRO A 23 -11.53 -14.96 2.85
C PRO A 23 -10.32 -14.01 2.85
N HIS A 24 -10.35 -12.99 3.71
CA HIS A 24 -9.47 -11.82 3.65
C HIS A 24 -8.55 -11.67 4.86
N ALA A 25 -8.39 -12.72 5.68
CA ALA A 25 -7.58 -12.66 6.90
C ALA A 25 -6.15 -12.11 6.64
N GLY A 26 -5.81 -11.01 7.32
CA GLY A 26 -4.53 -10.29 7.17
C GLY A 26 -4.50 -9.22 6.06
N LEU A 27 -5.56 -9.07 5.25
CA LEU A 27 -5.69 -8.01 4.25
C LEU A 27 -6.21 -6.70 4.88
N PRO A 28 -5.84 -5.51 4.36
CA PRO A 28 -6.39 -4.22 4.80
C PRO A 28 -7.90 -4.11 4.52
N VAL A 29 -8.65 -3.41 5.37
CA VAL A 29 -10.11 -3.30 5.20
C VAL A 29 -10.50 -2.22 4.18
N THR A 30 -9.94 -1.01 4.27
CA THR A 30 -10.27 0.13 3.39
C THR A 30 -9.14 0.52 2.42
N ARG A 31 -9.43 1.38 1.45
CA ARG A 31 -8.42 2.02 0.58
C ARG A 31 -7.38 2.80 1.39
N SER A 32 -7.81 3.45 2.47
CA SER A 32 -6.92 4.13 3.42
C SER A 32 -6.03 3.15 4.19
N ASP A 33 -6.56 2.00 4.62
CA ASP A 33 -5.75 0.95 5.25
C ASP A 33 -4.68 0.42 4.28
N ALA A 34 -5.05 0.16 3.02
CA ALA A 34 -4.12 -0.26 1.97
C ALA A 34 -3.01 0.79 1.70
N ARG A 35 -3.38 2.07 1.62
CA ARG A 35 -2.43 3.21 1.51
C ARG A 35 -1.48 3.28 2.70
N VAL A 36 -1.98 3.12 3.93
CA VAL A 36 -1.16 3.18 5.15
C VAL A 36 -0.26 1.96 5.26
N LEU A 37 -0.72 0.77 4.86
CA LEU A 37 0.13 -0.42 4.78
C LEU A 37 1.29 -0.22 3.80
N ILE A 38 1.02 0.22 2.56
CA ILE A 38 2.08 0.48 1.57
C ILE A 38 3.07 1.52 2.12
N PHE A 39 2.57 2.60 2.74
CA PHE A 39 3.42 3.63 3.33
C PHE A 39 4.31 3.10 4.47
N ASN A 40 3.76 2.39 5.45
CA ASN A 40 4.50 1.85 6.58
C ASN A 40 5.55 0.79 6.14
N ASP A 41 5.16 -0.11 5.24
CA ASP A 41 6.04 -1.13 4.67
C ASP A 41 7.19 -0.50 3.86
N TRP A 42 6.88 0.49 3.02
CA TRP A 42 7.88 1.31 2.33
C TRP A 42 8.83 1.99 3.30
N GLU A 43 8.33 2.69 4.33
CA GLU A 43 9.16 3.47 5.23
C GLU A 43 10.13 2.57 6.03
N GLU A 44 9.67 1.41 6.52
CA GLU A 44 10.54 0.41 7.16
C GLU A 44 11.61 -0.13 6.19
N ARG A 45 11.22 -0.53 4.98
CA ARG A 45 12.17 -0.99 3.96
C ARG A 45 13.09 0.14 3.48
N LYS A 46 12.68 1.41 3.58
CA LYS A 46 13.52 2.59 3.28
C LYS A 46 14.55 2.87 4.38
N ARG A 47 14.20 2.63 5.66
CA ARG A 47 15.18 2.61 6.76
C ARG A 47 16.21 1.48 6.58
N SER A 48 15.81 0.34 6.00
CA SER A 48 16.76 -0.71 5.59
C SER A 48 17.58 -0.37 4.32
N GLU A 49 16.95 0.20 3.30
CA GLU A 49 17.48 0.41 1.94
C GLU A 49 16.99 1.76 1.35
N PRO A 50 17.81 2.82 1.31
CA PRO A 50 17.34 4.22 1.20
C PRO A 50 16.77 4.63 -0.17
N TRP A 51 16.93 3.80 -1.21
CA TRP A 51 16.53 4.08 -2.60
C TRP A 51 15.05 3.76 -2.94
N LEU A 52 14.27 3.29 -1.98
CA LEU A 52 12.93 2.72 -2.20
C LEU A 52 11.92 3.72 -2.79
N ARG A 53 11.27 3.37 -3.90
CA ARG A 53 10.12 4.12 -4.48
C ARG A 53 8.82 3.91 -3.70
N LEU A 54 7.91 4.89 -3.77
CA LEU A 54 6.57 4.85 -3.15
C LEU A 54 5.50 5.15 -4.22
N ASP A 55 4.89 4.10 -4.75
CA ASP A 55 3.96 4.14 -5.90
C ASP A 55 2.59 3.55 -5.50
N MET A 56 1.66 4.40 -5.07
CA MET A 56 0.35 3.98 -4.51
C MET A 56 -0.79 4.92 -4.89
N SER A 57 -1.02 5.11 -6.19
CA SER A 57 -2.27 5.68 -6.71
C SER A 57 -3.46 4.80 -6.34
N ASP A 58 -4.70 5.29 -6.45
CA ASP A 58 -5.90 4.46 -6.25
C ASP A 58 -5.91 3.26 -7.22
N LYS A 59 -5.48 3.48 -8.46
CA LYS A 59 -5.27 2.43 -9.48
C LYS A 59 -4.26 1.38 -9.01
N ALA A 60 -3.10 1.81 -8.47
CA ALA A 60 -2.10 0.90 -7.93
C ALA A 60 -2.61 0.14 -6.69
N ILE A 61 -3.39 0.77 -5.79
CA ILE A 61 -4.02 0.09 -4.65
C ILE A 61 -4.99 -0.99 -5.14
N PHE A 62 -5.84 -0.72 -6.14
CA PHE A 62 -6.72 -1.74 -6.72
C PHE A 62 -5.96 -2.83 -7.51
N ARG A 63 -4.82 -2.53 -8.14
CA ARG A 63 -3.98 -3.52 -8.87
C ARG A 63 -3.16 -4.41 -7.93
N ARG A 64 -2.61 -3.85 -6.84
CA ARG A 64 -1.91 -4.60 -5.78
C ARG A 64 -2.88 -5.45 -4.94
N TYR A 65 -4.06 -4.89 -4.66
CA TYR A 65 -5.09 -5.46 -3.78
C TYR A 65 -6.49 -5.31 -4.42
N PRO A 66 -6.97 -6.30 -5.21
CA PRO A 66 -8.26 -6.19 -5.90
C PRO A 66 -9.48 -6.23 -4.96
N HIS A 67 -9.33 -6.72 -3.72
CA HIS A 67 -10.42 -6.83 -2.75
C HIS A 67 -10.93 -5.48 -2.20
N LEU A 68 -10.23 -4.36 -2.45
CA LEU A 68 -10.70 -3.02 -2.10
C LEU A 68 -11.90 -2.56 -2.98
N ARG A 69 -12.21 -3.30 -4.06
CA ARG A 69 -13.47 -3.21 -4.81
C ARG A 69 -14.44 -4.35 -4.42
N MET A 1 27.26 -0.32 -15.63
CA MET A 1 28.19 0.78 -15.26
C MET A 1 27.43 2.11 -15.12
N ARG A 2 27.76 2.91 -14.08
CA ARG A 2 27.13 4.20 -13.68
C ARG A 2 25.64 4.10 -13.28
N GLY A 3 25.22 4.98 -12.37
CA GLY A 3 23.84 5.07 -11.87
C GLY A 3 23.67 6.11 -10.75
N SER A 4 22.41 6.43 -10.43
CA SER A 4 22.04 7.35 -9.35
C SER A 4 20.66 7.01 -8.76
N HIS A 5 20.47 7.24 -7.46
CA HIS A 5 19.20 7.04 -6.74
C HIS A 5 18.91 8.21 -5.79
N HIS A 6 17.68 8.75 -5.86
CA HIS A 6 17.17 9.77 -4.95
C HIS A 6 15.64 9.68 -4.85
N HIS A 7 15.11 9.49 -3.64
CA HIS A 7 13.67 9.55 -3.34
C HIS A 7 13.43 10.08 -1.92
N HIS A 8 12.56 11.09 -1.79
CA HIS A 8 12.28 11.80 -0.53
C HIS A 8 11.44 10.99 0.46
N HIS A 9 11.38 11.44 1.71
CA HIS A 9 10.43 10.96 2.72
C HIS A 9 9.97 12.08 3.69
N HIS A 10 8.72 12.01 4.12
CA HIS A 10 8.05 12.98 5.02
C HIS A 10 6.96 12.31 5.85
N GLY A 11 6.67 12.83 7.05
CA GLY A 11 5.74 12.22 8.01
C GLY A 11 6.25 10.90 8.61
N SER A 12 5.39 10.19 9.35
CA SER A 12 5.70 8.91 9.98
C SER A 12 4.44 8.08 10.29
N GLY A 13 4.48 6.79 10.00
CA GLY A 13 3.55 5.77 10.53
C GLY A 13 2.12 5.85 9.98
N ALA A 14 1.18 6.23 10.86
CA ALA A 14 -0.27 6.00 10.75
C ALA A 14 -0.67 4.50 10.72
N LEU A 15 -1.89 4.19 11.20
CA LEU A 15 -2.37 2.81 11.37
C LEU A 15 -3.25 2.35 10.19
N ALA A 16 -2.98 1.14 9.68
CA ALA A 16 -3.88 0.40 8.78
C ALA A 16 -4.66 -0.67 9.56
N ALA A 17 -5.98 -0.69 9.44
CA ALA A 17 -6.82 -1.77 9.96
C ALA A 17 -6.84 -2.97 9.00
N LEU A 18 -6.80 -4.19 9.53
CA LEU A 18 -6.78 -5.44 8.77
C LEU A 18 -7.99 -6.33 9.14
N HIS A 19 -8.44 -7.17 8.21
CA HIS A 19 -9.41 -8.23 8.49
C HIS A 19 -8.78 -9.32 9.35
N ALA A 20 -9.49 -9.83 10.37
CA ALA A 20 -8.96 -10.81 11.33
C ALA A 20 -9.25 -12.28 10.96
N ASP A 21 -10.28 -12.53 10.14
CA ASP A 21 -10.83 -13.87 9.90
C ASP A 21 -11.47 -14.01 8.49
N GLY A 22 -11.79 -15.25 8.09
CA GLY A 22 -12.54 -15.55 6.86
C GLY A 22 -11.71 -15.38 5.56
N PRO A 23 -12.32 -14.91 4.45
CA PRO A 23 -11.68 -14.87 3.12
C PRO A 23 -10.43 -13.97 3.07
N HIS A 24 -10.42 -12.92 3.88
CA HIS A 24 -9.49 -11.78 3.76
C HIS A 24 -8.54 -11.63 4.96
N ALA A 25 -8.39 -12.65 5.82
CA ALA A 25 -7.55 -12.58 7.01
C ALA A 25 -6.12 -12.07 6.70
N GLY A 26 -5.71 -10.98 7.36
CA GLY A 26 -4.43 -10.30 7.15
C GLY A 26 -4.40 -9.24 6.04
N LEU A 27 -5.46 -9.11 5.22
CA LEU A 27 -5.60 -8.05 4.21
C LEU A 27 -6.08 -6.72 4.85
N PRO A 28 -5.74 -5.54 4.28
CA PRO A 28 -6.31 -4.25 4.69
C PRO A 28 -7.82 -4.20 4.48
N VAL A 29 -8.56 -3.49 5.34
CA VAL A 29 -10.02 -3.41 5.24
C VAL A 29 -10.48 -2.39 4.17
N THR A 30 -9.95 -1.16 4.17
CA THR A 30 -10.31 -0.09 3.22
C THR A 30 -9.18 0.24 2.24
N ARG A 31 -9.51 1.03 1.19
CA ARG A 31 -8.53 1.65 0.27
C ARG A 31 -7.49 2.50 1.02
N SER A 32 -7.91 3.23 2.06
CA SER A 32 -7.03 3.98 2.95
C SER A 32 -6.13 3.07 3.79
N ASP A 33 -6.66 1.96 4.32
CA ASP A 33 -5.83 0.97 5.02
C ASP A 33 -4.77 0.38 4.09
N ALA A 34 -5.12 0.03 2.86
CA ALA A 34 -4.18 -0.49 1.85
C ALA A 34 -3.07 0.51 1.51
N ARG A 35 -3.42 1.79 1.32
CA ARG A 35 -2.46 2.89 1.14
C ARG A 35 -1.53 3.04 2.35
N VAL A 36 -2.04 2.95 3.57
CA VAL A 36 -1.25 3.10 4.81
C VAL A 36 -0.38 1.86 5.07
N LEU A 37 -0.82 0.67 4.65
CA LEU A 37 -0.01 -0.55 4.64
C LEU A 37 1.20 -0.41 3.71
N ILE A 38 0.98 0.03 2.47
CA ILE A 38 2.07 0.33 1.52
C ILE A 38 3.04 1.35 2.13
N PHE A 39 2.52 2.40 2.75
CA PHE A 39 3.34 3.44 3.35
C PHE A 39 4.22 2.93 4.51
N ASN A 40 3.65 2.22 5.49
CA ASN A 40 4.41 1.63 6.60
C ASN A 40 5.47 0.61 6.13
N ASP A 41 5.09 -0.28 5.20
CA ASP A 41 6.05 -1.22 4.60
C ASP A 41 7.19 -0.47 3.89
N TRP A 42 6.86 0.46 2.98
CA TRP A 42 7.86 1.29 2.30
C TRP A 42 8.77 2.02 3.28
N GLU A 43 8.27 2.63 4.36
CA GLU A 43 9.13 3.23 5.38
C GLU A 43 10.10 2.22 5.99
N GLU A 44 9.65 1.03 6.39
CA GLU A 44 10.53 -0.01 6.94
C GLU A 44 11.60 -0.43 5.91
N ARG A 45 11.20 -0.72 4.67
CA ARG A 45 12.11 -1.07 3.57
C ARG A 45 13.07 0.10 3.24
N LYS A 46 12.64 1.36 3.40
CA LYS A 46 13.49 2.54 3.18
C LYS A 46 14.48 2.77 4.31
N ARG A 47 14.09 2.47 5.55
CA ARG A 47 14.95 2.52 6.75
C ARG A 47 16.01 1.41 6.74
N SER A 48 15.76 0.28 6.06
CA SER A 48 16.81 -0.72 5.76
C SER A 48 17.59 -0.47 4.44
N GLU A 49 16.95 0.05 3.38
CA GLU A 49 17.50 0.28 2.04
C GLU A 49 17.11 1.68 1.50
N PRO A 50 18.00 2.70 1.55
CA PRO A 50 17.62 4.12 1.54
C PRO A 50 16.99 4.65 0.23
N TRP A 51 17.20 3.96 -0.90
CA TRP A 51 16.78 4.34 -2.26
C TRP A 51 15.28 4.16 -2.56
N LEU A 52 14.49 3.59 -1.64
CA LEU A 52 13.15 3.06 -1.92
C LEU A 52 12.17 4.10 -2.50
N ARG A 53 11.65 3.85 -3.71
CA ARG A 53 10.60 4.65 -4.38
C ARG A 53 9.19 4.24 -3.95
N LEU A 54 8.32 5.24 -3.73
CA LEU A 54 6.92 5.08 -3.33
C LEU A 54 5.95 5.46 -4.47
N ASP A 55 5.03 4.57 -4.79
CA ASP A 55 3.82 4.83 -5.59
C ASP A 55 2.62 4.09 -4.98
N MET A 56 1.54 4.82 -4.61
CA MET A 56 0.36 4.25 -3.95
C MET A 56 -0.96 4.99 -4.30
N SER A 57 -1.10 5.38 -5.58
CA SER A 57 -2.34 5.95 -6.13
C SER A 57 -3.47 4.91 -6.12
N ASP A 58 -4.73 5.34 -6.20
CA ASP A 58 -5.91 4.48 -6.01
C ASP A 58 -5.97 3.32 -7.03
N LYS A 59 -5.51 3.54 -8.27
CA LYS A 59 -5.36 2.47 -9.27
C LYS A 59 -4.31 1.44 -8.86
N ALA A 60 -3.19 1.87 -8.27
CA ALA A 60 -2.18 0.97 -7.71
C ALA A 60 -2.72 0.18 -6.51
N ILE A 61 -3.59 0.77 -5.67
CA ILE A 61 -4.32 0.04 -4.62
C ILE A 61 -5.18 -1.07 -5.24
N PHE A 62 -6.04 -0.76 -6.21
CA PHE A 62 -6.92 -1.77 -6.82
C PHE A 62 -6.17 -2.84 -7.65
N ARG A 63 -5.03 -2.50 -8.27
CA ARG A 63 -4.19 -3.45 -9.02
C ARG A 63 -3.38 -4.38 -8.12
N ARG A 64 -2.87 -3.88 -6.98
CA ARG A 64 -2.11 -4.69 -5.98
C ARG A 64 -3.05 -5.51 -5.08
N TYR A 65 -4.19 -4.92 -4.72
CA TYR A 65 -5.21 -5.48 -3.82
C TYR A 65 -6.61 -5.38 -4.47
N PRO A 66 -7.07 -6.40 -5.22
CA PRO A 66 -8.34 -6.33 -5.95
C PRO A 66 -9.59 -6.38 -5.03
N HIS A 67 -9.44 -6.79 -3.77
CA HIS A 67 -10.56 -6.96 -2.82
C HIS A 67 -11.14 -5.64 -2.29
N LEU A 68 -10.49 -4.48 -2.51
CA LEU A 68 -10.99 -3.16 -2.07
C LEU A 68 -12.16 -2.65 -2.92
N ARG A 69 -12.31 -3.16 -4.16
CA ARG A 69 -13.43 -2.80 -5.07
C ARG A 69 -14.68 -3.66 -4.82
N MET A 1 6.16 -8.27 -19.41
CA MET A 1 5.24 -7.58 -18.45
C MET A 1 5.65 -6.10 -18.25
N ARG A 2 4.70 -5.21 -17.94
CA ARG A 2 4.95 -3.78 -17.61
C ARG A 2 4.26 -3.37 -16.29
N GLY A 3 4.94 -2.56 -15.48
CA GLY A 3 4.37 -1.89 -14.30
C GLY A 3 3.70 -0.57 -14.66
N SER A 4 4.51 0.36 -15.19
CA SER A 4 4.09 1.68 -15.71
C SER A 4 3.30 2.54 -14.71
N HIS A 5 3.70 2.51 -13.43
CA HIS A 5 3.06 3.25 -12.33
C HIS A 5 3.53 4.73 -12.24
N HIS A 6 4.83 4.98 -12.46
CA HIS A 6 5.47 6.31 -12.52
C HIS A 6 5.18 7.24 -11.31
N HIS A 7 5.02 6.67 -10.11
CA HIS A 7 4.68 7.40 -8.87
C HIS A 7 5.85 7.43 -7.87
N HIS A 8 5.91 8.46 -7.02
CA HIS A 8 6.73 8.47 -5.79
C HIS A 8 6.17 9.42 -4.71
N HIS A 9 6.32 9.00 -3.44
CA HIS A 9 5.78 9.63 -2.22
C HIS A 9 4.25 9.93 -2.26
N HIS A 10 3.69 10.47 -1.17
CA HIS A 10 2.26 10.82 -1.08
C HIS A 10 1.94 11.83 0.04
N GLY A 11 2.63 11.72 1.18
CA GLY A 11 2.23 12.36 2.45
C GLY A 11 1.14 11.54 3.16
N SER A 12 1.55 10.71 4.13
CA SER A 12 0.69 9.78 4.88
C SER A 12 1.29 9.49 6.29
N GLY A 13 0.65 8.60 7.06
CA GLY A 13 1.14 8.10 8.35
C GLY A 13 0.02 7.87 9.36
N ALA A 14 -0.34 6.59 9.57
CA ALA A 14 -1.38 6.13 10.50
C ALA A 14 -1.20 4.63 10.84
N LEU A 15 -2.14 4.05 11.60
CA LEU A 15 -2.30 2.59 11.73
C LEU A 15 -3.34 2.09 10.70
N ALA A 16 -3.09 0.93 10.08
CA ALA A 16 -4.03 0.27 9.17
C ALA A 16 -4.88 -0.79 9.91
N ALA A 17 -6.18 -0.81 9.65
CA ALA A 17 -7.07 -1.88 10.08
C ALA A 17 -7.04 -3.05 9.06
N LEU A 18 -7.00 -4.28 9.57
CA LEU A 18 -6.95 -5.52 8.78
C LEU A 18 -8.16 -6.42 9.08
N HIS A 19 -8.58 -7.24 8.13
CA HIS A 19 -9.54 -8.33 8.37
C HIS A 19 -8.91 -9.42 9.25
N ALA A 20 -9.63 -9.90 10.26
CA ALA A 20 -9.09 -10.87 11.23
C ALA A 20 -9.32 -12.35 10.85
N ASP A 21 -10.33 -12.63 10.02
CA ASP A 21 -10.84 -13.98 9.75
C ASP A 21 -11.47 -14.11 8.35
N GLY A 22 -11.76 -15.34 7.91
CA GLY A 22 -12.49 -15.64 6.68
C GLY A 22 -11.66 -15.44 5.38
N PRO A 23 -12.25 -14.94 4.28
CA PRO A 23 -11.60 -14.89 2.96
C PRO A 23 -10.35 -13.99 2.92
N HIS A 24 -10.35 -12.92 3.74
CA HIS A 24 -9.41 -11.81 3.64
C HIS A 24 -8.49 -11.66 4.85
N ALA A 25 -8.35 -12.69 5.69
CA ALA A 25 -7.55 -12.62 6.92
C ALA A 25 -6.11 -12.11 6.66
N GLY A 26 -5.74 -11.01 7.33
CA GLY A 26 -4.46 -10.31 7.19
C GLY A 26 -4.42 -9.23 6.08
N LEU A 27 -5.45 -9.10 5.24
CA LEU A 27 -5.56 -8.03 4.24
C LEU A 27 -6.09 -6.71 4.85
N PRO A 28 -5.73 -5.53 4.32
CA PRO A 28 -6.31 -4.25 4.73
C PRO A 28 -7.81 -4.17 4.44
N VAL A 29 -8.59 -3.45 5.26
CA VAL A 29 -10.05 -3.37 5.09
C VAL A 29 -10.46 -2.32 4.04
N THR A 30 -9.97 -1.08 4.12
CA THR A 30 -10.30 0.01 3.19
C THR A 30 -9.14 0.36 2.25
N ARG A 31 -9.42 1.20 1.22
CA ARG A 31 -8.37 1.81 0.36
C ARG A 31 -7.36 2.61 1.19
N SER A 32 -7.81 3.31 2.24
CA SER A 32 -6.93 4.02 3.18
C SER A 32 -6.08 3.06 4.01
N ASP A 33 -6.63 1.94 4.48
CA ASP A 33 -5.84 0.90 5.17
C ASP A 33 -4.76 0.33 4.23
N ALA A 34 -5.10 0.07 2.96
CA ALA A 34 -4.16 -0.42 1.95
C ALA A 34 -3.04 0.60 1.66
N ARG A 35 -3.38 1.88 1.51
CA ARG A 35 -2.41 2.99 1.42
C ARG A 35 -1.48 3.02 2.62
N VAL A 36 -2.02 2.88 3.84
CA VAL A 36 -1.25 2.99 5.08
C VAL A 36 -0.36 1.77 5.29
N LEU A 37 -0.82 0.57 4.90
CA LEU A 37 0.01 -0.63 4.88
C LEU A 37 1.22 -0.47 3.92
N ILE A 38 0.97 -0.05 2.68
CA ILE A 38 2.03 0.23 1.70
C ILE A 38 3.00 1.27 2.25
N PHE A 39 2.50 2.37 2.82
CA PHE A 39 3.31 3.44 3.35
C PHE A 39 4.19 3.02 4.54
N ASN A 40 3.62 2.37 5.55
CA ASN A 40 4.36 1.91 6.74
C ASN A 40 5.42 0.84 6.38
N ASP A 41 5.07 -0.11 5.52
CA ASP A 41 6.01 -1.12 5.01
C ASP A 41 7.14 -0.46 4.19
N TRP A 42 6.82 0.49 3.32
CA TRP A 42 7.81 1.30 2.60
C TRP A 42 8.67 2.11 3.57
N GLU A 43 8.13 2.76 4.60
CA GLU A 43 8.91 3.53 5.57
C GLU A 43 9.96 2.67 6.29
N GLU A 44 9.58 1.46 6.71
CA GLU A 44 10.52 0.51 7.32
C GLU A 44 11.57 0.02 6.30
N ARG A 45 11.15 -0.43 5.12
CA ARG A 45 12.05 -0.89 4.05
C ARG A 45 12.97 0.23 3.54
N LYS A 46 12.51 1.48 3.52
CA LYS A 46 13.27 2.69 3.11
C LYS A 46 14.27 3.12 4.18
N ARG A 47 13.97 2.91 5.47
CA ARG A 47 15.00 2.98 6.55
C ARG A 47 16.08 1.91 6.39
N SER A 48 15.72 0.68 5.97
CA SER A 48 16.71 -0.38 5.68
C SER A 48 17.49 -0.18 4.37
N GLU A 49 16.84 0.34 3.32
CA GLU A 49 17.31 0.40 1.93
C GLU A 49 16.92 1.75 1.28
N PRO A 50 17.83 2.75 1.21
CA PRO A 50 17.48 4.15 0.93
C PRO A 50 17.05 4.45 -0.51
N TRP A 51 17.24 3.50 -1.44
CA TRP A 51 16.88 3.61 -2.87
C TRP A 51 15.38 3.42 -3.17
N LEU A 52 14.55 3.12 -2.15
CA LEU A 52 13.15 2.72 -2.30
C LEU A 52 12.29 3.73 -3.10
N ARG A 53 11.30 3.24 -3.85
CA ARG A 53 10.25 4.05 -4.52
C ARG A 53 8.84 3.59 -4.11
N LEU A 54 7.93 4.54 -3.97
CA LEU A 54 6.61 4.35 -3.34
C LEU A 54 5.48 4.46 -4.40
N ASP A 55 4.61 3.45 -4.48
CA ASP A 55 3.50 3.39 -5.46
C ASP A 55 2.17 3.09 -4.76
N MET A 56 1.36 4.12 -4.47
CA MET A 56 0.05 3.96 -3.80
C MET A 56 -1.01 5.01 -4.22
N SER A 57 -1.06 5.35 -5.50
CA SER A 57 -2.28 5.94 -6.11
C SER A 57 -3.48 4.99 -5.93
N ASP A 58 -4.71 5.48 -6.10
CA ASP A 58 -5.90 4.61 -6.09
C ASP A 58 -5.80 3.49 -7.14
N LYS A 59 -5.20 3.77 -8.31
CA LYS A 59 -4.93 2.76 -9.35
C LYS A 59 -3.91 1.73 -8.87
N ALA A 60 -2.81 2.13 -8.23
CA ALA A 60 -1.83 1.20 -7.68
C ALA A 60 -2.41 0.32 -6.54
N ILE A 61 -3.25 0.89 -5.67
CA ILE A 61 -3.96 0.15 -4.61
C ILE A 61 -4.93 -0.88 -5.23
N PHE A 62 -5.79 -0.50 -6.18
CA PHE A 62 -6.71 -1.45 -6.82
C PHE A 62 -6.00 -2.49 -7.72
N ARG A 63 -4.86 -2.15 -8.35
CA ARG A 63 -4.04 -3.10 -9.15
C ARG A 63 -3.31 -4.12 -8.27
N ARG A 64 -2.71 -3.69 -7.16
CA ARG A 64 -1.99 -4.56 -6.21
C ARG A 64 -2.93 -5.39 -5.32
N TYR A 65 -4.04 -4.79 -4.91
CA TYR A 65 -5.05 -5.35 -4.02
C TYR A 65 -6.47 -5.17 -4.63
N PRO A 66 -6.96 -6.13 -5.44
CA PRO A 66 -8.28 -6.02 -6.08
C PRO A 66 -9.44 -6.17 -5.07
N HIS A 67 -9.20 -6.72 -3.89
CA HIS A 67 -10.23 -6.95 -2.86
C HIS A 67 -10.81 -5.66 -2.22
N LEU A 68 -10.18 -4.50 -2.45
CA LEU A 68 -10.69 -3.20 -1.99
C LEU A 68 -11.96 -2.74 -2.78
N ARG A 69 -12.30 -3.43 -3.89
CA ARG A 69 -13.56 -3.28 -4.63
C ARG A 69 -14.52 -4.45 -4.38
N MET A 1 9.86 -11.15 -16.49
CA MET A 1 9.61 -10.49 -17.80
C MET A 1 8.18 -9.93 -17.87
N ARG A 2 7.97 -8.89 -18.70
CA ARG A 2 6.72 -8.07 -18.84
C ARG A 2 6.30 -7.33 -17.56
N GLY A 3 5.41 -6.35 -17.71
CA GLY A 3 4.84 -5.52 -16.64
C GLY A 3 5.71 -4.33 -16.22
N SER A 4 5.06 -3.20 -15.90
CA SER A 4 5.67 -1.96 -15.39
C SER A 4 4.65 -1.10 -14.64
N HIS A 5 5.11 -0.30 -13.66
CA HIS A 5 4.28 0.58 -12.82
C HIS A 5 4.96 1.93 -12.55
N HIS A 6 4.19 3.02 -12.57
CA HIS A 6 4.67 4.38 -12.23
C HIS A 6 3.53 5.25 -11.68
N HIS A 7 3.50 5.41 -10.35
CA HIS A 7 2.55 6.20 -9.58
C HIS A 7 3.27 7.01 -8.48
N HIS A 8 2.56 7.87 -7.74
CA HIS A 8 3.10 8.58 -6.56
C HIS A 8 1.99 8.95 -5.55
N HIS A 9 2.36 9.14 -4.28
CA HIS A 9 1.49 9.69 -3.22
C HIS A 9 2.33 10.30 -2.07
N HIS A 10 1.71 11.17 -1.26
CA HIS A 10 2.39 11.90 -0.16
C HIS A 10 2.45 11.13 1.17
N GLY A 11 1.46 10.25 1.43
CA GLY A 11 1.33 9.47 2.66
C GLY A 11 0.92 10.25 3.93
N SER A 12 0.57 9.51 4.99
CA SER A 12 -0.06 10.07 6.22
C SER A 12 0.56 9.66 7.57
N GLY A 13 1.45 8.65 7.60
CA GLY A 13 2.14 8.20 8.83
C GLY A 13 1.21 7.63 9.92
N ALA A 14 0.10 7.02 9.52
CA ALA A 14 -0.99 6.55 10.40
C ALA A 14 -0.97 5.02 10.69
N LEU A 15 -2.01 4.53 11.39
CA LEU A 15 -2.31 3.09 11.58
C LEU A 15 -3.28 2.58 10.50
N ALA A 16 -3.27 1.27 10.23
CA ALA A 16 -4.19 0.59 9.30
C ALA A 16 -4.96 -0.55 9.99
N ALA A 17 -6.24 -0.72 9.64
CA ALA A 17 -7.06 -1.85 10.05
C ALA A 17 -7.00 -3.00 9.02
N LEU A 18 -6.98 -4.24 9.51
CA LEU A 18 -6.94 -5.47 8.71
C LEU A 18 -8.14 -6.37 9.03
N HIS A 19 -8.55 -7.21 8.08
CA HIS A 19 -9.51 -8.31 8.34
C HIS A 19 -8.84 -9.39 9.20
N ALA A 20 -9.55 -9.91 10.21
CA ALA A 20 -9.00 -10.87 11.18
C ALA A 20 -9.20 -12.35 10.80
N ASP A 21 -10.21 -12.65 9.96
CA ASP A 21 -10.68 -14.02 9.71
C ASP A 21 -11.31 -14.19 8.31
N GLY A 22 -11.55 -15.43 7.89
CA GLY A 22 -12.28 -15.77 6.65
C GLY A 22 -11.45 -15.54 5.36
N PRO A 23 -12.07 -15.06 4.26
CA PRO A 23 -11.41 -14.96 2.94
C PRO A 23 -10.20 -14.03 2.91
N HIS A 24 -10.21 -12.98 3.74
CA HIS A 24 -9.31 -11.82 3.64
C HIS A 24 -8.39 -11.67 4.85
N ALA A 25 -8.23 -12.69 5.70
CA ALA A 25 -7.42 -12.60 6.92
C ALA A 25 -6.00 -12.04 6.64
N GLY A 26 -5.65 -10.94 7.32
CA GLY A 26 -4.38 -10.21 7.16
C GLY A 26 -4.36 -9.15 6.04
N LEU A 27 -5.41 -9.03 5.21
CA LEU A 27 -5.55 -7.98 4.19
C LEU A 27 -6.10 -6.67 4.80
N PRO A 28 -5.76 -5.48 4.24
CA PRO A 28 -6.35 -4.20 4.64
C PRO A 28 -7.85 -4.13 4.35
N VAL A 29 -8.62 -3.38 5.17
CA VAL A 29 -10.08 -3.29 5.01
C VAL A 29 -10.50 -2.21 3.98
N THR A 30 -9.97 -0.99 4.06
CA THR A 30 -10.28 0.13 3.15
C THR A 30 -9.13 0.48 2.20
N ARG A 31 -9.39 1.35 1.20
CA ARG A 31 -8.35 1.95 0.34
C ARG A 31 -7.29 2.68 1.17
N SER A 32 -7.70 3.39 2.22
CA SER A 32 -6.78 4.08 3.15
C SER A 32 -5.98 3.10 4.02
N ASP A 33 -6.57 1.99 4.46
CA ASP A 33 -5.80 0.94 5.13
C ASP A 33 -4.72 0.36 4.20
N ALA A 34 -5.07 0.09 2.94
CA ALA A 34 -4.13 -0.38 1.92
C ALA A 34 -3.00 0.62 1.63
N ARG A 35 -3.35 1.91 1.48
CA ARG A 35 -2.39 3.01 1.33
C ARG A 35 -1.43 3.11 2.52
N VAL A 36 -1.95 3.00 3.74
CA VAL A 36 -1.15 3.12 4.97
C VAL A 36 -0.28 1.87 5.18
N LEU A 37 -0.76 0.69 4.80
CA LEU A 37 0.06 -0.53 4.76
C LEU A 37 1.26 -0.37 3.83
N ILE A 38 1.04 0.08 2.58
CA ILE A 38 2.12 0.35 1.62
C ILE A 38 3.08 1.39 2.20
N PHE A 39 2.57 2.49 2.76
CA PHE A 39 3.39 3.56 3.31
C PHE A 39 4.28 3.11 4.48
N ASN A 40 3.71 2.46 5.50
CA ASN A 40 4.46 1.96 6.65
C ASN A 40 5.50 0.89 6.26
N ASP A 41 5.13 -0.06 5.38
CA ASP A 41 6.06 -1.07 4.87
C ASP A 41 7.20 -0.44 4.05
N TRP A 42 6.88 0.52 3.17
CA TRP A 42 7.85 1.30 2.42
C TRP A 42 8.79 2.09 3.34
N GLU A 43 8.29 2.78 4.35
CA GLU A 43 9.10 3.55 5.30
C GLU A 43 10.07 2.65 6.07
N GLU A 44 9.63 1.51 6.59
CA GLU A 44 10.51 0.53 7.25
C GLU A 44 11.58 -0.02 6.29
N ARG A 45 11.16 -0.47 5.09
CA ARG A 45 12.10 -0.96 4.08
C ARG A 45 13.04 0.14 3.57
N LYS A 46 12.62 1.42 3.55
CA LYS A 46 13.47 2.58 3.22
C LYS A 46 14.51 2.86 4.32
N ARG A 47 14.13 2.72 5.60
CA ARG A 47 15.05 2.80 6.74
C ARG A 47 16.12 1.70 6.69
N SER A 48 15.77 0.51 6.16
CA SER A 48 16.77 -0.53 5.83
C SER A 48 17.56 -0.28 4.52
N GLU A 49 16.91 0.23 3.46
CA GLU A 49 17.43 0.33 2.08
C GLU A 49 16.96 1.67 1.42
N PRO A 50 17.80 2.72 1.39
CA PRO A 50 17.35 4.11 1.23
C PRO A 50 16.81 4.51 -0.17
N TRP A 51 16.97 3.64 -1.18
CA TRP A 51 16.57 3.85 -2.57
C TRP A 51 15.08 3.57 -2.87
N LEU A 52 14.30 3.13 -1.87
CA LEU A 52 12.96 2.55 -2.06
C LEU A 52 11.97 3.52 -2.75
N ARG A 53 11.36 3.11 -3.88
CA ARG A 53 10.31 3.87 -4.59
C ARG A 53 8.90 3.58 -4.04
N LEU A 54 8.05 4.62 -3.96
CA LEU A 54 6.69 4.56 -3.42
C LEU A 54 5.63 4.66 -4.54
N ASP A 55 4.72 3.68 -4.59
CA ASP A 55 3.65 3.56 -5.59
C ASP A 55 2.32 3.17 -4.90
N MET A 56 1.45 4.16 -4.58
CA MET A 56 0.17 3.93 -3.87
C MET A 56 -0.96 4.92 -4.23
N SER A 57 -1.14 5.19 -5.53
CA SER A 57 -2.37 5.80 -6.04
C SER A 57 -3.57 4.86 -5.80
N ASP A 58 -4.81 5.37 -5.96
CA ASP A 58 -6.00 4.53 -5.95
C ASP A 58 -5.96 3.45 -7.05
N LYS A 59 -5.35 3.77 -8.21
CA LYS A 59 -5.06 2.79 -9.28
C LYS A 59 -4.11 1.69 -8.78
N ALA A 60 -2.96 2.06 -8.21
CA ALA A 60 -1.99 1.08 -7.70
C ALA A 60 -2.57 0.20 -6.58
N ILE A 61 -3.39 0.78 -5.69
CA ILE A 61 -4.10 0.04 -4.62
C ILE A 61 -5.10 -0.95 -5.22
N PHE A 62 -5.98 -0.55 -6.14
CA PHE A 62 -6.94 -1.49 -6.75
C PHE A 62 -6.26 -2.53 -7.68
N ARG A 63 -5.12 -2.20 -8.30
CA ARG A 63 -4.36 -3.14 -9.16
C ARG A 63 -3.55 -4.17 -8.35
N ARG A 64 -2.93 -3.76 -7.23
CA ARG A 64 -2.17 -4.64 -6.32
C ARG A 64 -3.07 -5.45 -5.38
N TYR A 65 -4.16 -4.83 -4.92
CA TYR A 65 -5.15 -5.38 -4.00
C TYR A 65 -6.58 -5.23 -4.60
N PRO A 66 -7.04 -6.17 -5.44
CA PRO A 66 -8.36 -6.08 -6.06
C PRO A 66 -9.53 -6.23 -5.08
N HIS A 67 -9.29 -6.79 -3.88
CA HIS A 67 -10.31 -7.02 -2.86
C HIS A 67 -10.89 -5.73 -2.21
N LEU A 68 -10.26 -4.56 -2.44
CA LEU A 68 -10.79 -3.27 -1.99
C LEU A 68 -12.07 -2.85 -2.78
N ARG A 69 -12.39 -3.54 -3.88
CA ARG A 69 -13.68 -3.48 -4.59
C ARG A 69 -14.53 -4.74 -4.34
N MET A 1 0.26 -3.78 -26.85
CA MET A 1 -0.76 -2.92 -27.52
C MET A 1 -1.46 -2.02 -26.48
N ARG A 2 -1.79 -0.75 -26.85
CA ARG A 2 -2.47 0.26 -25.98
C ARG A 2 -1.80 0.47 -24.61
N GLY A 3 -0.47 0.52 -24.61
CA GLY A 3 0.35 0.69 -23.40
C GLY A 3 0.21 2.08 -22.76
N SER A 4 0.27 2.14 -21.42
CA SER A 4 0.19 3.37 -20.61
C SER A 4 0.89 3.20 -19.26
N HIS A 5 1.26 4.31 -18.61
CA HIS A 5 1.94 4.35 -17.30
C HIS A 5 1.53 5.59 -16.48
N HIS A 6 1.70 5.50 -15.16
CA HIS A 6 1.42 6.58 -14.19
C HIS A 6 2.35 6.51 -12.96
N HIS A 7 2.59 7.65 -12.33
CA HIS A 7 3.42 7.79 -11.11
C HIS A 7 2.78 8.83 -10.16
N HIS A 8 2.17 8.38 -9.07
CA HIS A 8 1.48 9.22 -8.09
C HIS A 8 1.40 8.57 -6.71
N HIS A 9 1.33 9.39 -5.64
CA HIS A 9 1.19 8.93 -4.26
C HIS A 9 0.62 10.01 -3.32
N HIS A 10 0.00 9.55 -2.23
CA HIS A 10 -0.39 10.35 -1.05
C HIS A 10 -0.47 9.43 0.18
N GLY A 11 -0.15 9.93 1.37
CA GLY A 11 -0.21 9.15 2.62
C GLY A 11 0.09 9.99 3.87
N SER A 12 -0.29 9.46 5.05
CA SER A 12 -0.29 10.20 6.33
C SER A 12 0.24 9.39 7.54
N GLY A 13 0.82 8.20 7.33
CA GLY A 13 1.29 7.33 8.41
C GLY A 13 0.15 6.70 9.23
N ALA A 14 0.32 6.62 10.55
CA ALA A 14 -0.61 5.98 11.51
C ALA A 14 -0.88 4.49 11.23
N LEU A 15 -1.90 3.91 11.89
CA LEU A 15 -2.22 2.48 11.87
C LEU A 15 -3.21 2.11 10.73
N ALA A 16 -2.99 0.96 10.08
CA ALA A 16 -3.96 0.32 9.19
C ALA A 16 -4.73 -0.80 9.93
N ALA A 17 -6.04 -0.88 9.72
CA ALA A 17 -6.89 -1.98 10.19
C ALA A 17 -6.90 -3.14 9.17
N LEU A 18 -6.94 -4.38 9.67
CA LEU A 18 -6.96 -5.62 8.87
C LEU A 18 -8.20 -6.47 9.17
N HIS A 19 -8.62 -7.30 8.21
CA HIS A 19 -9.58 -8.38 8.46
C HIS A 19 -8.92 -9.50 9.30
N ALA A 20 -9.63 -10.03 10.30
CA ALA A 20 -9.07 -11.03 11.22
C ALA A 20 -9.34 -12.50 10.81
N ASP A 21 -10.39 -12.76 10.02
CA ASP A 21 -10.91 -14.11 9.71
C ASP A 21 -11.47 -14.22 8.28
N GLY A 22 -11.77 -15.45 7.85
CA GLY A 22 -12.47 -15.74 6.59
C GLY A 22 -11.61 -15.53 5.33
N PRO A 23 -12.19 -15.07 4.19
CA PRO A 23 -11.50 -14.98 2.90
C PRO A 23 -10.29 -14.04 2.90
N HIS A 24 -10.33 -12.99 3.72
CA HIS A 24 -9.44 -11.83 3.66
C HIS A 24 -8.53 -11.69 4.89
N ALA A 25 -8.38 -12.73 5.72
CA ALA A 25 -7.57 -12.67 6.94
C ALA A 25 -6.14 -12.14 6.67
N GLY A 26 -5.76 -11.06 7.35
CA GLY A 26 -4.49 -10.35 7.19
C GLY A 26 -4.45 -9.28 6.08
N LEU A 27 -5.51 -9.13 5.27
CA LEU A 27 -5.64 -8.05 4.27
C LEU A 27 -6.17 -6.74 4.91
N PRO A 28 -5.81 -5.56 4.38
CA PRO A 28 -6.36 -4.27 4.82
C PRO A 28 -7.88 -4.18 4.58
N VAL A 29 -8.61 -3.49 5.44
CA VAL A 29 -10.09 -3.40 5.31
C VAL A 29 -10.51 -2.35 4.28
N THR A 30 -10.00 -1.12 4.36
CA THR A 30 -10.36 0.00 3.46
C THR A 30 -9.24 0.37 2.49
N ARG A 31 -9.55 1.24 1.50
CA ARG A 31 -8.54 1.87 0.63
C ARG A 31 -7.52 2.70 1.42
N SER A 32 -7.95 3.33 2.52
CA SER A 32 -7.07 4.04 3.46
C SER A 32 -6.14 3.06 4.19
N ASP A 33 -6.64 1.91 4.65
CA ASP A 33 -5.80 0.87 5.24
C ASP A 33 -4.76 0.34 4.24
N ALA A 34 -5.16 0.11 2.98
CA ALA A 34 -4.26 -0.33 1.91
C ALA A 34 -3.17 0.73 1.59
N ARG A 35 -3.55 2.01 1.52
CA ARG A 35 -2.63 3.16 1.39
C ARG A 35 -1.62 3.22 2.55
N VAL A 36 -2.09 3.04 3.78
CA VAL A 36 -1.26 3.11 4.99
C VAL A 36 -0.34 1.90 5.09
N LEU A 37 -0.80 0.72 4.66
CA LEU A 37 0.08 -0.47 4.55
C LEU A 37 1.20 -0.24 3.53
N ILE A 38 0.90 0.24 2.31
CA ILE A 38 1.93 0.55 1.30
C ILE A 38 2.95 1.54 1.88
N PHE A 39 2.46 2.62 2.52
CA PHE A 39 3.33 3.63 3.08
C PHE A 39 4.21 3.13 4.23
N ASN A 40 3.63 2.51 5.26
CA ASN A 40 4.37 2.01 6.43
C ASN A 40 5.37 0.89 6.05
N ASP A 41 4.97 -0.05 5.17
CA ASP A 41 5.85 -1.11 4.68
C ASP A 41 7.02 -0.54 3.87
N TRP A 42 6.74 0.39 2.94
CA TRP A 42 7.79 1.15 2.26
C TRP A 42 8.70 1.87 3.25
N GLU A 43 8.18 2.58 4.25
CA GLU A 43 8.99 3.36 5.18
C GLU A 43 9.96 2.47 5.99
N GLU A 44 9.50 1.32 6.50
CA GLU A 44 10.36 0.34 7.17
C GLU A 44 11.44 -0.20 6.21
N ARG A 45 11.05 -0.63 5.01
CA ARG A 45 12.00 -1.09 3.97
C ARG A 45 12.93 0.03 3.49
N LYS A 46 12.52 1.30 3.54
CA LYS A 46 13.31 2.50 3.15
C LYS A 46 14.28 2.94 4.24
N ARG A 47 13.93 2.75 5.52
CA ARG A 47 14.87 2.84 6.65
C ARG A 47 15.94 1.74 6.58
N SER A 48 15.58 0.53 6.10
CA SER A 48 16.53 -0.54 5.83
C SER A 48 17.39 -0.31 4.55
N GLU A 49 16.77 0.17 3.46
CA GLU A 49 17.36 0.30 2.11
C GLU A 49 16.98 1.66 1.48
N PRO A 50 17.88 2.67 1.45
CA PRO A 50 17.51 4.07 1.21
C PRO A 50 17.03 4.40 -0.21
N TRP A 51 17.18 3.49 -1.16
CA TRP A 51 16.81 3.64 -2.59
C TRP A 51 15.33 3.35 -2.90
N LEU A 52 14.53 2.91 -1.91
CA LEU A 52 13.19 2.35 -2.14
C LEU A 52 12.22 3.34 -2.82
N ARG A 53 11.60 2.95 -3.94
CA ARG A 53 10.59 3.72 -4.68
C ARG A 53 9.16 3.50 -4.14
N LEU A 54 8.35 4.56 -4.10
CA LEU A 54 6.98 4.57 -3.54
C LEU A 54 5.97 5.08 -4.58
N ASP A 55 4.92 4.29 -4.85
CA ASP A 55 3.76 4.66 -5.67
C ASP A 55 2.46 4.10 -5.05
N MET A 56 1.42 4.94 -4.97
CA MET A 56 0.09 4.58 -4.44
C MET A 56 -1.00 5.57 -4.85
N SER A 57 -1.40 5.53 -6.13
CA SER A 57 -2.71 6.02 -6.58
C SER A 57 -3.83 5.06 -6.16
N ASP A 58 -5.09 5.45 -6.34
CA ASP A 58 -6.23 4.52 -6.16
C ASP A 58 -6.13 3.32 -7.13
N LYS A 59 -5.67 3.57 -8.37
CA LYS A 59 -5.41 2.51 -9.37
C LYS A 59 -4.32 1.56 -8.91
N ALA A 60 -3.23 2.07 -8.32
CA ALA A 60 -2.17 1.25 -7.74
C ALA A 60 -2.66 0.43 -6.52
N ILE A 61 -3.53 0.99 -5.67
CA ILE A 61 -4.16 0.26 -4.55
C ILE A 61 -5.03 -0.88 -5.10
N PHE A 62 -5.86 -0.66 -6.13
CA PHE A 62 -6.66 -1.73 -6.75
C PHE A 62 -5.82 -2.77 -7.50
N ARG A 63 -4.67 -2.41 -8.08
CA ARG A 63 -3.74 -3.35 -8.75
C ARG A 63 -2.91 -4.18 -7.77
N ARG A 64 -2.47 -3.58 -6.65
CA ARG A 64 -1.68 -4.24 -5.59
C ARG A 64 -2.54 -5.08 -4.64
N TYR A 65 -3.78 -4.64 -4.41
CA TYR A 65 -4.79 -5.30 -3.57
C TYR A 65 -6.17 -5.28 -4.29
N PRO A 66 -6.57 -6.34 -5.01
CA PRO A 66 -7.79 -6.35 -5.82
C PRO A 66 -9.10 -6.42 -5.02
N HIS A 67 -9.04 -6.76 -3.72
CA HIS A 67 -10.22 -6.93 -2.86
C HIS A 67 -10.84 -5.60 -2.38
N LEU A 68 -10.18 -4.45 -2.56
CA LEU A 68 -10.72 -3.14 -2.14
C LEU A 68 -11.87 -2.66 -3.04
N ARG A 69 -11.94 -3.10 -4.31
CA ARG A 69 -12.98 -2.74 -5.26
C ARG A 69 -14.31 -3.47 -4.99
N MET A 1 5.47 -7.09 -27.27
CA MET A 1 6.20 -6.31 -26.21
C MET A 1 5.25 -5.43 -25.39
N ARG A 2 4.85 -4.24 -25.89
CA ARG A 2 4.14 -3.16 -25.15
C ARG A 2 4.87 -2.67 -23.87
N GLY A 3 4.35 -1.61 -23.26
CA GLY A 3 4.89 -1.01 -22.02
C GLY A 3 4.07 0.18 -21.50
N SER A 4 4.19 0.49 -20.21
CA SER A 4 3.54 1.62 -19.53
C SER A 4 4.33 2.07 -18.29
N HIS A 5 4.13 3.33 -17.87
CA HIS A 5 4.84 3.96 -16.74
C HIS A 5 3.92 4.49 -15.62
N HIS A 6 2.72 4.97 -15.96
CA HIS A 6 1.74 5.59 -15.05
C HIS A 6 2.31 6.75 -14.20
N HIS A 7 1.61 7.19 -13.15
CA HIS A 7 2.02 8.25 -12.21
C HIS A 7 1.66 7.89 -10.76
N HIS A 8 2.48 8.32 -9.79
CA HIS A 8 2.41 7.92 -8.39
C HIS A 8 2.05 9.08 -7.42
N HIS A 9 1.16 8.78 -6.47
CA HIS A 9 0.82 9.64 -5.32
C HIS A 9 1.43 9.11 -4.01
N HIS A 10 1.69 10.01 -3.05
CA HIS A 10 2.57 9.77 -1.89
C HIS A 10 2.06 10.41 -0.58
N GLY A 11 2.70 10.01 0.55
CA GLY A 11 2.41 10.52 1.90
C GLY A 11 1.24 9.80 2.62
N SER A 12 1.46 9.47 3.89
CA SER A 12 0.43 9.00 4.84
C SER A 12 0.83 9.32 6.30
N GLY A 13 -0.06 9.06 7.27
CA GLY A 13 0.13 9.44 8.68
C GLY A 13 -0.92 8.90 9.65
N ALA A 14 -1.33 7.64 9.49
CA ALA A 14 -2.37 6.98 10.29
C ALA A 14 -2.03 5.50 10.59
N LEU A 15 -2.87 4.82 11.38
CA LEU A 15 -2.87 3.36 11.59
C LEU A 15 -3.84 2.67 10.62
N ALA A 16 -3.58 1.39 10.29
CA ALA A 16 -4.43 0.57 9.41
C ALA A 16 -5.24 -0.47 10.20
N ALA A 17 -6.48 -0.71 9.75
CA ALA A 17 -7.28 -1.87 10.14
C ALA A 17 -7.12 -3.03 9.11
N LEU A 18 -7.12 -4.26 9.60
CA LEU A 18 -7.02 -5.48 8.79
C LEU A 18 -8.16 -6.46 9.13
N HIS A 19 -8.53 -7.30 8.16
CA HIS A 19 -9.44 -8.44 8.39
C HIS A 19 -8.71 -9.53 9.19
N ALA A 20 -9.36 -10.07 10.22
CA ALA A 20 -8.76 -11.08 11.10
C ALA A 20 -9.08 -12.54 10.72
N ASP A 21 -10.16 -12.77 9.95
CA ASP A 21 -10.74 -14.09 9.69
C ASP A 21 -11.41 -14.16 8.30
N GLY A 22 -11.76 -15.37 7.85
CA GLY A 22 -12.53 -15.62 6.63
C GLY A 22 -11.72 -15.43 5.33
N PRO A 23 -12.33 -14.91 4.23
CA PRO A 23 -11.69 -14.85 2.91
C PRO A 23 -10.45 -13.95 2.85
N HIS A 24 -10.41 -12.91 3.69
CA HIS A 24 -9.47 -11.78 3.58
C HIS A 24 -8.50 -11.69 4.78
N ALA A 25 -8.37 -12.72 5.60
CA ALA A 25 -7.51 -12.70 6.79
C ALA A 25 -6.07 -12.23 6.46
N GLY A 26 -5.63 -11.16 7.13
CA GLY A 26 -4.32 -10.51 6.90
C GLY A 26 -4.30 -9.44 5.80
N LEU A 27 -5.42 -9.13 5.15
CA LEU A 27 -5.55 -8.01 4.19
C LEU A 27 -6.02 -6.71 4.88
N PRO A 28 -5.69 -5.51 4.33
CA PRO A 28 -6.30 -4.24 4.75
C PRO A 28 -7.81 -4.22 4.52
N VAL A 29 -8.59 -3.48 5.33
CA VAL A 29 -10.04 -3.39 5.15
C VAL A 29 -10.44 -2.35 4.10
N THR A 30 -9.90 -1.12 4.16
CA THR A 30 -10.24 -0.01 3.26
C THR A 30 -9.10 0.39 2.30
N ARG A 31 -9.41 1.25 1.31
CA ARG A 31 -8.39 1.91 0.45
C ARG A 31 -7.36 2.67 1.29
N SER A 32 -7.80 3.36 2.34
CA SER A 32 -6.92 4.07 3.28
C SER A 32 -6.04 3.10 4.09
N ASP A 33 -6.57 1.97 4.54
CA ASP A 33 -5.77 0.93 5.21
C ASP A 33 -4.69 0.39 4.27
N ALA A 34 -5.03 0.09 3.01
CA ALA A 34 -4.08 -0.35 1.99
C ALA A 34 -2.99 0.70 1.72
N ARG A 35 -3.37 1.99 1.60
CA ARG A 35 -2.43 3.11 1.45
C ARG A 35 -1.49 3.25 2.66
N VAL A 36 -2.01 3.11 3.88
CA VAL A 36 -1.22 3.18 5.13
C VAL A 36 -0.25 2.01 5.21
N LEU A 37 -0.71 0.80 4.86
CA LEU A 37 0.14 -0.40 4.87
C LEU A 37 1.28 -0.29 3.84
N ILE A 38 0.99 0.14 2.61
CA ILE A 38 2.03 0.40 1.60
C ILE A 38 3.03 1.44 2.13
N PHE A 39 2.55 2.55 2.69
CA PHE A 39 3.42 3.62 3.20
C PHE A 39 4.32 3.17 4.36
N ASN A 40 3.76 2.60 5.42
CA ASN A 40 4.52 2.12 6.58
C ASN A 40 5.54 1.02 6.21
N ASP A 41 5.14 0.06 5.36
CA ASP A 41 6.04 -1.00 4.91
C ASP A 41 7.17 -0.46 4.02
N TRP A 42 6.87 0.45 3.10
CA TRP A 42 7.87 1.20 2.32
C TRP A 42 8.81 1.99 3.23
N GLU A 43 8.31 2.75 4.20
CA GLU A 43 9.09 3.58 5.10
C GLU A 43 10.07 2.75 5.94
N GLU A 44 9.66 1.57 6.44
CA GLU A 44 10.56 0.69 7.17
C GLU A 44 11.60 0.04 6.25
N ARG A 45 11.21 -0.45 5.07
CA ARG A 45 12.17 -0.92 4.06
C ARG A 45 13.10 0.21 3.61
N LYS A 46 12.67 1.47 3.59
CA LYS A 46 13.48 2.65 3.27
C LYS A 46 14.49 2.99 4.37
N ARG A 47 14.12 2.80 5.65
CA ARG A 47 15.06 2.85 6.79
C ARG A 47 16.14 1.75 6.68
N SER A 48 15.79 0.57 6.15
CA SER A 48 16.78 -0.48 5.84
C SER A 48 17.60 -0.22 4.54
N GLU A 49 16.97 0.29 3.49
CA GLU A 49 17.49 0.38 2.11
C GLU A 49 17.01 1.70 1.44
N PRO A 50 17.85 2.75 1.34
CA PRO A 50 17.39 4.14 1.15
C PRO A 50 16.84 4.48 -0.24
N TRP A 51 16.99 3.60 -1.23
CA TRP A 51 16.59 3.79 -2.63
C TRP A 51 15.11 3.49 -2.94
N LEU A 52 14.32 3.09 -1.94
CA LEU A 52 12.99 2.48 -2.12
C LEU A 52 11.98 3.40 -2.86
N ARG A 53 11.36 2.91 -3.94
CA ARG A 53 10.31 3.60 -4.71
C ARG A 53 8.89 3.34 -4.14
N LEU A 54 8.02 4.35 -4.17
CA LEU A 54 6.67 4.32 -3.58
C LEU A 54 5.58 4.49 -4.66
N ASP A 55 4.59 3.60 -4.66
CA ASP A 55 3.43 3.62 -5.57
C ASP A 55 2.13 3.30 -4.80
N MET A 56 1.29 4.31 -4.52
CA MET A 56 0.01 4.13 -3.80
C MET A 56 -1.09 5.12 -4.21
N SER A 57 -1.11 5.49 -5.49
CA SER A 57 -2.30 6.01 -6.16
C SER A 57 -3.43 4.98 -6.08
N ASP A 58 -4.70 5.39 -6.10
CA ASP A 58 -5.82 4.45 -5.88
C ASP A 58 -5.89 3.35 -6.95
N LYS A 59 -5.53 3.66 -8.21
CA LYS A 59 -5.37 2.65 -9.27
C LYS A 59 -4.30 1.60 -8.92
N ALA A 60 -3.18 2.01 -8.35
CA ALA A 60 -2.14 1.09 -7.86
C ALA A 60 -2.61 0.26 -6.65
N ILE A 61 -3.40 0.84 -5.75
CA ILE A 61 -4.07 0.10 -4.64
C ILE A 61 -5.01 -0.97 -5.21
N PHE A 62 -5.86 -0.64 -6.19
CA PHE A 62 -6.76 -1.62 -6.83
C PHE A 62 -6.03 -2.69 -7.65
N ARG A 63 -4.86 -2.38 -8.26
CA ARG A 63 -4.03 -3.36 -9.00
C ARG A 63 -3.22 -4.29 -8.09
N ARG A 64 -2.70 -3.77 -6.96
CA ARG A 64 -1.95 -4.56 -5.95
C ARG A 64 -2.89 -5.38 -5.05
N TYR A 65 -4.07 -4.84 -4.74
CA TYR A 65 -5.09 -5.40 -3.86
C TYR A 65 -6.49 -5.25 -4.50
N PRO A 66 -6.96 -6.21 -5.31
CA PRO A 66 -8.25 -6.10 -6.01
C PRO A 66 -9.47 -6.18 -5.09
N HIS A 67 -9.31 -6.69 -3.86
CA HIS A 67 -10.41 -6.83 -2.88
C HIS A 67 -10.94 -5.49 -2.32
N LEU A 68 -10.25 -4.36 -2.55
CA LEU A 68 -10.74 -3.03 -2.17
C LEU A 68 -11.92 -2.54 -3.04
N ARG A 69 -12.25 -3.25 -4.13
CA ARG A 69 -13.48 -3.08 -4.92
C ARG A 69 -14.49 -4.20 -4.67
N MET A 1 -6.32 3.04 -22.93
CA MET A 1 -7.04 1.74 -23.14
C MET A 1 -6.17 0.53 -22.74
N ARG A 2 -5.19 0.13 -23.56
CA ARG A 2 -4.27 -1.00 -23.24
C ARG A 2 -3.18 -0.59 -22.25
N GLY A 3 -2.59 0.60 -22.44
CA GLY A 3 -1.75 1.28 -21.45
C GLY A 3 -2.57 2.02 -20.38
N SER A 4 -1.93 2.33 -19.25
CA SER A 4 -2.53 3.05 -18.12
C SER A 4 -1.46 3.84 -17.35
N HIS A 5 -0.44 3.14 -16.83
CA HIS A 5 0.82 3.67 -16.29
C HIS A 5 0.64 4.72 -15.17
N HIS A 6 -0.40 4.57 -14.35
CA HIS A 6 -0.65 5.40 -13.16
C HIS A 6 0.32 5.05 -12.01
N HIS A 7 0.73 6.07 -11.24
CA HIS A 7 1.71 5.94 -10.15
C HIS A 7 1.31 6.71 -8.88
N HIS A 8 1.37 8.05 -8.94
CA HIS A 8 1.04 9.05 -7.90
C HIS A 8 1.80 8.95 -6.56
N HIS A 9 1.96 10.10 -5.90
CA HIS A 9 2.64 10.25 -4.60
C HIS A 9 1.69 10.74 -3.50
N HIS A 10 1.75 10.09 -2.34
CA HIS A 10 1.02 10.38 -1.10
C HIS A 10 1.88 10.01 0.12
N GLY A 11 1.43 10.39 1.32
CA GLY A 11 2.00 9.90 2.59
C GLY A 11 1.04 10.09 3.77
N SER A 12 0.89 9.05 4.59
CA SER A 12 0.04 9.06 5.80
C SER A 12 0.57 8.07 6.85
N GLY A 13 1.35 8.59 7.81
CA GLY A 13 1.88 7.81 8.94
C GLY A 13 0.81 7.54 10.00
N ALA A 14 0.16 6.38 9.89
CA ALA A 14 -0.98 5.97 10.72
C ALA A 14 -1.00 4.45 10.98
N LEU A 15 -1.99 3.97 11.73
CA LEU A 15 -2.33 2.54 11.86
C LEU A 15 -3.27 2.10 10.71
N ALA A 16 -3.19 0.83 10.31
CA ALA A 16 -4.09 0.20 9.34
C ALA A 16 -4.90 -0.93 9.99
N ALA A 17 -6.22 -0.96 9.74
CA ALA A 17 -7.09 -2.06 10.15
C ALA A 17 -7.05 -3.21 9.13
N LEU A 18 -7.10 -4.44 9.62
CA LEU A 18 -7.09 -5.68 8.82
C LEU A 18 -8.33 -6.53 9.11
N HIS A 19 -8.74 -7.36 8.15
CA HIS A 19 -9.70 -8.45 8.41
C HIS A 19 -9.02 -9.55 9.25
N ALA A 20 -9.69 -10.06 10.27
CA ALA A 20 -9.11 -11.03 11.22
C ALA A 20 -9.32 -12.51 10.82
N ASP A 21 -10.34 -12.80 10.01
CA ASP A 21 -10.81 -14.18 9.74
C ASP A 21 -11.45 -14.32 8.34
N GLY A 22 -11.70 -15.55 7.90
CA GLY A 22 -12.44 -15.86 6.67
C GLY A 22 -11.65 -15.61 5.37
N PRO A 23 -12.29 -15.11 4.29
CA PRO A 23 -11.67 -15.00 2.96
C PRO A 23 -10.45 -14.06 2.92
N HIS A 24 -10.45 -13.02 3.76
CA HIS A 24 -9.54 -11.88 3.67
C HIS A 24 -8.60 -11.75 4.87
N ALA A 25 -8.43 -12.79 5.69
CA ALA A 25 -7.61 -12.74 6.91
C ALA A 25 -6.19 -12.19 6.63
N GLY A 26 -5.82 -11.11 7.32
CA GLY A 26 -4.56 -10.39 7.17
C GLY A 26 -4.53 -9.32 6.06
N LEU A 27 -5.59 -9.17 5.25
CA LEU A 27 -5.72 -8.10 4.25
C LEU A 27 -6.23 -6.78 4.89
N PRO A 28 -5.85 -5.61 4.35
CA PRO A 28 -6.39 -4.31 4.79
C PRO A 28 -7.89 -4.18 4.50
N VAL A 29 -8.64 -3.47 5.36
CA VAL A 29 -10.10 -3.34 5.19
C VAL A 29 -10.49 -2.26 4.17
N THR A 30 -9.93 -1.05 4.27
CA THR A 30 -10.25 0.10 3.39
C THR A 30 -9.12 0.46 2.41
N ARG A 31 -9.43 1.34 1.44
CA ARG A 31 -8.42 1.98 0.55
C ARG A 31 -7.33 2.70 1.37
N SER A 32 -7.71 3.39 2.44
CA SER A 32 -6.77 4.03 3.37
C SER A 32 -5.93 3.01 4.14
N ASP A 33 -6.50 1.89 4.60
CA ASP A 33 -5.71 0.82 5.22
C ASP A 33 -4.67 0.25 4.25
N ALA A 34 -5.03 0.03 2.98
CA ALA A 34 -4.12 -0.43 1.94
C ALA A 34 -3.02 0.60 1.63
N ARG A 35 -3.36 1.89 1.51
CA ARG A 35 -2.39 2.99 1.37
C ARG A 35 -1.43 3.08 2.57
N VAL A 36 -1.95 2.94 3.79
CA VAL A 36 -1.16 3.05 5.03
C VAL A 36 -0.25 1.82 5.20
N LEU A 37 -0.69 0.63 4.78
CA LEU A 37 0.17 -0.55 4.70
C LEU A 37 1.32 -0.34 3.72
N ILE A 38 1.05 0.08 2.47
CA ILE A 38 2.08 0.38 1.48
C ILE A 38 3.06 1.42 2.03
N PHE A 39 2.54 2.49 2.63
CA PHE A 39 3.35 3.57 3.18
C PHE A 39 4.24 3.15 4.35
N ASN A 40 3.68 2.57 5.41
CA ASN A 40 4.44 2.15 6.59
C ASN A 40 5.48 1.05 6.27
N ASP A 41 5.10 0.06 5.44
CA ASP A 41 6.04 -0.96 4.98
C ASP A 41 7.17 -0.33 4.17
N TRP A 42 6.86 0.53 3.18
CA TRP A 42 7.87 1.29 2.45
C TRP A 42 8.74 2.11 3.40
N GLU A 43 8.21 2.81 4.39
CA GLU A 43 9.00 3.64 5.31
C GLU A 43 10.02 2.80 6.10
N GLU A 44 9.63 1.63 6.61
CA GLU A 44 10.56 0.69 7.24
C GLU A 44 11.61 0.16 6.25
N ARG A 45 11.17 -0.29 5.06
CA ARG A 45 12.05 -0.80 3.99
C ARG A 45 13.01 0.29 3.48
N LYS A 46 12.59 1.57 3.51
CA LYS A 46 13.36 2.76 3.13
C LYS A 46 14.37 3.14 4.22
N ARG A 47 14.05 2.91 5.50
CA ARG A 47 14.98 2.99 6.63
C ARG A 47 16.10 1.95 6.54
N SER A 48 15.80 0.72 6.13
CA SER A 48 16.82 -0.33 5.93
C SER A 48 17.55 -0.28 4.57
N GLU A 49 16.88 0.14 3.50
CA GLU A 49 17.39 0.20 2.11
C GLU A 49 17.02 1.55 1.45
N PRO A 50 17.94 2.53 1.38
CA PRO A 50 17.61 3.95 1.14
C PRO A 50 17.10 4.29 -0.28
N TRP A 51 17.21 3.35 -1.23
CA TRP A 51 16.80 3.52 -2.64
C TRP A 51 15.30 3.29 -2.90
N LEU A 52 14.50 2.89 -1.89
CA LEU A 52 13.14 2.39 -2.07
C LEU A 52 12.20 3.44 -2.71
N ARG A 53 11.62 3.13 -3.89
CA ARG A 53 10.63 3.98 -4.57
C ARG A 53 9.19 3.70 -4.08
N LEU A 54 8.41 4.76 -3.91
CA LEU A 54 7.00 4.72 -3.47
C LEU A 54 6.07 5.23 -4.59
N ASP A 55 5.08 4.42 -4.97
CA ASP A 55 3.96 4.81 -5.86
C ASP A 55 2.67 4.17 -5.33
N MET A 56 1.62 4.95 -5.06
CA MET A 56 0.38 4.43 -4.43
C MET A 56 -0.90 5.26 -4.74
N SER A 57 -1.21 5.46 -6.02
CA SER A 57 -2.54 5.89 -6.47
C SER A 57 -3.64 4.90 -6.07
N ASP A 58 -4.91 5.33 -6.14
CA ASP A 58 -6.05 4.40 -6.01
C ASP A 58 -5.98 3.27 -7.05
N LYS A 59 -5.52 3.57 -8.27
CA LYS A 59 -5.30 2.55 -9.32
C LYS A 59 -4.26 1.53 -8.88
N ALA A 60 -3.13 1.95 -8.32
CA ALA A 60 -2.09 1.06 -7.79
C ALA A 60 -2.62 0.20 -6.61
N ILE A 61 -3.42 0.78 -5.71
CA ILE A 61 -4.09 0.07 -4.60
C ILE A 61 -5.05 -1.00 -5.15
N PHE A 62 -5.93 -0.67 -6.11
CA PHE A 62 -6.83 -1.66 -6.73
C PHE A 62 -6.11 -2.73 -7.56
N ARG A 63 -5.01 -2.38 -8.24
CA ARG A 63 -4.21 -3.33 -9.06
C ARG A 63 -3.40 -4.31 -8.20
N ARG A 64 -2.85 -3.85 -7.06
CA ARG A 64 -2.10 -4.69 -6.10
C ARG A 64 -3.02 -5.50 -5.19
N TYR A 65 -4.14 -4.90 -4.77
CA TYR A 65 -5.15 -5.47 -3.88
C TYR A 65 -6.57 -5.33 -4.50
N PRO A 66 -7.06 -6.32 -5.26
CA PRO A 66 -8.36 -6.23 -5.94
C PRO A 66 -9.57 -6.25 -4.99
N HIS A 67 -9.41 -6.72 -3.75
CA HIS A 67 -10.49 -6.85 -2.76
C HIS A 67 -11.00 -5.50 -2.20
N LEU A 68 -10.31 -4.37 -2.47
CA LEU A 68 -10.77 -3.03 -2.09
C LEU A 68 -11.93 -2.52 -2.98
N ARG A 69 -12.23 -3.21 -4.10
CA ARG A 69 -13.42 -2.99 -4.94
C ARG A 69 -14.60 -3.89 -4.53
N MET A 1 12.16 1.18 -27.92
CA MET A 1 12.69 1.60 -26.58
C MET A 1 12.10 2.96 -26.17
N ARG A 2 10.97 2.95 -25.45
CA ARG A 2 10.27 4.16 -24.97
C ARG A 2 9.52 3.88 -23.66
N GLY A 3 9.84 4.62 -22.59
CA GLY A 3 9.16 4.53 -21.28
C GLY A 3 9.33 5.79 -20.42
N SER A 4 8.56 5.88 -19.34
CA SER A 4 8.63 6.94 -18.32
C SER A 4 7.90 6.53 -17.03
N HIS A 5 8.31 7.07 -15.88
CA HIS A 5 7.67 6.83 -14.57
C HIS A 5 7.93 7.95 -13.55
N HIS A 6 7.10 7.98 -12.49
CA HIS A 6 7.29 8.76 -11.25
C HIS A 6 6.98 7.88 -10.02
N HIS A 7 7.59 8.18 -8.87
CA HIS A 7 7.54 7.32 -7.67
C HIS A 7 7.35 8.13 -6.36
N HIS A 8 6.56 9.20 -6.43
CA HIS A 8 6.42 10.22 -5.38
C HIS A 8 4.95 10.49 -5.04
N HIS A 9 4.53 10.13 -3.82
CA HIS A 9 3.21 10.46 -3.24
C HIS A 9 3.26 10.44 -1.70
N HIS A 10 2.38 11.20 -1.05
CA HIS A 10 2.27 11.29 0.42
C HIS A 10 0.83 11.64 0.87
N GLY A 11 0.52 11.35 2.14
CA GLY A 11 -0.75 11.68 2.78
C GLY A 11 -1.07 10.86 4.04
N SER A 12 -0.51 9.65 4.15
CA SER A 12 -0.66 8.75 5.30
C SER A 12 0.12 9.19 6.55
N GLY A 13 -0.42 8.87 7.73
CA GLY A 13 0.16 9.20 9.04
C GLY A 13 -0.55 8.53 10.23
N ALA A 14 -0.99 7.28 10.04
CA ALA A 14 -1.86 6.53 10.95
C ALA A 14 -1.55 5.02 10.94
N LEU A 15 -2.32 4.22 11.71
CA LEU A 15 -2.30 2.75 11.66
C LEU A 15 -3.30 2.23 10.61
N ALA A 16 -2.99 1.07 10.00
CA ALA A 16 -3.92 0.34 9.11
C ALA A 16 -4.70 -0.73 9.89
N ALA A 17 -6.02 -0.80 9.66
CA ALA A 17 -6.86 -1.91 10.12
C ALA A 17 -6.86 -3.06 9.09
N LEU A 18 -6.83 -4.31 9.59
CA LEU A 18 -6.80 -5.52 8.77
C LEU A 18 -8.00 -6.43 9.11
N HIS A 19 -8.45 -7.25 8.15
CA HIS A 19 -9.41 -8.33 8.41
C HIS A 19 -8.77 -9.44 9.25
N ALA A 20 -9.49 -9.98 10.23
CA ALA A 20 -8.96 -10.97 11.18
C ALA A 20 -9.22 -12.44 10.77
N ASP A 21 -10.25 -12.70 9.98
CA ASP A 21 -10.78 -14.04 9.70
C ASP A 21 -11.34 -14.18 8.26
N GLY A 22 -11.63 -15.42 7.84
CA GLY A 22 -12.35 -15.72 6.59
C GLY A 22 -11.50 -15.52 5.32
N PRO A 23 -12.08 -15.04 4.20
CA PRO A 23 -11.40 -14.96 2.90
C PRO A 23 -10.18 -14.02 2.89
N HIS A 24 -10.22 -12.97 3.72
CA HIS A 24 -9.34 -11.80 3.65
C HIS A 24 -8.41 -11.65 4.85
N ALA A 25 -8.25 -12.67 5.69
CA ALA A 25 -7.42 -12.60 6.90
C ALA A 25 -6.00 -12.06 6.61
N GLY A 26 -5.62 -10.96 7.28
CA GLY A 26 -4.35 -10.24 7.09
C GLY A 26 -4.34 -9.18 5.99
N LEU A 27 -5.41 -9.05 5.18
CA LEU A 27 -5.57 -7.98 4.18
C LEU A 27 -6.07 -6.68 4.82
N PRO A 28 -5.74 -5.49 4.26
CA PRO A 28 -6.31 -4.21 4.70
C PRO A 28 -7.82 -4.13 4.48
N VAL A 29 -8.56 -3.45 5.37
CA VAL A 29 -10.02 -3.35 5.26
C VAL A 29 -10.45 -2.27 4.27
N THR A 30 -9.96 -1.03 4.40
CA THR A 30 -10.30 0.10 3.52
C THR A 30 -9.20 0.45 2.52
N ARG A 31 -9.52 1.32 1.55
CA ARG A 31 -8.54 1.87 0.57
C ARG A 31 -7.46 2.69 1.27
N SER A 32 -7.81 3.42 2.34
CA SER A 32 -6.85 4.07 3.23
C SER A 32 -6.00 3.07 4.01
N ASP A 33 -6.56 1.97 4.52
CA ASP A 33 -5.76 0.92 5.17
C ASP A 33 -4.73 0.33 4.21
N ALA A 34 -5.10 0.10 2.95
CA ALA A 34 -4.19 -0.37 1.89
C ALA A 34 -3.07 0.63 1.58
N ARG A 35 -3.41 1.92 1.44
CA ARG A 35 -2.43 3.02 1.28
C ARG A 35 -1.48 3.13 2.47
N VAL A 36 -1.99 2.98 3.70
CA VAL A 36 -1.21 3.08 4.94
C VAL A 36 -0.31 1.86 5.10
N LEU A 37 -0.76 0.66 4.71
CA LEU A 37 0.07 -0.54 4.64
C LEU A 37 1.25 -0.36 3.69
N ILE A 38 0.99 0.11 2.46
CA ILE A 38 2.04 0.42 1.48
C ILE A 38 3.02 1.43 2.06
N PHE A 39 2.52 2.53 2.63
CA PHE A 39 3.36 3.60 3.16
C PHE A 39 4.26 3.15 4.32
N ASN A 40 3.69 2.54 5.35
CA ASN A 40 4.42 2.02 6.51
C ASN A 40 5.47 0.96 6.11
N ASP A 41 5.10 0.00 5.25
CA ASP A 41 6.03 -1.01 4.74
C ASP A 41 7.18 -0.38 3.94
N TRP A 42 6.86 0.57 3.04
CA TRP A 42 7.86 1.34 2.30
C TRP A 42 8.80 2.11 3.23
N GLU A 43 8.29 2.84 4.23
CA GLU A 43 9.13 3.66 5.10
C GLU A 43 10.02 2.83 6.05
N GLU A 44 9.55 1.67 6.52
CA GLU A 44 10.36 0.71 7.26
C GLU A 44 11.46 0.10 6.38
N ARG A 45 11.10 -0.39 5.19
CA ARG A 45 12.10 -0.90 4.23
C ARG A 45 13.01 0.22 3.69
N LYS A 46 12.59 1.49 3.70
CA LYS A 46 13.45 2.66 3.40
C LYS A 46 14.47 2.93 4.50
N ARG A 47 14.10 2.76 5.78
CA ARG A 47 15.09 2.73 6.88
C ARG A 47 16.10 1.60 6.72
N SER A 48 15.67 0.43 6.23
CA SER A 48 16.61 -0.66 5.88
C SER A 48 17.46 -0.40 4.62
N GLU A 49 16.88 0.16 3.56
CA GLU A 49 17.43 0.30 2.21
C GLU A 49 16.97 1.64 1.57
N PRO A 50 17.82 2.68 1.49
CA PRO A 50 17.38 4.08 1.30
C PRO A 50 16.82 4.43 -0.10
N TRP A 51 16.97 3.54 -1.09
CA TRP A 51 16.59 3.73 -2.50
C TRP A 51 15.12 3.42 -2.84
N LEU A 52 14.30 3.09 -1.85
CA LEU A 52 12.98 2.47 -2.05
C LEU A 52 11.99 3.38 -2.83
N ARG A 53 11.40 2.87 -3.92
CA ARG A 53 10.33 3.52 -4.72
C ARG A 53 8.94 3.39 -4.07
N LEU A 54 8.06 4.38 -4.25
CA LEU A 54 6.71 4.41 -3.66
C LEU A 54 5.63 4.62 -4.74
N ASP A 55 4.63 3.72 -4.77
CA ASP A 55 3.44 3.80 -5.63
C ASP A 55 2.17 3.43 -4.83
N MET A 56 1.30 4.41 -4.55
CA MET A 56 0.08 4.19 -3.75
C MET A 56 -1.12 5.08 -4.14
N SER A 57 -1.21 5.46 -5.41
CA SER A 57 -2.43 6.07 -5.99
C SER A 57 -3.57 5.04 -6.02
N ASP A 58 -4.82 5.48 -6.13
CA ASP A 58 -6.01 4.60 -6.06
C ASP A 58 -5.94 3.42 -7.04
N LYS A 59 -5.47 3.66 -8.27
CA LYS A 59 -5.34 2.61 -9.30
C LYS A 59 -4.23 1.60 -8.96
N ALA A 60 -3.15 2.03 -8.32
CA ALA A 60 -2.11 1.13 -7.79
C ALA A 60 -2.64 0.29 -6.62
N ILE A 61 -3.44 0.87 -5.72
CA ILE A 61 -4.13 0.15 -4.63
C ILE A 61 -5.06 -0.94 -5.22
N PHE A 62 -5.90 -0.61 -6.20
CA PHE A 62 -6.79 -1.59 -6.84
C PHE A 62 -6.04 -2.68 -7.64
N ARG A 63 -4.91 -2.33 -8.30
CA ARG A 63 -4.09 -3.28 -9.08
C ARG A 63 -3.29 -4.25 -8.21
N ARG A 64 -2.77 -3.78 -7.06
CA ARG A 64 -2.06 -4.62 -6.07
C ARG A 64 -3.05 -5.45 -5.23
N TYR A 65 -4.13 -4.82 -4.79
CA TYR A 65 -5.16 -5.38 -3.90
C TYR A 65 -6.57 -5.23 -4.52
N PRO A 66 -7.04 -6.21 -5.32
CA PRO A 66 -8.35 -6.12 -5.99
C PRO A 66 -9.55 -6.23 -5.04
N HIS A 67 -9.36 -6.72 -3.81
CA HIS A 67 -10.44 -6.88 -2.82
C HIS A 67 -10.98 -5.53 -2.27
N LEU A 68 -10.32 -4.40 -2.56
CA LEU A 68 -10.81 -3.05 -2.21
C LEU A 68 -11.97 -2.58 -3.11
N ARG A 69 -12.38 -3.36 -4.12
CA ARG A 69 -13.62 -3.21 -4.89
C ARG A 69 -14.60 -4.36 -4.65
N MET A 1 21.68 2.62 -19.30
CA MET A 1 20.67 3.71 -19.21
C MET A 1 20.78 4.46 -17.88
N ARG A 2 20.37 5.73 -17.84
CA ARG A 2 20.40 6.62 -16.65
C ARG A 2 19.07 7.37 -16.44
N GLY A 3 18.92 8.02 -15.29
CA GLY A 3 17.74 8.83 -14.92
C GLY A 3 16.69 8.07 -14.10
N SER A 4 15.43 8.50 -14.23
CA SER A 4 14.26 7.95 -13.49
C SER A 4 14.35 8.05 -11.96
N HIS A 5 15.05 9.07 -11.44
CA HIS A 5 15.22 9.31 -9.99
C HIS A 5 13.92 9.79 -9.31
N HIS A 6 13.73 9.41 -8.05
CA HIS A 6 12.56 9.77 -7.22
C HIS A 6 12.91 9.83 -5.72
N HIS A 7 12.16 10.61 -4.94
CA HIS A 7 12.45 10.88 -3.51
C HIS A 7 11.27 10.58 -2.56
N HIS A 8 10.07 11.11 -2.89
CA HIS A 8 8.90 11.29 -2.01
C HIS A 8 9.17 12.21 -0.78
N HIS A 9 8.16 12.98 -0.36
CA HIS A 9 8.24 13.92 0.77
C HIS A 9 6.87 14.19 1.43
N HIS A 10 6.89 14.68 2.67
CA HIS A 10 5.72 15.11 3.47
C HIS A 10 4.66 14.01 3.76
N GLY A 11 5.02 12.74 3.60
CA GLY A 11 4.23 11.61 4.12
C GLY A 11 4.30 11.50 5.65
N SER A 12 3.34 10.77 6.25
CA SER A 12 3.25 10.57 7.71
C SER A 12 2.67 9.20 8.07
N GLY A 13 3.20 8.58 9.14
CA GLY A 13 2.76 7.27 9.64
C GLY A 13 1.38 7.30 10.31
N ALA A 14 0.65 6.18 10.18
CA ALA A 14 -0.70 5.99 10.74
C ALA A 14 -0.99 4.50 11.02
N LEU A 15 -2.11 4.21 11.68
CA LEU A 15 -2.63 2.84 11.86
C LEU A 15 -3.45 2.39 10.64
N ALA A 16 -3.45 1.07 10.37
CA ALA A 16 -4.26 0.43 9.34
C ALA A 16 -5.04 -0.77 9.92
N ALA A 17 -6.34 -0.86 9.62
CA ALA A 17 -7.19 -1.99 10.01
C ALA A 17 -7.10 -3.15 9.01
N LEU A 18 -7.15 -4.39 9.52
CA LEU A 18 -7.14 -5.62 8.74
C LEU A 18 -8.40 -6.46 9.01
N HIS A 19 -8.80 -7.31 8.07
CA HIS A 19 -9.78 -8.38 8.33
C HIS A 19 -9.13 -9.46 9.21
N ALA A 20 -9.85 -9.95 10.23
CA ALA A 20 -9.30 -10.89 11.22
C ALA A 20 -9.50 -12.37 10.85
N ASP A 21 -10.50 -12.69 10.01
CA ASP A 21 -10.97 -14.06 9.76
C ASP A 21 -11.57 -14.22 8.35
N GLY A 22 -11.81 -15.47 7.93
CA GLY A 22 -12.52 -15.81 6.69
C GLY A 22 -11.68 -15.59 5.42
N PRO A 23 -12.28 -15.10 4.30
CA PRO A 23 -11.62 -15.03 2.99
C PRO A 23 -10.40 -14.12 2.97
N HIS A 24 -10.43 -13.05 3.78
CA HIS A 24 -9.50 -11.92 3.69
C HIS A 24 -8.59 -11.76 4.90
N ALA A 25 -8.45 -12.78 5.75
CA ALA A 25 -7.66 -12.71 6.98
C ALA A 25 -6.23 -12.16 6.74
N GLY A 26 -5.89 -11.05 7.41
CA GLY A 26 -4.60 -10.34 7.26
C GLY A 26 -4.54 -9.31 6.12
N LEU A 27 -5.58 -9.16 5.30
CA LEU A 27 -5.68 -8.12 4.26
C LEU A 27 -6.22 -6.80 4.85
N PRO A 28 -5.84 -5.61 4.30
CA PRO A 28 -6.41 -4.32 4.70
C PRO A 28 -7.91 -4.23 4.38
N VAL A 29 -8.67 -3.48 5.20
CA VAL A 29 -10.13 -3.36 5.01
C VAL A 29 -10.50 -2.26 3.99
N THR A 30 -9.94 -1.05 4.09
CA THR A 30 -10.24 0.08 3.20
C THR A 30 -9.07 0.42 2.26
N ARG A 31 -9.31 1.30 1.26
CA ARG A 31 -8.22 1.83 0.42
C ARG A 31 -7.21 2.63 1.23
N SER A 32 -7.66 3.35 2.25
CA SER A 32 -6.79 4.06 3.20
C SER A 32 -5.96 3.10 4.04
N ASP A 33 -6.50 1.95 4.47
CA ASP A 33 -5.70 0.91 5.13
C ASP A 33 -4.61 0.37 4.19
N ALA A 34 -4.97 0.03 2.94
CA ALA A 34 -4.02 -0.42 1.93
C ALA A 34 -2.92 0.62 1.63
N ARG A 35 -3.30 1.90 1.50
CA ARG A 35 -2.37 3.04 1.34
C ARG A 35 -1.41 3.18 2.53
N VAL A 36 -1.91 3.07 3.77
CA VAL A 36 -1.10 3.20 4.99
C VAL A 36 -0.19 1.98 5.17
N LEU A 37 -0.64 0.79 4.78
CA LEU A 37 0.24 -0.40 4.74
C LEU A 37 1.40 -0.20 3.75
N ILE A 38 1.12 0.27 2.53
CA ILE A 38 2.17 0.60 1.54
C ILE A 38 3.14 1.63 2.11
N PHE A 39 2.64 2.72 2.70
CA PHE A 39 3.48 3.77 3.25
C PHE A 39 4.37 3.28 4.41
N ASN A 40 3.80 2.63 5.42
CA ASN A 40 4.54 2.14 6.58
C ASN A 40 5.60 1.09 6.20
N ASP A 41 5.23 0.13 5.34
CA ASP A 41 6.16 -0.88 4.82
C ASP A 41 7.29 -0.25 4.00
N TRP A 42 6.96 0.69 3.11
CA TRP A 42 7.95 1.47 2.36
C TRP A 42 8.91 2.24 3.28
N GLU A 43 8.42 2.94 4.30
CA GLU A 43 9.24 3.72 5.21
C GLU A 43 10.21 2.86 6.03
N GLU A 44 9.74 1.72 6.56
CA GLU A 44 10.59 0.75 7.27
C GLU A 44 11.63 0.10 6.33
N ARG A 45 11.21 -0.35 5.14
CA ARG A 45 12.14 -0.87 4.14
C ARG A 45 13.07 0.22 3.60
N LYS A 46 12.71 1.50 3.60
CA LYS A 46 13.59 2.63 3.26
C LYS A 46 14.66 2.87 4.35
N ARG A 47 14.32 2.69 5.63
CA ARG A 47 15.32 2.65 6.72
C ARG A 47 16.30 1.48 6.55
N SER A 48 15.84 0.33 6.05
CA SER A 48 16.75 -0.78 5.66
C SER A 48 17.55 -0.53 4.36
N GLU A 49 16.92 0.06 3.34
CA GLU A 49 17.40 0.15 1.94
C GLU A 49 17.00 1.53 1.34
N PRO A 50 17.90 2.54 1.33
CA PRO A 50 17.52 3.95 1.19
C PRO A 50 17.00 4.38 -0.21
N TRP A 51 17.10 3.51 -1.22
CA TRP A 51 16.69 3.76 -2.61
C TRP A 51 15.19 3.54 -2.88
N LEU A 52 14.40 3.14 -1.87
CA LEU A 52 13.02 2.65 -2.05
C LEU A 52 12.08 3.67 -2.74
N ARG A 53 11.44 3.26 -3.85
CA ARG A 53 10.45 4.05 -4.61
C ARG A 53 9.03 3.86 -4.07
N LEU A 54 8.20 4.91 -4.08
CA LEU A 54 6.83 4.90 -3.53
C LEU A 54 5.78 5.22 -4.63
N ASP A 55 4.80 4.33 -4.78
CA ASP A 55 3.58 4.53 -5.57
C ASP A 55 2.36 3.95 -4.81
N MET A 56 1.35 4.79 -4.50
CA MET A 56 0.15 4.37 -3.74
C MET A 56 -1.13 5.15 -4.11
N SER A 57 -1.32 5.40 -5.42
CA SER A 57 -2.59 5.91 -5.96
C SER A 57 -3.70 4.86 -5.83
N ASP A 58 -4.98 5.29 -5.86
CA ASP A 58 -6.16 4.40 -5.77
C ASP A 58 -6.12 3.29 -6.82
N LYS A 59 -5.66 3.59 -8.05
CA LYS A 59 -5.50 2.62 -9.14
C LYS A 59 -4.42 1.58 -8.82
N ALA A 60 -3.28 2.01 -8.26
CA ALA A 60 -2.21 1.11 -7.82
C ALA A 60 -2.66 0.19 -6.65
N ILE A 61 -3.46 0.72 -5.73
CA ILE A 61 -4.10 -0.03 -4.63
C ILE A 61 -5.04 -1.10 -5.21
N PHE A 62 -5.90 -0.77 -6.17
CA PHE A 62 -6.75 -1.76 -6.85
C PHE A 62 -5.96 -2.81 -7.67
N ARG A 63 -4.89 -2.40 -8.36
CA ARG A 63 -4.05 -3.31 -9.18
C ARG A 63 -3.26 -4.30 -8.33
N ARG A 64 -2.74 -3.88 -7.16
CA ARG A 64 -2.01 -4.76 -6.22
C ARG A 64 -2.97 -5.59 -5.34
N TYR A 65 -4.08 -4.99 -4.91
CA TYR A 65 -5.08 -5.55 -4.01
C TYR A 65 -6.50 -5.39 -4.61
N PRO A 66 -6.98 -6.34 -5.44
CA PRO A 66 -8.31 -6.25 -6.06
C PRO A 66 -9.47 -6.38 -5.07
N HIS A 67 -9.23 -6.92 -3.87
CA HIS A 67 -10.26 -7.12 -2.84
C HIS A 67 -10.82 -5.81 -2.23
N LEU A 68 -10.17 -4.65 -2.47
CA LEU A 68 -10.69 -3.34 -2.05
C LEU A 68 -11.94 -2.90 -2.86
N ARG A 69 -12.27 -3.61 -3.96
CA ARG A 69 -13.51 -3.45 -4.74
C ARG A 69 -14.57 -4.51 -4.38
N MET A 1 6.62 -4.45 -23.41
CA MET A 1 6.72 -3.22 -22.57
C MET A 1 8.01 -3.24 -21.72
N ARG A 2 8.57 -2.07 -21.39
CA ARG A 2 9.85 -1.92 -20.64
C ARG A 2 9.79 -1.05 -19.38
N GLY A 3 8.59 -0.69 -18.92
CA GLY A 3 8.36 0.09 -17.69
C GLY A 3 6.88 0.43 -17.44
N SER A 4 6.51 0.61 -16.17
CA SER A 4 5.13 0.93 -15.73
C SER A 4 5.04 1.71 -14.41
N HIS A 5 6.04 1.63 -13.54
CA HIS A 5 6.08 2.29 -12.22
C HIS A 5 6.14 3.83 -12.31
N HIS A 6 5.61 4.51 -11.29
CA HIS A 6 5.66 5.97 -11.14
C HIS A 6 5.68 6.37 -9.65
N HIS A 7 6.75 7.04 -9.21
CA HIS A 7 6.91 7.49 -7.83
C HIS A 7 5.94 8.63 -7.50
N HIS A 8 4.99 8.39 -6.59
CA HIS A 8 3.91 9.30 -6.23
C HIS A 8 3.55 9.18 -4.75
N HIS A 9 3.87 10.21 -3.95
CA HIS A 9 3.86 10.18 -2.48
C HIS A 9 3.24 11.43 -1.83
N HIS A 10 2.89 11.32 -0.54
CA HIS A 10 2.38 12.41 0.31
C HIS A 10 2.61 12.09 1.80
N GLY A 11 2.24 10.88 2.22
CA GLY A 11 2.54 10.30 3.54
C GLY A 11 1.46 10.55 4.61
N SER A 12 1.41 9.66 5.61
CA SER A 12 0.43 9.69 6.71
C SER A 12 1.00 9.08 8.00
N GLY A 13 0.60 9.64 9.15
CA GLY A 13 0.90 9.11 10.49
C GLY A 13 -0.11 8.09 11.02
N ALA A 14 -1.15 7.76 10.25
CA ALA A 14 -2.23 6.85 10.65
C ALA A 14 -1.79 5.37 10.76
N LEU A 15 -2.63 4.54 11.40
CA LEU A 15 -2.53 3.08 11.47
C LEU A 15 -3.52 2.42 10.47
N ALA A 16 -3.20 1.20 10.02
CA ALA A 16 -4.08 0.41 9.16
C ALA A 16 -4.81 -0.70 9.93
N ALA A 17 -6.11 -0.88 9.66
CA ALA A 17 -6.91 -2.01 10.14
C ALA A 17 -6.90 -3.18 9.13
N LEU A 18 -6.94 -4.41 9.65
CA LEU A 18 -6.94 -5.66 8.87
C LEU A 18 -8.20 -6.50 9.15
N HIS A 19 -8.59 -7.35 8.20
CA HIS A 19 -9.56 -8.43 8.44
C HIS A 19 -8.90 -9.53 9.30
N ALA A 20 -9.61 -10.05 10.30
CA ALA A 20 -9.08 -11.05 11.23
C ALA A 20 -9.34 -12.51 10.83
N ASP A 21 -10.41 -12.77 10.05
CA ASP A 21 -10.93 -14.11 9.74
C ASP A 21 -11.51 -14.21 8.31
N GLY A 22 -11.83 -15.44 7.88
CA GLY A 22 -12.54 -15.72 6.64
C GLY A 22 -11.69 -15.53 5.36
N PRO A 23 -12.27 -15.05 4.24
CA PRO A 23 -11.59 -14.98 2.93
C PRO A 23 -10.35 -14.08 2.92
N HIS A 24 -10.36 -13.02 3.74
CA HIS A 24 -9.44 -11.89 3.68
C HIS A 24 -8.52 -11.76 4.90
N ALA A 25 -8.39 -12.79 5.73
CA ALA A 25 -7.58 -12.74 6.95
C ALA A 25 -6.15 -12.24 6.68
N GLY A 26 -5.76 -11.15 7.37
CA GLY A 26 -4.47 -10.46 7.21
C GLY A 26 -4.42 -9.38 6.10
N LEU A 27 -5.47 -9.24 5.28
CA LEU A 27 -5.58 -8.15 4.29
C LEU A 27 -6.09 -6.84 4.94
N PRO A 28 -5.73 -5.65 4.41
CA PRO A 28 -6.30 -4.37 4.85
C PRO A 28 -7.82 -4.31 4.58
N VAL A 29 -8.57 -3.60 5.42
CA VAL A 29 -10.03 -3.51 5.27
C VAL A 29 -10.45 -2.48 4.20
N THR A 30 -9.91 -1.26 4.25
CA THR A 30 -10.27 -0.15 3.33
C THR A 30 -9.15 0.23 2.37
N ARG A 31 -9.49 1.04 1.34
CA ARG A 31 -8.53 1.76 0.48
C ARG A 31 -7.48 2.52 1.31
N SER A 32 -7.92 3.21 2.37
CA SER A 32 -7.02 3.95 3.28
C SER A 32 -6.11 3.02 4.06
N ASP A 33 -6.60 1.87 4.55
CA ASP A 33 -5.76 0.86 5.20
C ASP A 33 -4.70 0.32 4.22
N ALA A 34 -5.07 0.00 2.99
CA ALA A 34 -4.15 -0.44 1.94
C ALA A 34 -3.07 0.62 1.61
N ARG A 35 -3.47 1.90 1.50
CA ARG A 35 -2.54 3.03 1.32
C ARG A 35 -1.56 3.18 2.49
N VAL A 36 -2.04 3.04 3.73
CA VAL A 36 -1.23 3.18 4.95
C VAL A 36 -0.30 1.98 5.12
N LEU A 37 -0.73 0.77 4.75
CA LEU A 37 0.15 -0.40 4.70
C LEU A 37 1.29 -0.19 3.69
N ILE A 38 0.98 0.22 2.45
CA ILE A 38 1.98 0.51 1.43
C ILE A 38 2.98 1.56 1.95
N PHE A 39 2.48 2.66 2.55
CA PHE A 39 3.33 3.72 3.06
C PHE A 39 4.24 3.27 4.21
N ASN A 40 3.70 2.70 5.29
CA ASN A 40 4.50 2.34 6.47
C ASN A 40 5.44 1.15 6.23
N ASP A 41 5.03 0.18 5.40
CA ASP A 41 5.96 -0.85 4.91
C ASP A 41 7.11 -0.20 4.13
N TRP A 42 6.81 0.72 3.20
CA TRP A 42 7.86 1.47 2.50
C TRP A 42 8.74 2.31 3.45
N GLU A 43 8.21 2.93 4.50
CA GLU A 43 9.02 3.63 5.51
C GLU A 43 10.04 2.68 6.18
N GLU A 44 9.60 1.50 6.64
CA GLU A 44 10.49 0.50 7.23
C GLU A 44 11.52 -0.04 6.22
N ARG A 45 11.05 -0.38 5.00
CA ARG A 45 11.89 -0.85 3.90
C ARG A 45 12.92 0.23 3.50
N LYS A 46 12.56 1.51 3.52
CA LYS A 46 13.45 2.66 3.26
C LYS A 46 14.50 2.82 4.36
N ARG A 47 14.13 2.62 5.64
CA ARG A 47 15.09 2.59 6.76
C ARG A 47 16.10 1.45 6.62
N SER A 48 15.70 0.31 6.04
CA SER A 48 16.64 -0.78 5.68
C SER A 48 17.43 -0.53 4.37
N GLU A 49 16.80 0.08 3.36
CA GLU A 49 17.27 0.19 1.97
C GLU A 49 16.90 1.58 1.38
N PRO A 50 17.79 2.58 1.43
CA PRO A 50 17.42 4.00 1.29
C PRO A 50 16.97 4.46 -0.12
N TRP A 51 17.12 3.61 -1.14
CA TRP A 51 16.75 3.87 -2.54
C TRP A 51 15.25 3.67 -2.87
N LEU A 52 14.44 3.23 -1.90
CA LEU A 52 13.08 2.71 -2.11
C LEU A 52 12.12 3.72 -2.78
N ARG A 53 11.51 3.36 -3.92
CA ARG A 53 10.45 4.15 -4.60
C ARG A 53 9.04 3.71 -4.24
N LEU A 54 8.09 4.64 -4.25
CA LEU A 54 6.75 4.51 -3.64
C LEU A 54 5.64 4.73 -4.67
N ASP A 55 4.79 3.71 -4.86
CA ASP A 55 3.64 3.70 -5.78
C ASP A 55 2.34 3.44 -5.00
N MET A 56 1.56 4.49 -4.68
CA MET A 56 0.28 4.36 -3.95
C MET A 56 -0.86 5.26 -4.46
N SER A 57 -0.89 5.54 -5.77
CA SER A 57 -2.08 6.07 -6.45
C SER A 57 -3.26 5.09 -6.37
N ASP A 58 -4.49 5.57 -6.55
CA ASP A 58 -5.73 4.77 -6.43
C ASP A 58 -5.70 3.50 -7.29
N LYS A 59 -5.21 3.63 -8.54
CA LYS A 59 -5.06 2.50 -9.47
C LYS A 59 -4.03 1.50 -8.95
N ALA A 60 -2.93 1.94 -8.32
CA ALA A 60 -1.94 1.04 -7.73
C ALA A 60 -2.51 0.29 -6.51
N ILE A 61 -3.33 0.93 -5.67
CA ILE A 61 -4.05 0.26 -4.57
C ILE A 61 -4.97 -0.84 -5.14
N PHE A 62 -5.83 -0.52 -6.11
CA PHE A 62 -6.77 -1.49 -6.68
C PHE A 62 -6.11 -2.59 -7.55
N ARG A 63 -4.97 -2.30 -8.20
CA ARG A 63 -4.20 -3.28 -9.00
C ARG A 63 -3.36 -4.23 -8.15
N ARG A 64 -2.77 -3.75 -7.05
CA ARG A 64 -2.03 -4.57 -6.08
C ARG A 64 -2.96 -5.38 -5.17
N TYR A 65 -4.09 -4.79 -4.79
CA TYR A 65 -5.11 -5.37 -3.91
C TYR A 65 -6.52 -5.19 -4.52
N PRO A 66 -7.04 -6.16 -5.31
CA PRO A 66 -8.36 -6.04 -5.94
C PRO A 66 -9.53 -6.16 -4.95
N HIS A 67 -9.31 -6.70 -3.74
CA HIS A 67 -10.36 -6.91 -2.73
C HIS A 67 -10.91 -5.61 -2.11
N LEU A 68 -10.27 -4.45 -2.33
CA LEU A 68 -10.77 -3.14 -1.88
C LEU A 68 -11.98 -2.66 -2.70
N ARG A 69 -12.31 -3.31 -3.83
CA ARG A 69 -13.52 -3.09 -4.63
C ARG A 69 -14.63 -4.10 -4.28
N MET A 1 9.82 -3.25 -24.85
CA MET A 1 11.19 -2.96 -25.34
C MET A 1 12.05 -2.23 -24.28
N ARG A 2 11.79 -0.94 -24.02
CA ARG A 2 12.54 -0.09 -23.07
C ARG A 2 11.61 0.62 -22.06
N GLY A 3 12.19 1.13 -20.98
CA GLY A 3 11.49 1.86 -19.90
C GLY A 3 10.83 0.96 -18.85
N SER A 4 10.39 1.58 -17.74
CA SER A 4 9.82 0.91 -16.56
C SER A 4 8.59 1.68 -15.99
N HIS A 5 7.72 0.95 -15.28
CA HIS A 5 6.47 1.49 -14.71
C HIS A 5 6.69 2.24 -13.38
N HIS A 6 5.84 3.24 -13.09
CA HIS A 6 5.87 4.06 -11.87
C HIS A 6 4.54 4.80 -11.63
N HIS A 7 4.30 5.19 -10.37
CA HIS A 7 3.24 6.13 -9.95
C HIS A 7 3.78 7.27 -9.07
N HIS A 8 4.75 6.98 -8.18
CA HIS A 8 5.41 7.92 -7.26
C HIS A 8 4.44 8.88 -6.52
N HIS A 9 3.68 8.32 -5.57
CA HIS A 9 2.67 9.06 -4.78
C HIS A 9 3.24 9.65 -3.48
N HIS A 10 2.37 10.03 -2.52
CA HIS A 10 2.72 10.54 -1.19
C HIS A 10 1.78 9.99 -0.10
N GLY A 11 2.17 10.05 1.17
CA GLY A 11 1.39 9.56 2.32
C GLY A 11 1.87 10.06 3.68
N SER A 12 1.27 9.53 4.75
CA SER A 12 1.56 9.87 6.16
C SER A 12 1.42 8.66 7.11
N GLY A 13 2.12 8.71 8.25
CA GLY A 13 2.16 7.63 9.24
C GLY A 13 0.85 7.53 10.05
N ALA A 14 0.26 6.33 10.09
CA ALA A 14 -0.96 5.99 10.82
C ALA A 14 -1.05 4.47 11.09
N LEU A 15 -2.10 4.02 11.79
CA LEU A 15 -2.47 2.60 11.90
C LEU A 15 -3.42 2.20 10.76
N ALA A 16 -3.26 0.97 10.24
CA ALA A 16 -4.17 0.36 9.27
C ALA A 16 -5.00 -0.76 9.92
N ALA A 17 -6.31 -0.78 9.67
CA ALA A 17 -7.19 -1.87 10.08
C ALA A 17 -7.11 -3.04 9.07
N LEU A 18 -7.06 -4.27 9.58
CA LEU A 18 -6.97 -5.50 8.79
C LEU A 18 -8.17 -6.42 9.07
N HIS A 19 -8.55 -7.26 8.11
CA HIS A 19 -9.49 -8.36 8.34
C HIS A 19 -8.83 -9.45 9.21
N ALA A 20 -9.53 -9.93 10.24
CA ALA A 20 -8.97 -10.89 11.20
C ALA A 20 -9.15 -12.38 10.81
N ASP A 21 -10.16 -12.68 9.98
CA ASP A 21 -10.63 -14.04 9.70
C ASP A 21 -11.26 -14.18 8.29
N GLY A 22 -11.52 -15.41 7.85
CA GLY A 22 -12.25 -15.72 6.61
C GLY A 22 -11.43 -15.49 5.33
N PRO A 23 -12.06 -14.99 4.23
CA PRO A 23 -11.42 -14.90 2.91
C PRO A 23 -10.18 -13.98 2.87
N HIS A 24 -10.18 -12.94 3.70
CA HIS A 24 -9.25 -11.81 3.61
C HIS A 24 -8.32 -11.66 4.82
N ALA A 25 -8.17 -12.70 5.65
CA ALA A 25 -7.39 -12.64 6.88
C ALA A 25 -5.96 -12.08 6.64
N GLY A 26 -5.61 -11.00 7.34
CA GLY A 26 -4.35 -10.26 7.21
C GLY A 26 -4.31 -9.17 6.12
N LEU A 27 -5.34 -9.05 5.27
CA LEU A 27 -5.45 -7.97 4.27
C LEU A 27 -6.00 -6.67 4.89
N PRO A 28 -5.64 -5.48 4.38
CA PRO A 28 -6.25 -4.20 4.77
C PRO A 28 -7.75 -4.15 4.43
N VAL A 29 -8.55 -3.45 5.24
CA VAL A 29 -10.01 -3.40 5.04
C VAL A 29 -10.42 -2.35 3.99
N THR A 30 -9.97 -1.10 4.09
CA THR A 30 -10.30 -0.01 3.16
C THR A 30 -9.13 0.38 2.24
N ARG A 31 -9.40 1.20 1.20
CA ARG A 31 -8.36 1.83 0.37
C ARG A 31 -7.38 2.66 1.20
N SER A 32 -7.87 3.35 2.24
CA SER A 32 -7.05 4.10 3.20
C SER A 32 -6.18 3.17 4.05
N ASP A 33 -6.71 2.03 4.52
CA ASP A 33 -5.90 1.01 5.21
C ASP A 33 -4.80 0.47 4.30
N ALA A 34 -5.12 0.17 3.03
CA ALA A 34 -4.14 -0.29 2.03
C ALA A 34 -3.03 0.74 1.79
N ARG A 35 -3.38 2.02 1.62
CA ARG A 35 -2.44 3.14 1.52
C ARG A 35 -1.53 3.26 2.76
N VAL A 36 -2.09 3.12 3.96
CA VAL A 36 -1.33 3.24 5.22
C VAL A 36 -0.41 2.04 5.42
N LEU A 37 -0.85 0.83 5.06
CA LEU A 37 -0.03 -0.37 5.06
C LEU A 37 1.19 -0.23 4.12
N ILE A 38 0.95 0.18 2.86
CA ILE A 38 2.02 0.39 1.88
C ILE A 38 2.98 1.46 2.38
N PHE A 39 2.49 2.57 2.94
CA PHE A 39 3.34 3.64 3.46
C PHE A 39 4.24 3.17 4.62
N ASN A 40 3.68 2.56 5.67
CA ASN A 40 4.46 2.06 6.81
C ASN A 40 5.48 0.97 6.39
N ASP A 41 5.07 0.03 5.54
CA ASP A 41 5.94 -1.00 4.98
C ASP A 41 7.09 -0.40 4.15
N TRP A 42 6.80 0.60 3.31
CA TRP A 42 7.79 1.36 2.57
C TRP A 42 8.71 2.17 3.48
N GLU A 43 8.23 2.82 4.55
CA GLU A 43 9.08 3.53 5.50
C GLU A 43 10.09 2.59 6.19
N GLU A 44 9.65 1.41 6.65
CA GLU A 44 10.55 0.41 7.23
C GLU A 44 11.60 -0.08 6.22
N ARG A 45 11.15 -0.44 4.99
CA ARG A 45 12.05 -0.87 3.92
C ARG A 45 12.95 0.26 3.41
N LYS A 46 12.56 1.53 3.53
CA LYS A 46 13.40 2.71 3.24
C LYS A 46 14.47 2.90 4.32
N ARG A 47 14.12 2.67 5.59
CA ARG A 47 15.08 2.67 6.72
C ARG A 47 16.13 1.56 6.58
N SER A 48 15.79 0.39 6.03
CA SER A 48 16.79 -0.64 5.70
C SER A 48 17.50 -0.46 4.32
N GLU A 49 16.80 0.04 3.30
CA GLU A 49 17.25 0.18 1.90
C GLU A 49 16.78 1.52 1.28
N PRO A 50 17.64 2.57 1.21
CA PRO A 50 17.19 3.96 1.05
C PRO A 50 16.65 4.36 -0.35
N TRP A 51 16.76 3.48 -1.35
CA TRP A 51 16.35 3.70 -2.75
C TRP A 51 14.86 3.45 -3.04
N LEU A 52 14.07 3.07 -2.03
CA LEU A 52 12.72 2.50 -2.20
C LEU A 52 11.72 3.48 -2.87
N ARG A 53 11.04 3.04 -3.95
CA ARG A 53 9.92 3.78 -4.59
C ARG A 53 8.58 3.57 -3.86
N LEU A 54 7.71 4.58 -3.91
CA LEU A 54 6.38 4.56 -3.28
C LEU A 54 5.28 4.71 -4.33
N ASP A 55 4.67 3.59 -4.72
CA ASP A 55 3.70 3.50 -5.82
C ASP A 55 2.31 3.08 -5.30
N MET A 56 1.58 4.01 -4.68
CA MET A 56 0.28 3.77 -4.03
C MET A 56 -0.82 4.79 -4.39
N SER A 57 -0.84 5.27 -5.64
CA SER A 57 -2.04 5.92 -6.20
C SER A 57 -3.23 4.94 -6.19
N ASP A 58 -4.47 5.41 -6.22
CA ASP A 58 -5.65 4.53 -6.08
C ASP A 58 -5.70 3.42 -7.14
N LYS A 59 -5.25 3.70 -8.37
CA LYS A 59 -5.08 2.70 -9.44
C LYS A 59 -4.07 1.61 -9.05
N ALA A 60 -2.95 1.98 -8.42
CA ALA A 60 -1.96 1.03 -7.92
C ALA A 60 -2.46 0.22 -6.72
N ILE A 61 -3.25 0.83 -5.82
CA ILE A 61 -3.91 0.11 -4.70
C ILE A 61 -4.87 -0.95 -5.26
N PHE A 62 -5.73 -0.61 -6.23
CA PHE A 62 -6.66 -1.58 -6.82
C PHE A 62 -5.98 -2.63 -7.72
N ARG A 63 -4.89 -2.30 -8.44
CA ARG A 63 -4.13 -3.27 -9.25
C ARG A 63 -3.32 -4.25 -8.40
N ARG A 64 -2.75 -3.79 -7.28
CA ARG A 64 -1.98 -4.62 -6.31
C ARG A 64 -2.91 -5.43 -5.39
N TYR A 65 -4.04 -4.83 -4.99
CA TYR A 65 -5.05 -5.38 -4.09
C TYR A 65 -6.48 -5.13 -4.65
N PRO A 66 -7.02 -6.00 -5.51
CA PRO A 66 -8.37 -5.83 -6.08
C PRO A 66 -9.50 -5.99 -5.05
N HIS A 67 -9.23 -6.60 -3.89
CA HIS A 67 -10.24 -6.84 -2.84
C HIS A 67 -10.76 -5.54 -2.18
N LEU A 68 -10.10 -4.39 -2.37
CA LEU A 68 -10.56 -3.08 -1.87
C LEU A 68 -11.83 -2.57 -2.59
N ARG A 69 -12.24 -3.20 -3.70
CA ARG A 69 -13.52 -2.98 -4.41
C ARG A 69 -14.37 -4.26 -4.48
N MET A 1 8.10 0.39 -25.89
CA MET A 1 7.11 1.21 -26.63
C MET A 1 5.91 1.65 -25.77
N ARG A 2 5.10 0.72 -25.22
CA ARG A 2 4.01 1.01 -24.25
C ARG A 2 4.48 0.82 -22.80
N GLY A 3 3.76 1.41 -21.85
CA GLY A 3 4.05 1.32 -20.41
C GLY A 3 3.06 2.08 -19.52
N SER A 4 3.28 2.00 -18.20
CA SER A 4 2.51 2.71 -17.16
C SER A 4 2.93 4.19 -17.01
N HIS A 5 2.15 4.97 -16.24
CA HIS A 5 2.41 6.40 -15.99
C HIS A 5 3.46 6.63 -14.89
N HIS A 6 3.00 6.81 -13.63
CA HIS A 6 3.87 7.18 -12.48
C HIS A 6 3.40 6.57 -11.16
N HIS A 7 2.13 6.83 -10.77
CA HIS A 7 1.47 6.36 -9.51
C HIS A 7 2.12 6.80 -8.18
N HIS A 8 3.13 7.69 -8.20
CA HIS A 8 3.66 8.35 -7.00
C HIS A 8 2.55 9.18 -6.32
N HIS A 9 2.30 8.91 -5.03
CA HIS A 9 1.20 9.52 -4.26
C HIS A 9 1.53 9.47 -2.77
N HIS A 10 1.48 10.59 -2.06
CA HIS A 10 2.08 10.71 -0.71
C HIS A 10 1.21 10.18 0.44
N GLY A 11 1.85 9.78 1.55
CA GLY A 11 1.21 9.28 2.77
C GLY A 11 1.12 10.31 3.91
N SER A 12 1.17 9.82 5.15
CA SER A 12 1.12 10.63 6.38
C SER A 12 1.80 9.94 7.59
N GLY A 13 1.57 8.63 7.76
CA GLY A 13 2.08 7.82 8.88
C GLY A 13 1.01 7.61 9.95
N ALA A 14 0.38 6.43 9.94
CA ALA A 14 -0.77 6.07 10.76
C ALA A 14 -0.87 4.55 11.00
N LEU A 15 -1.87 4.10 11.77
CA LEU A 15 -2.26 2.69 11.89
C LEU A 15 -3.22 2.29 10.75
N ALA A 16 -3.22 0.99 10.39
CA ALA A 16 -4.13 0.39 9.41
C ALA A 16 -4.92 -0.78 10.03
N ALA A 17 -6.22 -0.86 9.76
CA ALA A 17 -7.06 -1.98 10.14
C ALA A 17 -6.97 -3.13 9.13
N LEU A 18 -6.90 -4.37 9.63
CA LEU A 18 -6.84 -5.60 8.84
C LEU A 18 -8.04 -6.51 9.14
N HIS A 19 -8.47 -7.32 8.17
CA HIS A 19 -9.43 -8.41 8.42
C HIS A 19 -8.80 -9.51 9.27
N ALA A 20 -9.52 -10.00 10.29
CA ALA A 20 -8.98 -10.99 11.24
C ALA A 20 -9.22 -12.46 10.84
N ASP A 21 -10.24 -12.73 10.02
CA ASP A 21 -10.75 -14.08 9.74
C ASP A 21 -11.38 -14.20 8.33
N GLY A 22 -11.67 -15.43 7.89
CA GLY A 22 -12.40 -15.72 6.65
C GLY A 22 -11.58 -15.50 5.36
N PRO A 23 -12.19 -15.00 4.27
CA PRO A 23 -11.55 -14.92 2.94
C PRO A 23 -10.30 -14.01 2.90
N HIS A 24 -10.29 -12.97 3.74
CA HIS A 24 -9.36 -11.84 3.65
C HIS A 24 -8.42 -11.71 4.85
N ALA A 25 -8.28 -12.74 5.68
CA ALA A 25 -7.46 -12.69 6.90
C ALA A 25 -6.04 -12.17 6.63
N GLY A 26 -5.65 -11.09 7.32
CA GLY A 26 -4.38 -10.38 7.16
C GLY A 26 -4.34 -9.29 6.07
N LEU A 27 -5.38 -9.15 5.24
CA LEU A 27 -5.50 -8.05 4.25
C LEU A 27 -6.01 -6.75 4.91
N PRO A 28 -5.64 -5.57 4.38
CA PRO A 28 -6.23 -4.29 4.80
C PRO A 28 -7.74 -4.23 4.53
N VAL A 29 -8.50 -3.54 5.38
CA VAL A 29 -9.97 -3.47 5.22
C VAL A 29 -10.39 -2.45 4.16
N THR A 30 -9.93 -1.19 4.24
CA THR A 30 -10.29 -0.11 3.32
C THR A 30 -9.16 0.28 2.36
N ARG A 31 -9.48 1.09 1.34
CA ARG A 31 -8.49 1.77 0.46
C ARG A 31 -7.48 2.60 1.26
N SER A 32 -7.93 3.26 2.33
CA SER A 32 -7.05 3.99 3.25
C SER A 32 -6.13 3.03 4.03
N ASP A 33 -6.66 1.91 4.55
CA ASP A 33 -5.82 0.89 5.20
C ASP A 33 -4.75 0.34 4.25
N ALA A 34 -5.11 0.07 2.99
CA ALA A 34 -4.19 -0.39 1.95
C ALA A 34 -3.08 0.64 1.65
N ARG A 35 -3.45 1.91 1.50
CA ARG A 35 -2.50 3.04 1.35
C ARG A 35 -1.54 3.14 2.54
N VAL A 36 -2.04 3.00 3.78
CA VAL A 36 -1.25 3.14 5.00
C VAL A 36 -0.34 1.92 5.18
N LEU A 37 -0.79 0.72 4.82
CA LEU A 37 0.05 -0.47 4.79
C LEU A 37 1.24 -0.32 3.82
N ILE A 38 0.96 0.09 2.56
CA ILE A 38 2.02 0.35 1.57
C ILE A 38 2.99 1.42 2.11
N PHE A 39 2.45 2.52 2.64
CA PHE A 39 3.28 3.62 3.13
C PHE A 39 4.17 3.20 4.30
N ASN A 40 3.63 2.64 5.39
CA ASN A 40 4.43 2.32 6.56
C ASN A 40 5.40 1.13 6.35
N ASP A 41 5.01 0.14 5.54
CA ASP A 41 5.96 -0.86 5.06
C ASP A 41 7.09 -0.18 4.26
N TRP A 42 6.77 0.69 3.29
CA TRP A 42 7.79 1.45 2.57
C TRP A 42 8.66 2.29 3.52
N GLU A 43 8.11 2.97 4.54
CA GLU A 43 8.92 3.69 5.54
C GLU A 43 9.95 2.77 6.20
N GLU A 44 9.55 1.57 6.66
CA GLU A 44 10.45 0.59 7.26
C GLU A 44 11.51 0.06 6.24
N ARG A 45 11.05 -0.39 5.06
CA ARG A 45 11.92 -0.89 3.99
C ARG A 45 12.89 0.19 3.48
N LYS A 46 12.47 1.47 3.48
CA LYS A 46 13.30 2.64 3.13
C LYS A 46 14.31 2.97 4.23
N ARG A 47 13.97 2.76 5.51
CA ARG A 47 14.90 2.85 6.64
C ARG A 47 16.02 1.80 6.55
N SER A 48 15.70 0.57 6.12
CA SER A 48 16.72 -0.48 5.90
C SER A 48 17.45 -0.40 4.54
N GLU A 49 16.78 0.03 3.48
CA GLU A 49 17.29 0.11 2.10
C GLU A 49 16.92 1.47 1.44
N PRO A 50 17.85 2.45 1.36
CA PRO A 50 17.53 3.86 1.14
C PRO A 50 17.02 4.23 -0.26
N TRP A 51 17.11 3.32 -1.23
CA TRP A 51 16.71 3.51 -2.63
C TRP A 51 15.20 3.30 -2.91
N LEU A 52 14.41 2.93 -1.90
CA LEU A 52 13.05 2.39 -2.07
C LEU A 52 12.08 3.38 -2.77
N ARG A 53 11.51 2.99 -3.93
CA ARG A 53 10.47 3.74 -4.66
C ARG A 53 9.05 3.48 -4.10
N LEU A 54 8.28 4.56 -3.95
CA LEU A 54 6.90 4.53 -3.47
C LEU A 54 5.91 4.93 -4.59
N ASP A 55 4.96 4.05 -4.89
CA ASP A 55 3.78 4.33 -5.71
C ASP A 55 2.54 3.71 -5.07
N MET A 56 1.52 4.53 -4.80
CA MET A 56 0.27 4.14 -4.14
C MET A 56 -0.92 5.05 -4.48
N SER A 57 -0.98 5.55 -5.72
CA SER A 57 -2.23 6.09 -6.28
C SER A 57 -3.33 5.04 -6.22
N ASP A 58 -4.60 5.44 -6.20
CA ASP A 58 -5.73 4.54 -5.97
C ASP A 58 -5.83 3.43 -7.03
N LYS A 59 -5.39 3.71 -8.27
CA LYS A 59 -5.26 2.72 -9.34
C LYS A 59 -4.22 1.64 -9.00
N ALA A 60 -3.06 2.02 -8.44
CA ALA A 60 -2.05 1.07 -7.96
C ALA A 60 -2.54 0.26 -6.75
N ILE A 61 -3.32 0.86 -5.84
CA ILE A 61 -4.00 0.14 -4.73
C ILE A 61 -4.96 -0.93 -5.28
N PHE A 62 -5.88 -0.56 -6.18
CA PHE A 62 -6.84 -1.53 -6.74
C PHE A 62 -6.18 -2.59 -7.65
N ARG A 63 -5.10 -2.26 -8.36
CA ARG A 63 -4.36 -3.22 -9.21
C ARG A 63 -3.50 -4.22 -8.42
N ARG A 64 -2.92 -3.81 -7.28
CA ARG A 64 -2.14 -4.69 -6.39
C ARG A 64 -3.01 -5.47 -5.40
N TYR A 65 -4.11 -4.86 -4.97
CA TYR A 65 -5.10 -5.42 -4.03
C TYR A 65 -6.53 -5.25 -4.60
N PRO A 66 -7.06 -6.21 -5.37
CA PRO A 66 -8.38 -6.07 -6.00
C PRO A 66 -9.57 -6.16 -5.02
N HIS A 67 -9.34 -6.63 -3.79
CA HIS A 67 -10.40 -6.80 -2.78
C HIS A 67 -10.91 -5.48 -2.17
N LEU A 68 -10.22 -4.34 -2.38
CA LEU A 68 -10.66 -3.03 -1.87
C LEU A 68 -11.89 -2.47 -2.61
N ARG A 69 -12.18 -2.93 -3.83
CA ARG A 69 -13.35 -2.56 -4.62
C ARG A 69 -14.55 -3.49 -4.32
N MET A 1 6.54 -2.29 -21.72
CA MET A 1 6.78 -1.49 -22.97
C MET A 1 6.66 0.02 -22.71
N ARG A 2 5.44 0.57 -22.52
CA ARG A 2 5.19 2.00 -22.24
C ARG A 2 4.93 2.24 -20.73
N GLY A 3 5.44 3.36 -20.20
CA GLY A 3 5.33 3.72 -18.78
C GLY A 3 6.05 2.77 -17.82
N SER A 4 5.76 2.90 -16.52
CA SER A 4 6.30 2.04 -15.44
C SER A 4 5.22 1.59 -14.47
N HIS A 5 4.64 2.52 -13.69
CA HIS A 5 3.49 2.29 -12.79
C HIS A 5 2.74 3.61 -12.52
N HIS A 6 1.55 3.53 -11.91
CA HIS A 6 0.74 4.68 -11.52
C HIS A 6 1.05 5.16 -10.08
N HIS A 7 1.07 6.47 -9.86
CA HIS A 7 1.30 7.09 -8.55
C HIS A 7 0.64 8.48 -8.42
N HIS A 8 0.30 8.88 -7.19
CA HIS A 8 -0.23 10.23 -6.88
C HIS A 8 -0.02 10.64 -5.41
N HIS A 9 -0.45 9.79 -4.45
CA HIS A 9 -0.41 10.11 -3.01
C HIS A 9 0.99 9.92 -2.40
N HIS A 10 1.37 10.81 -1.47
CA HIS A 10 2.71 10.86 -0.86
C HIS A 10 2.81 10.25 0.55
N GLY A 11 1.68 10.12 1.27
CA GLY A 11 1.63 9.59 2.63
C GLY A 11 2.01 10.58 3.74
N SER A 12 1.93 10.11 5.00
CA SER A 12 2.25 10.90 6.20
C SER A 12 2.63 10.01 7.41
N GLY A 13 1.81 8.99 7.72
CA GLY A 13 2.06 8.00 8.78
C GLY A 13 0.83 7.78 9.68
N ALA A 14 0.32 6.55 9.72
CA ALA A 14 -0.88 6.14 10.47
C ALA A 14 -0.89 4.62 10.75
N LEU A 15 -1.91 4.14 11.48
CA LEU A 15 -2.23 2.72 11.65
C LEU A 15 -3.22 2.22 10.58
N ALA A 16 -2.94 1.08 9.95
CA ALA A 16 -3.89 0.38 9.07
C ALA A 16 -4.67 -0.70 9.84
N ALA A 17 -5.98 -0.78 9.63
CA ALA A 17 -6.81 -1.89 10.10
C ALA A 17 -6.83 -3.04 9.08
N LEU A 18 -6.80 -4.29 9.59
CA LEU A 18 -6.78 -5.52 8.78
C LEU A 18 -7.98 -6.42 9.13
N HIS A 19 -8.42 -7.25 8.18
CA HIS A 19 -9.38 -8.33 8.44
C HIS A 19 -8.70 -9.44 9.27
N ALA A 20 -9.39 -9.97 10.29
CA ALA A 20 -8.84 -10.97 11.20
C ALA A 20 -9.12 -12.43 10.78
N ASP A 21 -10.20 -12.68 10.03
CA ASP A 21 -10.73 -14.02 9.73
C ASP A 21 -11.35 -14.12 8.31
N GLY A 22 -11.68 -15.33 7.87
CA GLY A 22 -12.44 -15.59 6.64
C GLY A 22 -11.63 -15.40 5.34
N PRO A 23 -12.24 -14.92 4.24
CA PRO A 23 -11.61 -14.84 2.92
C PRO A 23 -10.38 -13.94 2.87
N HIS A 24 -10.37 -12.89 3.71
CA HIS A 24 -9.45 -11.76 3.62
C HIS A 24 -8.49 -11.63 4.81
N ALA A 25 -8.33 -12.68 5.63
CA ALA A 25 -7.48 -12.63 6.83
C ALA A 25 -6.06 -12.11 6.52
N GLY A 26 -5.65 -11.04 7.22
CA GLY A 26 -4.38 -10.33 7.02
C GLY A 26 -4.38 -9.23 5.94
N LEU A 27 -5.45 -9.08 5.15
CA LEU A 27 -5.59 -8.00 4.17
C LEU A 27 -6.07 -6.68 4.82
N PRO A 28 -5.73 -5.50 4.28
CA PRO A 28 -6.31 -4.22 4.71
C PRO A 28 -7.83 -4.15 4.48
N VAL A 29 -8.55 -3.45 5.36
CA VAL A 29 -10.03 -3.36 5.25
C VAL A 29 -10.47 -2.29 4.24
N THR A 30 -10.01 -1.04 4.38
CA THR A 30 -10.37 0.07 3.48
C THR A 30 -9.26 0.42 2.47
N ARG A 31 -9.59 1.29 1.49
CA ARG A 31 -8.61 1.84 0.53
C ARG A 31 -7.53 2.66 1.23
N SER A 32 -7.89 3.39 2.29
CA SER A 32 -6.93 4.08 3.17
C SER A 32 -6.10 3.11 4.02
N ASP A 33 -6.67 2.00 4.50
CA ASP A 33 -5.85 0.96 5.17
C ASP A 33 -4.80 0.38 4.20
N ALA A 34 -5.18 0.10 2.95
CA ALA A 34 -4.26 -0.38 1.92
C ALA A 34 -3.15 0.63 1.60
N ARG A 35 -3.51 1.91 1.45
CA ARG A 35 -2.57 3.04 1.29
C ARG A 35 -1.60 3.14 2.46
N VAL A 36 -2.08 3.01 3.69
CA VAL A 36 -1.27 3.13 4.92
C VAL A 36 -0.38 1.90 5.09
N LEU A 37 -0.85 0.71 4.72
CA LEU A 37 -0.04 -0.50 4.67
C LEU A 37 1.15 -0.35 3.72
N ILE A 38 0.90 0.08 2.46
CA ILE A 38 1.98 0.33 1.50
C ILE A 38 2.95 1.38 2.06
N PHE A 39 2.43 2.47 2.62
CA PHE A 39 3.27 3.54 3.17
C PHE A 39 4.17 3.07 4.31
N ASN A 40 3.62 2.49 5.38
CA ASN A 40 4.42 2.12 6.55
C ASN A 40 5.35 0.92 6.30
N ASP A 41 4.93 -0.04 5.47
CA ASP A 41 5.83 -1.08 4.97
C ASP A 41 7.01 -0.45 4.20
N TRP A 42 6.74 0.47 3.27
CA TRP A 42 7.77 1.24 2.57
C TRP A 42 8.64 2.06 3.53
N GLU A 43 8.10 2.72 4.56
CA GLU A 43 8.91 3.44 5.57
C GLU A 43 9.94 2.50 6.22
N GLU A 44 9.52 1.30 6.64
CA GLU A 44 10.45 0.30 7.20
C GLU A 44 11.50 -0.14 6.16
N ARG A 45 11.07 -0.48 4.94
CA ARG A 45 11.97 -0.93 3.86
C ARG A 45 12.92 0.18 3.42
N LYS A 46 12.49 1.44 3.44
CA LYS A 46 13.27 2.65 3.08
C LYS A 46 14.27 3.05 4.17
N ARG A 47 13.95 2.83 5.45
CA ARG A 47 14.91 2.90 6.56
C ARG A 47 15.98 1.80 6.47
N SER A 48 15.61 0.61 5.99
CA SER A 48 16.58 -0.48 5.72
C SER A 48 17.42 -0.24 4.45
N GLU A 49 16.81 0.24 3.36
CA GLU A 49 17.37 0.37 2.01
C GLU A 49 16.96 1.72 1.37
N PRO A 50 17.86 2.73 1.28
CA PRO A 50 17.47 4.13 1.08
C PRO A 50 16.93 4.48 -0.32
N TRP A 51 17.07 3.58 -1.30
CA TRP A 51 16.63 3.74 -2.70
C TRP A 51 15.15 3.45 -2.97
N LEU A 52 14.39 3.00 -1.96
CA LEU A 52 13.05 2.42 -2.14
C LEU A 52 12.05 3.42 -2.78
N ARG A 53 11.43 3.05 -3.92
CA ARG A 53 10.38 3.85 -4.60
C ARG A 53 8.96 3.46 -4.14
N LEU A 54 8.07 4.45 -4.11
CA LEU A 54 6.73 4.36 -3.51
C LEU A 54 5.64 4.60 -4.57
N ASP A 55 4.67 3.68 -4.69
CA ASP A 55 3.57 3.72 -5.65
C ASP A 55 2.24 3.31 -4.96
N MET A 56 1.38 4.27 -4.61
CA MET A 56 0.15 4.03 -3.84
C MET A 56 -1.02 4.99 -4.15
N SER A 57 -1.23 5.33 -5.43
CA SER A 57 -2.52 5.89 -5.88
C SER A 57 -3.66 4.88 -5.67
N ASP A 58 -4.91 5.31 -5.83
CA ASP A 58 -6.06 4.39 -5.88
C ASP A 58 -5.89 3.32 -6.98
N LYS A 59 -5.27 3.67 -8.12
CA LYS A 59 -4.96 2.73 -9.21
C LYS A 59 -3.95 1.69 -8.75
N ALA A 60 -2.85 2.10 -8.11
CA ALA A 60 -1.86 1.18 -7.57
C ALA A 60 -2.43 0.29 -6.44
N ILE A 61 -3.30 0.83 -5.59
CA ILE A 61 -4.01 0.07 -4.54
C ILE A 61 -4.91 -1.00 -5.17
N PHE A 62 -5.74 -0.67 -6.17
CA PHE A 62 -6.57 -1.68 -6.85
C PHE A 62 -5.74 -2.73 -7.63
N ARG A 63 -4.60 -2.35 -8.21
CA ARG A 63 -3.69 -3.27 -8.92
C ARG A 63 -2.93 -4.22 -7.98
N ARG A 64 -2.49 -3.74 -6.81
CA ARG A 64 -1.83 -4.55 -5.76
C ARG A 64 -2.83 -5.41 -4.96
N TYR A 65 -4.01 -4.87 -4.70
CA TYR A 65 -5.06 -5.43 -3.85
C TYR A 65 -6.46 -5.27 -4.52
N PRO A 66 -6.94 -6.27 -5.29
CA PRO A 66 -8.20 -6.15 -6.03
C PRO A 66 -9.46 -6.19 -5.15
N HIS A 67 -9.35 -6.63 -3.88
CA HIS A 67 -10.49 -6.75 -2.96
C HIS A 67 -11.04 -5.39 -2.46
N LEU A 68 -10.33 -4.27 -2.69
CA LEU A 68 -10.77 -2.93 -2.28
C LEU A 68 -11.87 -2.32 -3.17
N ARG A 69 -12.10 -2.86 -4.38
CA ARG A 69 -13.14 -2.41 -5.31
C ARG A 69 -14.54 -2.87 -4.84
N MET A 1 8.54 -7.96 -19.84
CA MET A 1 8.89 -7.59 -21.25
C MET A 1 8.95 -6.06 -21.44
N ARG A 2 7.79 -5.38 -21.63
CA ARG A 2 7.73 -3.96 -22.06
C ARG A 2 6.68 -3.09 -21.32
N GLY A 3 6.12 -3.58 -20.22
CA GLY A 3 5.16 -2.85 -19.38
C GLY A 3 5.81 -1.83 -18.43
N SER A 4 5.02 -0.83 -18.02
CA SER A 4 5.44 0.27 -17.10
C SER A 4 4.31 0.63 -16.13
N HIS A 5 4.66 1.15 -14.94
CA HIS A 5 3.71 1.67 -13.95
C HIS A 5 4.18 3.01 -13.36
N HIS A 6 5.03 2.99 -12.32
CA HIS A 6 5.64 4.16 -11.65
C HIS A 6 4.64 5.30 -11.34
N HIS A 7 3.83 5.11 -10.30
CA HIS A 7 2.96 6.14 -9.70
C HIS A 7 3.61 6.73 -8.43
N HIS A 8 3.07 7.85 -7.94
CA HIS A 8 3.52 8.52 -6.70
C HIS A 8 2.33 9.18 -5.97
N HIS A 9 2.43 9.34 -4.64
CA HIS A 9 1.35 9.92 -3.82
C HIS A 9 1.85 10.63 -2.54
N HIS A 10 2.65 9.91 -1.73
CA HIS A 10 3.45 10.43 -0.59
C HIS A 10 2.75 11.46 0.31
N GLY A 11 1.77 10.99 1.10
CA GLY A 11 1.06 11.82 2.08
C GLY A 11 0.26 10.99 3.09
N SER A 12 0.96 10.31 4.00
CA SER A 12 0.37 9.44 5.05
C SER A 12 1.19 9.47 6.36
N GLY A 13 0.68 8.82 7.41
CA GLY A 13 1.28 8.81 8.75
C GLY A 13 0.35 8.22 9.83
N ALA A 14 -0.17 7.02 9.59
CA ALA A 14 -1.19 6.36 10.43
C ALA A 14 -0.94 4.84 10.57
N LEU A 15 -1.80 4.14 11.31
CA LEU A 15 -1.86 2.67 11.39
C LEU A 15 -3.05 2.13 10.57
N ALA A 16 -2.88 0.99 9.89
CA ALA A 16 -3.92 0.35 9.07
C ALA A 16 -4.77 -0.66 9.87
N ALA A 17 -6.07 -0.71 9.60
CA ALA A 17 -6.95 -1.79 10.07
C ALA A 17 -6.96 -2.96 9.07
N LEU A 18 -6.93 -4.20 9.59
CA LEU A 18 -6.89 -5.43 8.81
C LEU A 18 -8.11 -6.33 9.13
N HIS A 19 -8.52 -7.18 8.18
CA HIS A 19 -9.48 -8.25 8.43
C HIS A 19 -8.85 -9.33 9.34
N ALA A 20 -9.57 -9.80 10.35
CA ALA A 20 -9.05 -10.78 11.32
C ALA A 20 -9.29 -12.26 10.93
N ASP A 21 -10.29 -12.52 10.08
CA ASP A 21 -10.82 -13.87 9.81
C ASP A 21 -11.41 -14.00 8.38
N GLY A 22 -11.75 -15.23 7.99
CA GLY A 22 -12.47 -15.53 6.75
C GLY A 22 -11.62 -15.38 5.48
N PRO A 23 -12.19 -14.91 4.34
CA PRO A 23 -11.50 -14.89 3.04
C PRO A 23 -10.25 -14.00 3.01
N HIS A 24 -10.26 -12.93 3.81
CA HIS A 24 -9.32 -11.80 3.71
C HIS A 24 -8.41 -11.63 4.93
N ALA A 25 -8.28 -12.65 5.80
CA ALA A 25 -7.48 -12.56 7.02
C ALA A 25 -6.05 -12.04 6.76
N GLY A 26 -5.69 -10.95 7.44
CA GLY A 26 -4.40 -10.23 7.29
C GLY A 26 -4.36 -9.18 6.18
N LEU A 27 -5.38 -9.06 5.33
CA LEU A 27 -5.49 -8.00 4.31
C LEU A 27 -6.04 -6.68 4.90
N PRO A 28 -5.68 -5.50 4.34
CA PRO A 28 -6.29 -4.21 4.72
C PRO A 28 -7.78 -4.16 4.42
N VAL A 29 -8.57 -3.46 5.24
CA VAL A 29 -10.03 -3.42 5.08
C VAL A 29 -10.47 -2.43 4.00
N THR A 30 -9.98 -1.18 4.03
CA THR A 30 -10.34 -0.11 3.07
C THR A 30 -9.18 0.27 2.12
N ARG A 31 -9.47 1.07 1.09
CA ARG A 31 -8.44 1.72 0.25
C ARG A 31 -7.45 2.53 1.09
N SER A 32 -7.94 3.24 2.11
CA SER A 32 -7.11 3.99 3.06
C SER A 32 -6.22 3.07 3.89
N ASP A 33 -6.74 1.94 4.39
CA ASP A 33 -5.92 0.94 5.07
C ASP A 33 -4.83 0.38 4.16
N ALA A 34 -5.15 0.08 2.89
CA ALA A 34 -4.19 -0.40 1.90
C ALA A 34 -3.09 0.63 1.61
N ARG A 35 -3.45 1.91 1.45
CA ARG A 35 -2.51 3.03 1.34
C ARG A 35 -1.59 3.14 2.55
N VAL A 36 -2.13 3.00 3.76
CA VAL A 36 -1.39 3.11 5.02
C VAL A 36 -0.47 1.90 5.22
N LEU A 37 -0.90 0.70 4.81
CA LEU A 37 -0.06 -0.49 4.79
C LEU A 37 1.14 -0.34 3.85
N ILE A 38 0.91 0.09 2.60
CA ILE A 38 1.99 0.36 1.63
C ILE A 38 2.96 1.38 2.23
N PHE A 39 2.45 2.46 2.83
CA PHE A 39 3.30 3.50 3.42
C PHE A 39 4.20 2.98 4.55
N ASN A 40 3.63 2.32 5.57
CA ASN A 40 4.41 1.78 6.69
C ASN A 40 5.43 0.71 6.23
N ASP A 41 5.02 -0.21 5.35
CA ASP A 41 5.89 -1.26 4.81
C ASP A 41 7.05 -0.67 3.98
N TRP A 42 6.74 0.29 3.09
CA TRP A 42 7.75 1.08 2.39
C TRP A 42 8.68 1.80 3.37
N GLU A 43 8.17 2.52 4.37
CA GLU A 43 9.00 3.33 5.27
C GLU A 43 9.99 2.45 6.05
N GLU A 44 9.58 1.28 6.54
CA GLU A 44 10.48 0.32 7.17
C GLU A 44 11.55 -0.19 6.18
N ARG A 45 11.14 -0.64 4.99
CA ARG A 45 12.10 -1.12 3.96
C ARG A 45 12.99 0.02 3.42
N LYS A 46 12.53 1.27 3.45
CA LYS A 46 13.24 2.49 3.02
C LYS A 46 14.25 2.97 4.08
N ARG A 47 13.92 2.81 5.37
CA ARG A 47 14.88 2.96 6.48
C ARG A 47 15.99 1.89 6.42
N SER A 48 15.65 0.67 5.97
CA SER A 48 16.64 -0.39 5.71
C SER A 48 17.48 -0.13 4.44
N GLU A 49 16.85 0.15 3.30
CA GLU A 49 17.46 0.38 1.98
C GLU A 49 16.97 1.72 1.37
N PRO A 50 17.82 2.76 1.25
CA PRO A 50 17.38 4.15 1.04
C PRO A 50 16.80 4.47 -0.36
N TRP A 51 16.91 3.55 -1.32
CA TRP A 51 16.54 3.73 -2.73
C TRP A 51 15.07 3.37 -3.07
N LEU A 52 14.27 2.94 -2.09
CA LEU A 52 12.94 2.37 -2.31
C LEU A 52 11.92 3.40 -2.87
N ARG A 53 11.29 3.09 -4.02
CA ARG A 53 10.15 3.87 -4.56
C ARG A 53 8.82 3.56 -3.86
N LEU A 54 7.87 4.49 -3.95
CA LEU A 54 6.57 4.44 -3.25
C LEU A 54 5.42 4.61 -4.25
N ASP A 55 4.57 3.58 -4.38
CA ASP A 55 3.47 3.48 -5.36
C ASP A 55 2.13 3.22 -4.64
N MET A 56 1.37 4.28 -4.30
CA MET A 56 0.09 4.15 -3.58
C MET A 56 -0.99 5.17 -4.00
N SER A 57 -1.10 5.43 -5.30
CA SER A 57 -2.31 6.00 -5.90
C SER A 57 -3.51 5.05 -5.72
N ASP A 58 -4.74 5.54 -5.92
CA ASP A 58 -5.93 4.67 -5.95
C ASP A 58 -5.82 3.58 -7.03
N LYS A 59 -5.22 3.91 -8.18
CA LYS A 59 -4.92 2.96 -9.27
C LYS A 59 -3.94 1.88 -8.80
N ALA A 60 -2.83 2.25 -8.16
CA ALA A 60 -1.86 1.30 -7.62
C ALA A 60 -2.46 0.38 -6.55
N ILE A 61 -3.31 0.92 -5.66
CA ILE A 61 -4.01 0.14 -4.62
C ILE A 61 -4.97 -0.87 -5.26
N PHE A 62 -5.84 -0.45 -6.19
CA PHE A 62 -6.78 -1.38 -6.84
C PHE A 62 -6.09 -2.39 -7.78
N ARG A 63 -4.92 -2.07 -8.35
CA ARG A 63 -4.10 -2.99 -9.17
C ARG A 63 -3.33 -4.02 -8.33
N ARG A 64 -2.72 -3.60 -7.21
CA ARG A 64 -1.84 -4.43 -6.36
C ARG A 64 -2.61 -5.19 -5.27
N TYR A 65 -3.77 -4.66 -4.86
CA TYR A 65 -4.75 -5.27 -3.94
C TYR A 65 -6.17 -5.21 -4.56
N PRO A 66 -6.56 -6.17 -5.41
CA PRO A 66 -7.86 -6.14 -6.09
C PRO A 66 -9.07 -6.33 -5.15
N HIS A 67 -8.87 -6.85 -3.93
CA HIS A 67 -9.94 -7.11 -2.96
C HIS A 67 -10.59 -5.83 -2.39
N LEU A 68 -10.00 -4.64 -2.59
CA LEU A 68 -10.59 -3.36 -2.17
C LEU A 68 -11.81 -2.94 -3.03
N ARG A 69 -12.08 -3.63 -4.15
CA ARG A 69 -13.31 -3.52 -4.95
C ARG A 69 -14.19 -4.77 -4.86
#